data_6IQC
# 
_entry.id   6IQC 
# 
_audit_conform.dict_name       mmcif_pdbx.dic 
_audit_conform.dict_version    5.380 
_audit_conform.dict_location   http://mmcif.pdb.org/dictionaries/ascii/mmcif_pdbx.dic 
# 
loop_
_database_2.database_id 
_database_2.database_code 
_database_2.pdbx_database_accession 
_database_2.pdbx_DOI 
PDB   6IQC         pdb_00006iqc 10.2210/pdb6iqc/pdb 
WWPDB D_1300009712 ?            ?                   
# 
_pdbx_database_status.status_code                     REL 
_pdbx_database_status.status_code_sf                  REL 
_pdbx_database_status.status_code_mr                  ? 
_pdbx_database_status.entry_id                        6IQC 
_pdbx_database_status.recvd_initial_deposition_date   2018-11-06 
_pdbx_database_status.SG_entry                        N 
_pdbx_database_status.deposit_site                    PDBJ 
_pdbx_database_status.process_site                    PDBJ 
_pdbx_database_status.status_code_cs                  ? 
_pdbx_database_status.methods_development_category    ? 
_pdbx_database_status.pdb_format_compatible           Y 
_pdbx_database_status.status_code_nmr_data            ? 
# 
loop_
_audit_author.name 
_audit_author.pdbx_ordinal 
_audit_author.identifier_ORCID 
'Chen, C.Y.' 1 0000-0001-8576-6061 
'Lin, K.F.'  2 0000-0002-8280-2802 
'Hsu, C.Y.'  3 ?                   
'Tsai, M.J.' 4 ?                   
# 
_citation.abstract                  ? 
_citation.abstract_id_CAS           ? 
_citation.book_id_ISBN              ? 
_citation.book_publisher            ? 
_citation.book_publisher_city       ? 
_citation.book_title                ? 
_citation.coordinate_linkage        ? 
_citation.country                   US 
_citation.database_id_Medline       ? 
_citation.details                   ? 
_citation.id                        primary 
_citation.journal_abbrev            'Acta Crystallogr F Struct Biol Commun' 
_citation.journal_id_ASTM           ACSFEN 
_citation.journal_id_CSD            ? 
_citation.journal_id_ISSN           2053-230X 
_citation.journal_full              ? 
_citation.journal_issue             ? 
_citation.journal_volume            75 
_citation.language                  ? 
_citation.page_first                73 
_citation.page_last                 79 
_citation.title                     'Crystal structure of the programmed cell death 5 protein from Sulfolobus solfataricus.' 
_citation.year                      2019 
_citation.database_id_CSD           ? 
_citation.pdbx_database_id_DOI      10.1107/S2053230X18017673 
_citation.pdbx_database_id_PubMed   30713157 
_citation.unpublished_flag          ? 
# 
loop_
_citation_author.citation_id 
_citation_author.name 
_citation_author.ordinal 
_citation_author.identifier_ORCID 
primary 'Lin, K.F.'   1 ? 
primary 'Hsu, J.Y.'   2 ? 
primary 'Hsieh, D.L.' 3 ? 
primary 'Tsai, M.J.'  4 ? 
primary 'Yeh, C.H.'   5 ? 
primary 'Chen, C.Y.'  6 ? 
# 
_cell.angle_alpha                  90.00 
_cell.angle_alpha_esd              ? 
_cell.angle_beta                   98.40 
_cell.angle_beta_esd               ? 
_cell.angle_gamma                  90.00 
_cell.angle_gamma_esd              ? 
_cell.entry_id                     6IQC 
_cell.details                      ? 
_cell.formula_units_Z              ? 
_cell.length_a                     75.094 
_cell.length_a_esd                 ? 
_cell.length_b                     36.634 
_cell.length_b_esd                 ? 
_cell.length_c                     36.197 
_cell.length_c_esd                 ? 
_cell.volume                       ? 
_cell.volume_esd                   ? 
_cell.Z_PDB                        4 
_cell.reciprocal_angle_alpha       ? 
_cell.reciprocal_angle_beta        ? 
_cell.reciprocal_angle_gamma       ? 
_cell.reciprocal_angle_alpha_esd   ? 
_cell.reciprocal_angle_beta_esd    ? 
_cell.reciprocal_angle_gamma_esd   ? 
_cell.reciprocal_length_a          ? 
_cell.reciprocal_length_b          ? 
_cell.reciprocal_length_c          ? 
_cell.reciprocal_length_a_esd      ? 
_cell.reciprocal_length_b_esd      ? 
_cell.reciprocal_length_c_esd      ? 
_cell.pdbx_unique_axis             ? 
# 
_symmetry.entry_id                         6IQC 
_symmetry.cell_setting                     ? 
_symmetry.Int_Tables_number                5 
_symmetry.space_group_name_Hall            ? 
_symmetry.space_group_name_H-M             'C 1 2 1' 
_symmetry.pdbx_full_space_group_name_H-M   ? 
# 
loop_
_entity.id 
_entity.type 
_entity.src_method 
_entity.pdbx_description 
_entity.formula_weight 
_entity.pdbx_number_of_molecules 
_entity.pdbx_ec 
_entity.pdbx_mutation 
_entity.pdbx_fragment 
_entity.details 
1 polymer     man 'DNA-binding protein SSO0352' 14078.048 1   ? ? ? ? 
2 non-polymer syn 'TETRAETHYLENE GLYCOL'        194.226   1   ? ? ? ? 
3 non-polymer syn 'SODIUM ION'                  22.990    1   ? ? ? ? 
4 water       nat water                         18.015    104 ? ? ? ? 
# 
_entity_name_com.entity_id   1 
_entity_name_com.name        'Programmed Cell Death 5 protein wild type' 
# 
_entity_poly.entity_id                      1 
_entity_poly.type                           'polypeptide(L)' 
_entity_poly.nstd_linkage                   no 
_entity_poly.nstd_monomer                   no 
_entity_poly.pdbx_seq_one_letter_code       
;MSTPNSYDDEELEELLRRKAAQEQKRIEEERKRKAELESQKESILRVILTPEARQRLTNIKLVKPEFAESLENQLIALAQ
SGRIKIPITDEELKQILEQISQQNRRDFKIQIRERGWK
;
_entity_poly.pdbx_seq_one_letter_code_can   
;MSTPNSYDDEELEELLRRKAAQEQKRIEEERKRKAELESQKESILRVILTPEARQRLTNIKLVKPEFAESLENQLIALAQ
SGRIKIPITDEELKQILEQISQQNRRDFKIQIRERGWK
;
_entity_poly.pdbx_strand_id                 A 
_entity_poly.pdbx_target_identifier         ? 
# 
loop_
_entity_poly_seq.entity_id 
_entity_poly_seq.num 
_entity_poly_seq.mon_id 
_entity_poly_seq.hetero 
1 1   MET n 
1 2   SER n 
1 3   THR n 
1 4   PRO n 
1 5   ASN n 
1 6   SER n 
1 7   TYR n 
1 8   ASP n 
1 9   ASP n 
1 10  GLU n 
1 11  GLU n 
1 12  LEU n 
1 13  GLU n 
1 14  GLU n 
1 15  LEU n 
1 16  LEU n 
1 17  ARG n 
1 18  ARG n 
1 19  LYS n 
1 20  ALA n 
1 21  ALA n 
1 22  GLN n 
1 23  GLU n 
1 24  GLN n 
1 25  LYS n 
1 26  ARG n 
1 27  ILE n 
1 28  GLU n 
1 29  GLU n 
1 30  GLU n 
1 31  ARG n 
1 32  LYS n 
1 33  ARG n 
1 34  LYS n 
1 35  ALA n 
1 36  GLU n 
1 37  LEU n 
1 38  GLU n 
1 39  SER n 
1 40  GLN n 
1 41  LYS n 
1 42  GLU n 
1 43  SER n 
1 44  ILE n 
1 45  LEU n 
1 46  ARG n 
1 47  VAL n 
1 48  ILE n 
1 49  LEU n 
1 50  THR n 
1 51  PRO n 
1 52  GLU n 
1 53  ALA n 
1 54  ARG n 
1 55  GLN n 
1 56  ARG n 
1 57  LEU n 
1 58  THR n 
1 59  ASN n 
1 60  ILE n 
1 61  LYS n 
1 62  LEU n 
1 63  VAL n 
1 64  LYS n 
1 65  PRO n 
1 66  GLU n 
1 67  PHE n 
1 68  ALA n 
1 69  GLU n 
1 70  SER n 
1 71  LEU n 
1 72  GLU n 
1 73  ASN n 
1 74  GLN n 
1 75  LEU n 
1 76  ILE n 
1 77  ALA n 
1 78  LEU n 
1 79  ALA n 
1 80  GLN n 
1 81  SER n 
1 82  GLY n 
1 83  ARG n 
1 84  ILE n 
1 85  LYS n 
1 86  ILE n 
1 87  PRO n 
1 88  ILE n 
1 89  THR n 
1 90  ASP n 
1 91  GLU n 
1 92  GLU n 
1 93  LEU n 
1 94  LYS n 
1 95  GLN n 
1 96  ILE n 
1 97  LEU n 
1 98  GLU n 
1 99  GLN n 
1 100 ILE n 
1 101 SER n 
1 102 GLN n 
1 103 GLN n 
1 104 ASN n 
1 105 ARG n 
1 106 ARG n 
1 107 ASP n 
1 108 PHE n 
1 109 LYS n 
1 110 ILE n 
1 111 GLN n 
1 112 ILE n 
1 113 ARG n 
1 114 GLU n 
1 115 ARG n 
1 116 GLY n 
1 117 TRP n 
1 118 LYS n 
# 
_entity_src_gen.entity_id                          1 
_entity_src_gen.pdbx_src_id                        1 
_entity_src_gen.pdbx_alt_source_flag               sample 
_entity_src_gen.pdbx_seq_type                      'Biological sequence' 
_entity_src_gen.pdbx_beg_seq_num                   1 
_entity_src_gen.pdbx_end_seq_num                   118 
_entity_src_gen.gene_src_common_name               ? 
_entity_src_gen.gene_src_genus                     ? 
_entity_src_gen.pdbx_gene_src_gene                 SSO0352 
_entity_src_gen.gene_src_species                   ? 
_entity_src_gen.gene_src_strain                    'ATCC 35092 / DSM 1617 / JCM 11322 / P2' 
_entity_src_gen.gene_src_tissue                    ? 
_entity_src_gen.gene_src_tissue_fraction           ? 
_entity_src_gen.gene_src_details                   ? 
_entity_src_gen.pdbx_gene_src_fragment             ? 
_entity_src_gen.pdbx_gene_src_scientific_name      'Sulfolobus solfataricus (strain ATCC 35092 / DSM 1617 / JCM 11322 / P2)' 
_entity_src_gen.pdbx_gene_src_ncbi_taxonomy_id     273057 
_entity_src_gen.pdbx_gene_src_variant              ? 
_entity_src_gen.pdbx_gene_src_cell_line            ? 
_entity_src_gen.pdbx_gene_src_atcc                 ? 
_entity_src_gen.pdbx_gene_src_organ                ? 
_entity_src_gen.pdbx_gene_src_organelle            ? 
_entity_src_gen.pdbx_gene_src_cell                 ? 
_entity_src_gen.pdbx_gene_src_cellular_location    ? 
_entity_src_gen.host_org_common_name               ? 
_entity_src_gen.pdbx_host_org_scientific_name      'Escherichia coli' 
_entity_src_gen.pdbx_host_org_ncbi_taxonomy_id     562 
_entity_src_gen.host_org_genus                     ? 
_entity_src_gen.pdbx_host_org_gene                 ? 
_entity_src_gen.pdbx_host_org_organ                ? 
_entity_src_gen.host_org_species                   ? 
_entity_src_gen.pdbx_host_org_tissue               ? 
_entity_src_gen.pdbx_host_org_tissue_fraction      ? 
_entity_src_gen.pdbx_host_org_strain               'BL21(DE3)-RIL' 
_entity_src_gen.pdbx_host_org_variant              ? 
_entity_src_gen.pdbx_host_org_cell_line            ? 
_entity_src_gen.pdbx_host_org_atcc                 ? 
_entity_src_gen.pdbx_host_org_culture_collection   ? 
_entity_src_gen.pdbx_host_org_cell                 ? 
_entity_src_gen.pdbx_host_org_organelle            ? 
_entity_src_gen.pdbx_host_org_cellular_location    ? 
_entity_src_gen.pdbx_host_org_vector_type          plasmid 
_entity_src_gen.pdbx_host_org_vector               ? 
_entity_src_gen.host_org_details                   ? 
_entity_src_gen.expression_system_id               ? 
_entity_src_gen.plasmid_name                       pET21a 
_entity_src_gen.plasmid_details                    ? 
_entity_src_gen.pdbx_description                   ? 
# 
_struct_ref.id                         1 
_struct_ref.db_name                    UNP 
_struct_ref.db_code                    Y352_SULSO 
_struct_ref.pdbx_db_accession          Q980F8 
_struct_ref.pdbx_db_isoform            ? 
_struct_ref.entity_id                  1 
_struct_ref.pdbx_seq_one_letter_code   
;MSTPNSYDDEELEELLRRKAAQEQKRIEEERKRKAELESQKESILRVILTPEARQRLTNIKLVKPEFAESLENQLIALAQ
SGRIKIPITDEELKQILEQISQQNRRDFKIQIRERGWK
;
_struct_ref.pdbx_align_begin           1 
# 
_struct_ref_seq.align_id                      1 
_struct_ref_seq.ref_id                        1 
_struct_ref_seq.pdbx_PDB_id_code              6IQC 
_struct_ref_seq.pdbx_strand_id                A 
_struct_ref_seq.seq_align_beg                 1 
_struct_ref_seq.pdbx_seq_align_beg_ins_code   ? 
_struct_ref_seq.seq_align_end                 118 
_struct_ref_seq.pdbx_seq_align_end_ins_code   ? 
_struct_ref_seq.pdbx_db_accession             Q980F8 
_struct_ref_seq.db_align_beg                  1 
_struct_ref_seq.pdbx_db_align_beg_ins_code    ? 
_struct_ref_seq.db_align_end                  118 
_struct_ref_seq.pdbx_db_align_end_ins_code    ? 
_struct_ref_seq.pdbx_auth_seq_align_beg       1 
_struct_ref_seq.pdbx_auth_seq_align_end       118 
# 
loop_
_chem_comp.id 
_chem_comp.type 
_chem_comp.mon_nstd_flag 
_chem_comp.name 
_chem_comp.pdbx_synonyms 
_chem_comp.formula 
_chem_comp.formula_weight 
ALA 'L-peptide linking' y ALANINE                ? 'C3 H7 N O2'     89.093  
ARG 'L-peptide linking' y ARGININE               ? 'C6 H15 N4 O2 1' 175.209 
ASN 'L-peptide linking' y ASPARAGINE             ? 'C4 H8 N2 O3'    132.118 
ASP 'L-peptide linking' y 'ASPARTIC ACID'        ? 'C4 H7 N O4'     133.103 
GLN 'L-peptide linking' y GLUTAMINE              ? 'C5 H10 N2 O3'   146.144 
GLU 'L-peptide linking' y 'GLUTAMIC ACID'        ? 'C5 H9 N O4'     147.129 
GLY 'peptide linking'   y GLYCINE                ? 'C2 H5 N O2'     75.067  
HOH non-polymer         . WATER                  ? 'H2 O'           18.015  
ILE 'L-peptide linking' y ISOLEUCINE             ? 'C6 H13 N O2'    131.173 
LEU 'L-peptide linking' y LEUCINE                ? 'C6 H13 N O2'    131.173 
LYS 'L-peptide linking' y LYSINE                 ? 'C6 H15 N2 O2 1' 147.195 
MET 'L-peptide linking' y METHIONINE             ? 'C5 H11 N O2 S'  149.211 
NA  non-polymer         . 'SODIUM ION'           ? 'Na 1'           22.990  
PG4 non-polymer         . 'TETRAETHYLENE GLYCOL' ? 'C8 H18 O5'      194.226 
PHE 'L-peptide linking' y PHENYLALANINE          ? 'C9 H11 N O2'    165.189 
PRO 'L-peptide linking' y PROLINE                ? 'C5 H9 N O2'     115.130 
SER 'L-peptide linking' y SERINE                 ? 'C3 H7 N O3'     105.093 
THR 'L-peptide linking' y THREONINE              ? 'C4 H9 N O3'     119.119 
TRP 'L-peptide linking' y TRYPTOPHAN             ? 'C11 H12 N2 O2'  204.225 
TYR 'L-peptide linking' y TYROSINE               ? 'C9 H11 N O3'    181.189 
VAL 'L-peptide linking' y VALINE                 ? 'C5 H11 N O2'    117.146 
# 
_exptl.absorpt_coefficient_mu     ? 
_exptl.absorpt_correction_T_max   ? 
_exptl.absorpt_correction_T_min   ? 
_exptl.absorpt_correction_type    ? 
_exptl.absorpt_process_details    ? 
_exptl.entry_id                   6IQC 
_exptl.crystals_number            1 
_exptl.details                    ? 
_exptl.method                     'X-RAY DIFFRACTION' 
_exptl.method_details             ? 
# 
_exptl_crystal.colour                      ? 
_exptl_crystal.density_diffrn              ? 
_exptl_crystal.density_Matthews            1.76 
_exptl_crystal.density_method              ? 
_exptl_crystal.density_percent_sol         30.2 
_exptl_crystal.description                 ? 
_exptl_crystal.F_000                       ? 
_exptl_crystal.id                          1 
_exptl_crystal.preparation                 ? 
_exptl_crystal.size_max                    ? 
_exptl_crystal.size_mid                    ? 
_exptl_crystal.size_min                    ? 
_exptl_crystal.size_rad                    ? 
_exptl_crystal.colour_lustre               ? 
_exptl_crystal.colour_modifier             ? 
_exptl_crystal.colour_primary              ? 
_exptl_crystal.density_meas                ? 
_exptl_crystal.density_meas_esd            ? 
_exptl_crystal.density_meas_gt             ? 
_exptl_crystal.density_meas_lt             ? 
_exptl_crystal.density_meas_temp           ? 
_exptl_crystal.density_meas_temp_esd       ? 
_exptl_crystal.density_meas_temp_gt        ? 
_exptl_crystal.density_meas_temp_lt        ? 
_exptl_crystal.pdbx_crystal_image_url      ? 
_exptl_crystal.pdbx_crystal_image_format   ? 
_exptl_crystal.pdbx_mosaicity              ? 
_exptl_crystal.pdbx_mosaicity_esd          ? 
# 
_exptl_crystal_grow.apparatus       ? 
_exptl_crystal_grow.atmosphere      ? 
_exptl_crystal_grow.crystal_id      1 
_exptl_crystal_grow.details         ? 
_exptl_crystal_grow.method          'LIQUID DIFFUSION' 
_exptl_crystal_grow.method_ref      ? 
_exptl_crystal_grow.pH              6.9 
_exptl_crystal_grow.pressure        ? 
_exptl_crystal_grow.pressure_esd    ? 
_exptl_crystal_grow.seeding         ? 
_exptl_crystal_grow.seeding_ref     ? 
_exptl_crystal_grow.temp            293 
_exptl_crystal_grow.temp_details    ? 
_exptl_crystal_grow.temp_esd        ? 
_exptl_crystal_grow.time            ? 
_exptl_crystal_grow.pdbx_details    '20%  PEG 3350, 0.2M KSCN' 
_exptl_crystal_grow.pdbx_pH_range   ? 
# 
_diffrn.ambient_environment              ? 
_diffrn.ambient_temp                     100 
_diffrn.ambient_temp_details             ? 
_diffrn.ambient_temp_esd                 ? 
_diffrn.crystal_id                       1 
_diffrn.crystal_support                  ? 
_diffrn.crystal_treatment                ? 
_diffrn.details                          ? 
_diffrn.id                               1 
_diffrn.ambient_pressure                 ? 
_diffrn.ambient_pressure_esd             ? 
_diffrn.ambient_pressure_gt              ? 
_diffrn.ambient_pressure_lt              ? 
_diffrn.ambient_temp_gt                  ? 
_diffrn.ambient_temp_lt                  ? 
_diffrn.pdbx_serial_crystal_experiment   N 
# 
_diffrn_detector.details                      ? 
_diffrn_detector.detector                     CCD 
_diffrn_detector.diffrn_id                    1 
_diffrn_detector.type                         'RAYONIX MX300-HS' 
_diffrn_detector.area_resol_mean              ? 
_diffrn_detector.dtime                        ? 
_diffrn_detector.pdbx_frames_total            ? 
_diffrn_detector.pdbx_collection_time_total   ? 
_diffrn_detector.pdbx_collection_date         2018-03-17 
_diffrn_detector.pdbx_frequency               ? 
# 
_diffrn_radiation.collimation                      ? 
_diffrn_radiation.diffrn_id                        1 
_diffrn_radiation.filter_edge                      ? 
_diffrn_radiation.inhomogeneity                    ? 
_diffrn_radiation.monochromator                    'LN2-Cooled, Fixed-Exit Double Crystal Monochromator' 
_diffrn_radiation.polarisn_norm                    ? 
_diffrn_radiation.polarisn_ratio                   ? 
_diffrn_radiation.probe                            ? 
_diffrn_radiation.type                             ? 
_diffrn_radiation.xray_symbol                      ? 
_diffrn_radiation.wavelength_id                    1 
_diffrn_radiation.pdbx_monochromatic_or_laue_m_l   M 
_diffrn_radiation.pdbx_wavelength_list             ? 
_diffrn_radiation.pdbx_wavelength                  ? 
_diffrn_radiation.pdbx_diffrn_protocol             'SINGLE WAVELENGTH' 
_diffrn_radiation.pdbx_analyzer                    ? 
_diffrn_radiation.pdbx_scattering_type             x-ray 
# 
_diffrn_radiation_wavelength.id           1 
_diffrn_radiation_wavelength.wavelength   1 
_diffrn_radiation_wavelength.wt           1.0 
# 
_diffrn_source.current                     ? 
_diffrn_source.details                     ? 
_diffrn_source.diffrn_id                   1 
_diffrn_source.power                       ? 
_diffrn_source.size                        ? 
_diffrn_source.source                      SYNCHROTRON 
_diffrn_source.target                      ? 
_diffrn_source.type                        'NSRRC BEAMLINE BL15A1' 
_diffrn_source.voltage                     ? 
_diffrn_source.take-off_angle              ? 
_diffrn_source.pdbx_wavelength_list        1 
_diffrn_source.pdbx_wavelength             ? 
_diffrn_source.pdbx_synchrotron_beamline   BL15A1 
_diffrn_source.pdbx_synchrotron_site       NSRRC 
# 
_reflns.B_iso_Wilson_estimate            ? 
_reflns.entry_id                         6IQC 
_reflns.data_reduction_details           ? 
_reflns.data_reduction_method            ? 
_reflns.d_resolution_high                1.49 
_reflns.d_resolution_low                 23.48 
_reflns.details                          ? 
_reflns.limit_h_max                      ? 
_reflns.limit_h_min                      ? 
_reflns.limit_k_max                      ? 
_reflns.limit_k_min                      ? 
_reflns.limit_l_max                      ? 
_reflns.limit_l_min                      ? 
_reflns.number_all                       ? 
_reflns.number_obs                       15594 
_reflns.observed_criterion               ? 
_reflns.observed_criterion_F_max         ? 
_reflns.observed_criterion_F_min         ? 
_reflns.observed_criterion_I_max         ? 
_reflns.observed_criterion_I_min         ? 
_reflns.observed_criterion_sigma_F       ? 
_reflns.observed_criterion_sigma_I       ? 
_reflns.percent_possible_obs             98.1 
_reflns.R_free_details                   ? 
_reflns.Rmerge_F_all                     ? 
_reflns.Rmerge_F_obs                     ? 
_reflns.Friedel_coverage                 ? 
_reflns.number_gt                        ? 
_reflns.threshold_expression             ? 
_reflns.pdbx_redundancy                  4.1 
_reflns.pdbx_Rmerge_I_obs                0.062 
_reflns.pdbx_Rmerge_I_all                ? 
_reflns.pdbx_Rsym_value                  ? 
_reflns.pdbx_netI_over_av_sigmaI         ? 
_reflns.pdbx_netI_over_sigmaI            48.25 
_reflns.pdbx_res_netI_over_av_sigmaI_2   ? 
_reflns.pdbx_res_netI_over_sigmaI_2      ? 
_reflns.pdbx_chi_squared                 ? 
_reflns.pdbx_scaling_rejects             ? 
_reflns.pdbx_d_res_high_opt              ? 
_reflns.pdbx_d_res_low_opt               ? 
_reflns.pdbx_d_res_opt_method            ? 
_reflns.phase_calculation_details        ? 
_reflns.pdbx_Rrim_I_all                  ? 
_reflns.pdbx_Rpim_I_all                  0.015 
_reflns.pdbx_d_opt                       ? 
_reflns.pdbx_number_measured_all         ? 
_reflns.pdbx_diffrn_id                   1 
_reflns.pdbx_ordinal                     1 
_reflns.pdbx_CC_half                     ? 
_reflns.pdbx_R_split                     ? 
# 
_reflns_shell.d_res_high                  1.5 
_reflns_shell.d_res_low                   1.55 
_reflns_shell.meanI_over_sigI_all         ? 
_reflns_shell.meanI_over_sigI_obs         ? 
_reflns_shell.number_measured_all         ? 
_reflns_shell.number_measured_obs         ? 
_reflns_shell.number_possible             ? 
_reflns_shell.number_unique_all           ? 
_reflns_shell.number_unique_obs           1552 
_reflns_shell.percent_possible_all        ? 
_reflns_shell.percent_possible_obs        ? 
_reflns_shell.Rmerge_F_all                ? 
_reflns_shell.Rmerge_F_obs                ? 
_reflns_shell.Rmerge_I_all                ? 
_reflns_shell.Rmerge_I_obs                0.563 
_reflns_shell.meanI_over_sigI_gt          ? 
_reflns_shell.meanI_over_uI_all           ? 
_reflns_shell.meanI_over_uI_gt            ? 
_reflns_shell.number_measured_gt          ? 
_reflns_shell.number_unique_gt            ? 
_reflns_shell.percent_possible_gt         ? 
_reflns_shell.Rmerge_F_gt                 ? 
_reflns_shell.Rmerge_I_gt                 ? 
_reflns_shell.pdbx_redundancy             ? 
_reflns_shell.pdbx_Rsym_value             ? 
_reflns_shell.pdbx_chi_squared            ? 
_reflns_shell.pdbx_netI_over_sigmaI_all   ? 
_reflns_shell.pdbx_netI_over_sigmaI_obs   ? 
_reflns_shell.pdbx_Rrim_I_all             ? 
_reflns_shell.pdbx_Rpim_I_all             0.316 
_reflns_shell.pdbx_rejects                ? 
_reflns_shell.pdbx_ordinal                1 
_reflns_shell.pdbx_diffrn_id              1 
_reflns_shell.pdbx_CC_half                0.891 
_reflns_shell.pdbx_R_split                ? 
# 
_refine.aniso_B[1][1]                            0.01 
_refine.aniso_B[1][2]                            0.00 
_refine.aniso_B[1][3]                            -0.01 
_refine.aniso_B[2][2]                            -0.01 
_refine.aniso_B[2][3]                            0.00 
_refine.aniso_B[3][3]                            0.00 
_refine.B_iso_max                                ? 
_refine.B_iso_mean                               28.423 
_refine.B_iso_min                                ? 
_refine.correlation_coeff_Fo_to_Fc               0.956 
_refine.correlation_coeff_Fo_to_Fc_free          0.921 
_refine.details                                  'HYDROGENS HAVE BEEN ADDED IN THE RIDING POSITIONS' 
_refine.diff_density_max                         ? 
_refine.diff_density_max_esd                     ? 
_refine.diff_density_min                         ? 
_refine.diff_density_min_esd                     ? 
_refine.diff_density_rms                         ? 
_refine.diff_density_rms_esd                     ? 
_refine.entry_id                                 6IQC 
_refine.pdbx_refine_id                           'X-RAY DIFFRACTION' 
_refine.ls_abs_structure_details                 ? 
_refine.ls_abs_structure_Flack                   ? 
_refine.ls_abs_structure_Flack_esd               ? 
_refine.ls_abs_structure_Rogers                  ? 
_refine.ls_abs_structure_Rogers_esd              ? 
_refine.ls_d_res_high                            1.49 
_refine.ls_d_res_low                             23.48 
_refine.ls_extinction_coef                       ? 
_refine.ls_extinction_coef_esd                   ? 
_refine.ls_extinction_expression                 ? 
_refine.ls_extinction_method                     ? 
_refine.ls_goodness_of_fit_all                   ? 
_refine.ls_goodness_of_fit_all_esd               ? 
_refine.ls_goodness_of_fit_obs                   ? 
_refine.ls_goodness_of_fit_obs_esd               ? 
_refine.ls_hydrogen_treatment                    ? 
_refine.ls_matrix_type                           ? 
_refine.ls_number_constraints                    ? 
_refine.ls_number_parameters                     ? 
_refine.ls_number_reflns_all                     ? 
_refine.ls_number_reflns_obs                     13305 
_refine.ls_number_reflns_R_free                  1476 
_refine.ls_number_reflns_R_work                  ? 
_refine.ls_number_restraints                     ? 
_refine.ls_percent_reflns_obs                    92.36 
_refine.ls_percent_reflns_R_free                 10.0 
_refine.ls_R_factor_all                          ? 
_refine.ls_R_factor_obs                          0.21647 
_refine.ls_R_factor_R_free                       0.27791 
_refine.ls_R_factor_R_free_error                 ? 
_refine.ls_R_factor_R_free_error_details         ? 
_refine.ls_R_factor_R_work                       0.20988 
_refine.ls_R_Fsqd_factor_obs                     ? 
_refine.ls_R_I_factor_obs                        ? 
_refine.ls_redundancy_reflns_all                 ? 
_refine.ls_redundancy_reflns_obs                 ? 
_refine.ls_restrained_S_all                      ? 
_refine.ls_restrained_S_obs                      ? 
_refine.ls_shift_over_esd_max                    ? 
_refine.ls_shift_over_esd_mean                   ? 
_refine.ls_structure_factor_coef                 ? 
_refine.ls_weighting_details                     ? 
_refine.ls_weighting_scheme                      ? 
_refine.ls_wR_factor_all                         ? 
_refine.ls_wR_factor_obs                         ? 
_refine.ls_wR_factor_R_free                      ? 
_refine.ls_wR_factor_R_work                      ? 
_refine.occupancy_max                            ? 
_refine.occupancy_min                            ? 
_refine.solvent_model_details                    MASK 
_refine.solvent_model_param_bsol                 ? 
_refine.solvent_model_param_ksol                 ? 
_refine.ls_R_factor_gt                           ? 
_refine.ls_goodness_of_fit_gt                    ? 
_refine.ls_goodness_of_fit_ref                   ? 
_refine.ls_shift_over_su_max                     ? 
_refine.ls_shift_over_su_max_lt                  ? 
_refine.ls_shift_over_su_mean                    ? 
_refine.ls_shift_over_su_mean_lt                 ? 
_refine.pdbx_ls_sigma_I                          ? 
_refine.pdbx_ls_sigma_F                          ? 
_refine.pdbx_ls_sigma_Fsqd                       ? 
_refine.pdbx_data_cutoff_high_absF               ? 
_refine.pdbx_data_cutoff_high_rms_absF           ? 
_refine.pdbx_data_cutoff_low_absF                ? 
_refine.pdbx_isotropic_thermal_model             ? 
_refine.pdbx_ls_cross_valid_method               THROUGHOUT 
_refine.pdbx_method_to_determine_struct          'MOLECULAR REPLACEMENT' 
_refine.pdbx_starting_model                      6IQO 
_refine.pdbx_stereochemistry_target_values       'MAXIMUM LIKELIHOOD' 
_refine.pdbx_R_Free_selection_details            RANDOM 
_refine.pdbx_stereochem_target_val_spec_case     ? 
_refine.pdbx_overall_ESU_R                       0.107 
_refine.pdbx_overall_ESU_R_Free                  0.120 
_refine.pdbx_solvent_vdw_probe_radii             1.20 
_refine.pdbx_solvent_ion_probe_radii             0.80 
_refine.pdbx_solvent_shrinkage_radii             0.80 
_refine.pdbx_real_space_R                        ? 
_refine.pdbx_density_correlation                 ? 
_refine.pdbx_pd_number_of_powder_patterns        ? 
_refine.pdbx_pd_number_of_points                 ? 
_refine.pdbx_pd_meas_number_of_points            ? 
_refine.pdbx_pd_proc_ls_prof_R_factor            ? 
_refine.pdbx_pd_proc_ls_prof_wR_factor           ? 
_refine.pdbx_pd_Marquardt_correlation_coeff      ? 
_refine.pdbx_pd_Fsqrd_R_factor                   ? 
_refine.pdbx_pd_ls_matrix_band_width             ? 
_refine.pdbx_overall_phase_error                 ? 
_refine.pdbx_overall_SU_R_free_Cruickshank_DPI   ? 
_refine.pdbx_overall_SU_R_free_Blow_DPI          ? 
_refine.pdbx_overall_SU_R_Blow_DPI               ? 
_refine.pdbx_TLS_residual_ADP_flag               ? 
_refine.pdbx_diffrn_id                           1 
_refine.overall_SU_B                             2.227 
_refine.overall_SU_ML                            0.081 
_refine.overall_SU_R_Cruickshank_DPI             ? 
_refine.overall_SU_R_free                        ? 
_refine.overall_FOM_free_R_set                   ? 
_refine.overall_FOM_work_R_set                   ? 
_refine.pdbx_average_fsc_overall                 ? 
_refine.pdbx_average_fsc_work                    ? 
_refine.pdbx_average_fsc_free                    ? 
# 
_refine_hist.pdbx_refine_id                   'X-RAY DIFFRACTION' 
_refine_hist.cycle_id                         1 
_refine_hist.pdbx_number_atoms_protein        859 
_refine_hist.pdbx_number_atoms_nucleic_acid   0 
_refine_hist.pdbx_number_atoms_ligand         14 
_refine_hist.number_atoms_solvent             104 
_refine_hist.number_atoms_total               977 
_refine_hist.d_res_high                       1.49 
_refine_hist.d_res_low                        23.48 
# 
loop_
_refine_ls_restr.pdbx_refine_id 
_refine_ls_restr.criterion 
_refine_ls_restr.dev_ideal 
_refine_ls_restr.dev_ideal_target 
_refine_ls_restr.number 
_refine_ls_restr.rejects 
_refine_ls_restr.type 
_refine_ls_restr.weight 
_refine_ls_restr.pdbx_restraint_function 
'X-RAY DIFFRACTION' ? 0.010  0.013  876  ? r_bond_refined_d             ? ? 
'X-RAY DIFFRACTION' ? 0.004  0.018  873  ? r_bond_other_d               ? ? 
'X-RAY DIFFRACTION' ? 1.812  1.671  1165 ? r_angle_refined_deg          ? ? 
'X-RAY DIFFRACTION' ? 1.548  1.620  2035 ? r_angle_other_deg            ? ? 
'X-RAY DIFFRACTION' ? 4.993  5.000  102  ? r_dihedral_angle_1_deg       ? ? 
'X-RAY DIFFRACTION' ? 31.512 22.167 60   ? r_dihedral_angle_2_deg       ? ? 
'X-RAY DIFFRACTION' ? 14.297 15.000 192  ? r_dihedral_angle_3_deg       ? ? 
'X-RAY DIFFRACTION' ? 17.169 15.000 11   ? r_dihedral_angle_4_deg       ? ? 
'X-RAY DIFFRACTION' ? 0.092  0.200  115  ? r_chiral_restr               ? ? 
'X-RAY DIFFRACTION' ? 0.008  0.020  945  ? r_gen_planes_refined         ? ? 
'X-RAY DIFFRACTION' ? 0.001  0.020  168  ? r_gen_planes_other           ? ? 
'X-RAY DIFFRACTION' ? ?      ?      ?    ? r_nbd_refined                ? ? 
'X-RAY DIFFRACTION' ? ?      ?      ?    ? r_nbd_other                  ? ? 
'X-RAY DIFFRACTION' ? ?      ?      ?    ? r_nbtor_refined              ? ? 
'X-RAY DIFFRACTION' ? ?      ?      ?    ? r_nbtor_other                ? ? 
'X-RAY DIFFRACTION' ? ?      ?      ?    ? r_xyhbond_nbd_refined        ? ? 
'X-RAY DIFFRACTION' ? ?      ?      ?    ? r_xyhbond_nbd_other          ? ? 
'X-RAY DIFFRACTION' ? ?      ?      ?    ? r_metal_ion_refined          ? ? 
'X-RAY DIFFRACTION' ? ?      ?      ?    ? r_metal_ion_other            ? ? 
'X-RAY DIFFRACTION' ? ?      ?      ?    ? r_symmetry_vdw_refined       ? ? 
'X-RAY DIFFRACTION' ? ?      ?      ?    ? r_symmetry_vdw_other         ? ? 
'X-RAY DIFFRACTION' ? ?      ?      ?    ? r_symmetry_hbond_refined     ? ? 
'X-RAY DIFFRACTION' ? ?      ?      ?    ? r_symmetry_hbond_other       ? ? 
'X-RAY DIFFRACTION' ? ?      ?      ?    ? r_symmetry_metal_ion_refined ? ? 
'X-RAY DIFFRACTION' ? ?      ?      ?    ? r_symmetry_metal_ion_other   ? ? 
'X-RAY DIFFRACTION' ? 2.160  2.512  411  ? r_mcbond_it                  ? ? 
'X-RAY DIFFRACTION' ? 2.135  2.505  410  ? r_mcbond_other               ? ? 
'X-RAY DIFFRACTION' ? 2.978  3.759  512  ? r_mcangle_it                 ? ? 
'X-RAY DIFFRACTION' ? 2.979  3.765  513  ? r_mcangle_other              ? ? 
'X-RAY DIFFRACTION' ? 3.881  3.276  465  ? r_scbond_it                  ? ? 
'X-RAY DIFFRACTION' ? 3.877  3.279  466  ? r_scbond_other               ? ? 
'X-RAY DIFFRACTION' ? ?      ?      ?    ? r_scangle_it                 ? ? 
'X-RAY DIFFRACTION' ? 5.846  4.669  654  ? r_scangle_other              ? ? 
'X-RAY DIFFRACTION' ? 7.457  33.801 1072 ? r_long_range_B_refined       ? ? 
'X-RAY DIFFRACTION' ? 7.429  33.099 1043 ? r_long_range_B_other         ? ? 
'X-RAY DIFFRACTION' ? ?      ?      ?    ? r_rigid_bond_restr           ? ? 
'X-RAY DIFFRACTION' ? ?      ?      ?    ? r_sphericity_free            ? ? 
'X-RAY DIFFRACTION' ? ?      ?      ?    ? r_sphericity_bonded          ? ? 
# 
_refine_ls_shell.pdbx_refine_id                   'X-RAY DIFFRACTION' 
_refine_ls_shell.d_res_high                       1.493 
_refine_ls_shell.d_res_low                        1.532 
_refine_ls_shell.number_reflns_all                ? 
_refine_ls_shell.number_reflns_obs                ? 
_refine_ls_shell.number_reflns_R_free             88 
_refine_ls_shell.number_reflns_R_work             770 
_refine_ls_shell.percent_reflns_obs               72.47 
_refine_ls_shell.percent_reflns_R_free            ? 
_refine_ls_shell.R_factor_all                     ? 
_refine_ls_shell.R_factor_obs                     ? 
_refine_ls_shell.R_factor_R_free                  0.331 
_refine_ls_shell.R_factor_R_free_error            ? 
_refine_ls_shell.R_factor_R_work                  0.308 
_refine_ls_shell.redundancy_reflns_all            ? 
_refine_ls_shell.redundancy_reflns_obs            ? 
_refine_ls_shell.wR_factor_all                    ? 
_refine_ls_shell.wR_factor_obs                    ? 
_refine_ls_shell.wR_factor_R_free                 ? 
_refine_ls_shell.wR_factor_R_work                 ? 
_refine_ls_shell.pdbx_total_number_of_bins_used   20 
_refine_ls_shell.pdbx_phase_error                 ? 
_refine_ls_shell.pdbx_fsc_work                    ? 
_refine_ls_shell.pdbx_fsc_free                    ? 
# 
_struct.entry_id                     6IQC 
_struct.title                        'Wild-type Programmed Cell Death 5 protein from Sulfolobus solfataricus' 
_struct.pdbx_model_details           ? 
_struct.pdbx_formula_weight          ? 
_struct.pdbx_formula_weight_method   ? 
_struct.pdbx_model_type_details      ? 
_struct.pdbx_CASP_flag               N 
# 
_struct_keywords.entry_id        6IQC 
_struct_keywords.text            'DNA binding protein, Sulfolobus' 
_struct_keywords.pdbx_keywords   'DNA BINDING PROTEIN' 
# 
loop_
_struct_asym.id 
_struct_asym.pdbx_blank_PDB_chainid_flag 
_struct_asym.pdbx_modified 
_struct_asym.entity_id 
_struct_asym.details 
A N N 1 ? 
B N N 2 ? 
C N N 3 ? 
D N N 4 ? 
# 
loop_
_struct_conf.conf_type_id 
_struct_conf.id 
_struct_conf.pdbx_PDB_helix_id 
_struct_conf.beg_label_comp_id 
_struct_conf.beg_label_asym_id 
_struct_conf.beg_label_seq_id 
_struct_conf.pdbx_beg_PDB_ins_code 
_struct_conf.end_label_comp_id 
_struct_conf.end_label_asym_id 
_struct_conf.end_label_seq_id 
_struct_conf.pdbx_end_PDB_ins_code 
_struct_conf.beg_auth_comp_id 
_struct_conf.beg_auth_asym_id 
_struct_conf.beg_auth_seq_id 
_struct_conf.end_auth_comp_id 
_struct_conf.end_auth_asym_id 
_struct_conf.end_auth_seq_id 
_struct_conf.pdbx_PDB_helix_class 
_struct_conf.details 
_struct_conf.pdbx_PDB_helix_length 
HELX_P HELX_P1 AA1 ASP A 8  ? LEU A 49  ? ASP A 8  LEU A 49  1 ? 42 
HELX_P HELX_P2 AA2 THR A 50 ? LYS A 64  ? THR A 50 LYS A 64  1 ? 15 
HELX_P HELX_P3 AA3 LYS A 64 ? GLY A 82  ? LYS A 64 GLY A 82  1 ? 19 
HELX_P HELX_P4 AA4 THR A 89 ? ARG A 106 ? THR A 89 ARG A 106 1 ? 18 
# 
_struct_conf_type.id          HELX_P 
_struct_conf_type.criteria    ? 
_struct_conf_type.reference   ? 
# 
_struct_conn.id                            metalc1 
_struct_conn.conn_type_id                  metalc 
_struct_conn.pdbx_leaving_atom_flag        ? 
_struct_conn.pdbx_PDB_id                   ? 
_struct_conn.ptnr1_label_asym_id           A 
_struct_conn.ptnr1_label_comp_id           THR 
_struct_conn.ptnr1_label_seq_id            50 
_struct_conn.ptnr1_label_atom_id           OG1 
_struct_conn.pdbx_ptnr1_label_alt_id       ? 
_struct_conn.pdbx_ptnr1_PDB_ins_code       ? 
_struct_conn.pdbx_ptnr1_standard_comp_id   ? 
_struct_conn.ptnr1_symmetry                1_555 
_struct_conn.ptnr2_label_asym_id           C 
_struct_conn.ptnr2_label_comp_id           NA 
_struct_conn.ptnr2_label_seq_id            . 
_struct_conn.ptnr2_label_atom_id           NA 
_struct_conn.pdbx_ptnr2_label_alt_id       ? 
_struct_conn.pdbx_ptnr2_PDB_ins_code       ? 
_struct_conn.ptnr1_auth_asym_id            A 
_struct_conn.ptnr1_auth_comp_id            THR 
_struct_conn.ptnr1_auth_seq_id             50 
_struct_conn.ptnr2_auth_asym_id            A 
_struct_conn.ptnr2_auth_comp_id            NA 
_struct_conn.ptnr2_auth_seq_id             202 
_struct_conn.ptnr2_symmetry                1_555 
_struct_conn.pdbx_ptnr3_label_atom_id      ? 
_struct_conn.pdbx_ptnr3_label_seq_id       ? 
_struct_conn.pdbx_ptnr3_label_comp_id      ? 
_struct_conn.pdbx_ptnr3_label_asym_id      ? 
_struct_conn.pdbx_ptnr3_label_alt_id       ? 
_struct_conn.pdbx_ptnr3_PDB_ins_code       ? 
_struct_conn.details                       ? 
_struct_conn.pdbx_dist_value               3.039 
_struct_conn.pdbx_value_order              ? 
_struct_conn.pdbx_role                     ? 
# 
_struct_conn_type.id          metalc 
_struct_conn_type.criteria    ? 
_struct_conn_type.reference   ? 
# 
_struct_mon_prot_cis.pdbx_id                1 
_struct_mon_prot_cis.label_comp_id          ILE 
_struct_mon_prot_cis.label_seq_id           86 
_struct_mon_prot_cis.label_asym_id          A 
_struct_mon_prot_cis.label_alt_id           . 
_struct_mon_prot_cis.pdbx_PDB_ins_code      ? 
_struct_mon_prot_cis.auth_comp_id           ILE 
_struct_mon_prot_cis.auth_seq_id            86 
_struct_mon_prot_cis.auth_asym_id           A 
_struct_mon_prot_cis.pdbx_label_comp_id_2   PRO 
_struct_mon_prot_cis.pdbx_label_seq_id_2    87 
_struct_mon_prot_cis.pdbx_label_asym_id_2   A 
_struct_mon_prot_cis.pdbx_PDB_ins_code_2    ? 
_struct_mon_prot_cis.pdbx_auth_comp_id_2    PRO 
_struct_mon_prot_cis.pdbx_auth_seq_id_2     87 
_struct_mon_prot_cis.pdbx_auth_asym_id_2    A 
_struct_mon_prot_cis.pdbx_PDB_model_num     1 
_struct_mon_prot_cis.pdbx_omega_angle       -0.76 
# 
loop_
_struct_site.id 
_struct_site.pdbx_evidence_code 
_struct_site.pdbx_auth_asym_id 
_struct_site.pdbx_auth_comp_id 
_struct_site.pdbx_auth_seq_id 
_struct_site.pdbx_auth_ins_code 
_struct_site.pdbx_num_residues 
_struct_site.details 
AC1 Software A PG4 201 ? 8 'binding site for residue PG4 A 201' 
AC2 Software A NA  202 ? 3 'binding site for residue NA A 202'  
# 
loop_
_struct_site_gen.id 
_struct_site_gen.site_id 
_struct_site_gen.pdbx_num_res 
_struct_site_gen.label_comp_id 
_struct_site_gen.label_asym_id 
_struct_site_gen.label_seq_id 
_struct_site_gen.pdbx_auth_ins_code 
_struct_site_gen.auth_comp_id 
_struct_site_gen.auth_asym_id 
_struct_site_gen.auth_seq_id 
_struct_site_gen.label_atom_id 
_struct_site_gen.label_alt_id 
_struct_site_gen.symmetry 
_struct_site_gen.details 
1  AC1 8 PHE A 67 ? PHE A 67  . ? 1_555 ? 
2  AC1 8 SER A 70 ? SER A 70  . ? 1_555 ? 
3  AC1 8 GLN A 74 ? GLN A 74  . ? 1_555 ? 
4  AC1 8 HOH D .  ? HOH A 301 . ? 1_555 ? 
5  AC1 8 HOH D .  ? HOH A 353 . ? 2_553 ? 
6  AC1 8 HOH D .  ? HOH A 371 . ? 4_543 ? 
7  AC1 8 HOH D .  ? HOH A 377 . ? 1_555 ? 
8  AC1 8 HOH D .  ? HOH A 378 . ? 1_555 ? 
9  AC2 3 ARG A 26 ? ARG A 26  . ? 4_553 ? 
10 AC2 3 THR A 50 ? THR A 50  . ? 1_555 ? 
11 AC2 3 ASP A 90 ? ASP A 90  . ? 1_555 ? 
# 
_atom_sites.entry_id                    6IQC 
_atom_sites.fract_transf_matrix[1][1]   -0.01090257 
_atom_sites.fract_transf_matrix[1][2]   -0.00581970 
_atom_sites.fract_transf_matrix[1][3]   0.00533598 
_atom_sites.fract_transf_matrix[2][1]   0.01444981 
_atom_sites.fract_transf_matrix[2][2]   -0.00676137 
_atom_sites.fract_transf_matrix[2][3]   0.02214979 
_atom_sites.fract_transf_matrix[3][1]   -0.01028232 
_atom_sites.fract_transf_matrix[3][2]   0.02218978 
_atom_sites.fract_transf_matrix[3][3]   0.01348143 
_atom_sites.fract_transf_vector[1]      0.260491 
_atom_sites.fract_transf_vector[2]      1.103864 
_atom_sites.fract_transf_vector[3]      -0.922743 
# 
loop_
_atom_type.symbol 
C  
N  
NA 
O  
# 
loop_
_atom_site.group_PDB 
_atom_site.id 
_atom_site.type_symbol 
_atom_site.label_atom_id 
_atom_site.label_alt_id 
_atom_site.label_comp_id 
_atom_site.label_asym_id 
_atom_site.label_entity_id 
_atom_site.label_seq_id 
_atom_site.pdbx_PDB_ins_code 
_atom_site.Cartn_x 
_atom_site.Cartn_y 
_atom_site.Cartn_z 
_atom_site.occupancy 
_atom_site.B_iso_or_equiv 
_atom_site.pdbx_formal_charge 
_atom_site.auth_seq_id 
_atom_site.auth_comp_id 
_atom_site.auth_asym_id 
_atom_site.auth_atom_id 
_atom_site.pdbx_PDB_model_num 
ATOM   1   N  N   . SER A 1 6   ? -30.122 29.728  11.472  1.00 39.03 ? 6   SER A N   1 
ATOM   2   C  CA  . SER A 1 6   ? -29.848 31.133  11.899  1.00 33.94 ? 6   SER A CA  1 
ATOM   3   C  C   . SER A 1 6   ? -28.338 31.409  11.944  1.00 27.71 ? 6   SER A C   1 
ATOM   4   O  O   . SER A 1 6   ? -27.949 32.556  11.860  1.00 28.52 ? 6   SER A O   1 
ATOM   5   C  CB  . SER A 1 6   ? -30.486 31.418  13.224  1.00 33.64 ? 6   SER A CB  1 
ATOM   6   O  OG  . SER A 1 6   ? -29.717 30.866  14.303  1.00 34.37 ? 6   SER A OG  1 
ATOM   7   N  N   . TYR A 1 7   ? -27.506 30.383  12.077  1.00 26.06 ? 7   TYR A N   1 
ATOM   8   C  CA  . TYR A 1 7   ? -26.047 30.504  12.347  1.00 23.49 ? 7   TYR A CA  1 
ATOM   9   C  C   . TYR A 1 7   ? -25.803 31.407  13.560  1.00 24.09 ? 7   TYR A C   1 
ATOM   10  O  O   . TYR A 1 7   ? -24.786 32.124  13.562  1.00 19.90 ? 7   TYR A O   1 
ATOM   11  C  CB  . TYR A 1 7   ? -25.288 30.975  11.102  1.00 21.89 ? 7   TYR A CB  1 
ATOM   12  C  CG  . TYR A 1 7   ? -25.418 29.979  9.983   1.00 22.28 ? 7   TYR A CG  1 
ATOM   13  C  CD1 . TYR A 1 7   ? -24.689 28.806  10.019  1.00 24.31 ? 7   TYR A CD1 1 
ATOM   14  C  CD2 . TYR A 1 7   ? -26.337 30.164  8.966   1.00 25.40 ? 7   TYR A CD2 1 
ATOM   15  C  CE1 . TYR A 1 7   ? -24.839 27.852  9.030   1.00 28.60 ? 7   TYR A CE1 1 
ATOM   16  C  CE2 . TYR A 1 7   ? -26.488 29.220  7.964   1.00 28.90 ? 7   TYR A CE2 1 
ATOM   17  C  CZ  . TYR A 1 7   ? -25.750 28.057  8.011   1.00 29.59 ? 7   TYR A CZ  1 
ATOM   18  O  OH  . TYR A 1 7   ? -25.887 27.105  7.046   1.00 35.30 ? 7   TYR A OH  1 
ATOM   19  N  N   . ASP A 1 8   ? -26.634 31.291  14.607  1.00 22.99 ? 8   ASP A N   1 
ATOM   20  C  CA  . ASP A 1 8   ? -26.308 31.889  15.921  1.00 25.21 ? 8   ASP A CA  1 
ATOM   21  C  C   . ASP A 1 8   ? -25.222 31.035  16.570  1.00 25.82 ? 8   ASP A C   1 
ATOM   22  O  O   . ASP A 1 8   ? -24.717 30.050  15.929  1.00 23.95 ? 8   ASP A O   1 
ATOM   23  C  CB  . ASP A 1 8   ? -27.536 32.072  16.821  1.00 26.67 ? 8   ASP A CB  1 
ATOM   24  C  CG  . ASP A 1 8   ? -28.235 30.792  17.195  1.00 32.59 ? 8   ASP A CG  1 
ATOM   25  O  OD1 . ASP A 1 8   ? -27.604 29.703  17.067  1.00 32.32 ? 8   ASP A OD1 1 
ATOM   26  O  OD2 . ASP A 1 8   ? -29.417 30.889  17.627  1.00 35.55 ? 8   ASP A OD2 1 
ATOM   27  N  N   . ASP A 1 9   ? -24.788 31.433  17.755  1.00 22.44 ? 9   ASP A N   1 
ATOM   28  C  CA  . ASP A 1 9   ? -23.574 30.880  18.369  1.00 23.84 ? 9   ASP A CA  1 
ATOM   29  C  C   . ASP A 1 9   ? -23.839 29.397  18.567  1.00 23.43 ? 9   ASP A C   1 
ATOM   30  O  O   . ASP A 1 9   ? -22.925 28.623  18.295  1.00 22.17 ? 9   ASP A O   1 
ATOM   31  C  CB  . ASP A 1 9   ? -23.212 31.624  19.653  1.00 25.24 ? 9   ASP A CB  1 
ATOM   32  C  CG  . ASP A 1 9   ? -22.765 33.059  19.403  1.00 29.23 ? 9   ASP A CG  1 
ATOM   33  O  OD1 . ASP A 1 9   ? -22.598 33.433  18.225  1.00 26.01 ? 9   ASP A OD1 1 
ATOM   34  O  OD2 . ASP A 1 9   ? -22.586 33.794  20.383  1.00 28.96 ? 9   ASP A OD2 1 
ATOM   35  N  N   . GLU A 1 10  ? -25.048 29.033  18.999  1.00 25.56 ? 10  GLU A N   1 
ATOM   36  C  CA  . GLU A 1 10  ? -25.345 27.623  19.369  1.00 26.60 ? 10  GLU A CA  1 
ATOM   37  C  C   . GLU A 1 10  ? -25.312 26.769  18.103  1.00 25.85 ? 10  GLU A C   1 
ATOM   38  O  O   . GLU A 1 10  ? -24.707 25.667  18.126  1.00 25.56 ? 10  GLU A O   1 
ATOM   39  C  CB  . GLU A 1 10  ? -26.675 27.509  20.111  1.00 31.92 ? 10  GLU A CB  1 
ATOM   40  C  CG  . GLU A 1 10  ? -26.580 27.919  21.568  1.00 32.35 ? 10  GLU A CG  1 
ATOM   41  C  CD  . GLU A 1 10  ? -26.333 29.400  21.824  1.00 34.86 ? 10  GLU A CD  1 
ATOM   42  O  OE1 . GLU A 1 10  ? -25.567 29.728  22.774  1.00 36.24 ? 10  GLU A OE1 1 
ATOM   43  O  OE2 . GLU A 1 10  ? -26.878 30.231  21.055  1.00 38.85 ? 10  GLU A OE2 1 
ATOM   44  N  N   . GLU A 1 11  ? -25.875 27.265  17.014  1.00 25.99 ? 11  GLU A N   1 
ATOM   45  C  CA  . GLU A 1 11  ? -25.834 26.489  15.753  1.00 23.92 ? 11  GLU A CA  1 
ATOM   46  C  C   . GLU A 1 11  ? -24.392 26.377  15.259  1.00 26.26 ? 11  GLU A C   1 
ATOM   47  O  O   . GLU A 1 11  ? -23.993 25.292  14.829  1.00 23.42 ? 11  GLU A O   1 
ATOM   48  C  CB  . GLU A 1 11  ? -26.722 27.085  14.690  1.00 24.30 ? 11  GLU A CB  1 
ATOM   49  C  CG  . GLU A 1 11  ? -26.542 26.360  13.378  1.00 26.77 ? 11  GLU A CG  1 
ATOM   50  C  CD  . GLU A 1 11  ? -27.605 26.572  12.337  1.00 28.55 ? 11  GLU A CD  1 
ATOM   51  O  OE1 . GLU A 1 11  ? -28.192 27.670  12.298  1.00 33.85 ? 11  GLU A OE1 1 
ATOM   52  O  OE2 . GLU A 1 11  ? -27.843 25.618  11.584  1.00 33.67 ? 11  GLU A OE2 1 
ATOM   53  N  N   . LEU A 1 12  ? -23.604 27.454  15.279  1.00 24.44 ? 12  LEU A N   1 
ATOM   54  C  CA  . LEU A 1 12  ? -22.206 27.326  14.790  1.00 22.49 ? 12  LEU A CA  1 
ATOM   55  C  C   . LEU A 1 12  ? -21.455 26.290  15.631  1.00 24.53 ? 12  LEU A C   1 
ATOM   56  O  O   . LEU A 1 12  ? -20.623 25.530  15.097  1.00 22.72 ? 12  LEU A O   1 
ATOM   57  C  CB  . LEU A 1 12  ? -21.492 28.669  14.880  1.00 24.01 ? 12  LEU A CB  1 
ATOM   58  C  CG  . LEU A 1 12  ? -21.788 29.644  13.771  1.00 25.17 ? 12  LEU A CG  1 
ATOM   59  C  CD1 . LEU A 1 12  ? -21.194 30.991  14.150  1.00 24.28 ? 12  LEU A CD1 1 
ATOM   60  C  CD2 . LEU A 1 12  ? -21.240 29.138  12.450  1.00 24.40 ? 12  LEU A CD2 1 
ATOM   61  N  N   . GLU A 1 13  ? -21.685 26.303  16.938  1.00 24.09 ? 13  GLU A N   1 
ATOM   62  C  CA  . GLU A 1 13  ? -20.955 25.430  17.872  1.00 26.00 ? 13  GLU A CA  1 
ATOM   63  C  C   . GLU A 1 13  ? -21.275 23.992  17.500  1.00 24.27 ? 13  GLU A C   1 
ATOM   64  O  O   . GLU A 1 13  ? -20.301 23.211  17.465  1.00 26.25 ? 13  GLU A O   1 
ATOM   65  C  CB  . GLU A 1 13  ? -21.292 25.782  19.326  1.00 25.18 ? 13  GLU A CB  1 
ATOM   66  C  CG  . GLU A 1 13  ? -20.647 27.097  19.731  1.00 27.06 ? 13  GLU A CG  1 
ATOM   67  C  CD  . GLU A 1 13  ? -21.295 27.765  20.921  1.00 28.23 ? 13  GLU A CD  1 
ATOM   68  O  OE1 . GLU A 1 13  ? -22.089 27.114  21.612  1.00 29.28 ? 13  GLU A OE1 1 
ATOM   69  O  OE2 . GLU A 1 13  ? -20.982 28.931  21.166  1.00 28.51 ? 13  GLU A OE2 1 
ATOM   70  N  N   . GLU A 1 14  ? -22.540 23.682  17.261  1.00 27.79 ? 14  GLU A N   1 
ATOM   71  C  CA  . GLU A 1 14  ? -22.941 22.266  17.048  1.00 29.48 ? 14  GLU A CA  1 
ATOM   72  C  C   . GLU A 1 14  ? -22.731 21.903  15.574  1.00 25.91 ? 14  GLU A C   1 
ATOM   73  O  O   . GLU A 1 14  ? -22.362 20.744  15.329  1.00 25.39 ? 14  GLU A O   1 
ATOM   74  C  CB  . GLU A 1 14  ? -24.291 21.985  17.683  1.00 30.30 ? 14  GLU A CB  1 
ATOM   75  C  CG  . GLU A 1 14  ? -24.314 22.400  19.153  1.00 31.41 ? 14  GLU A CG  1 
ATOM   76  C  CD  . GLU A 1 14  ? -23.349 21.761  20.152  1.00 31.64 ? 14  GLU A CD  1 
ATOM   77  O  OE1 . GLU A 1 14  ? -22.730 20.706  19.869  1.00 29.24 ? 14  GLU A OE1 1 
ATOM   78  O  OE2 . GLU A 1 14  ? -23.184 22.334  21.217  1.00 33.10 ? 14  GLU A OE2 1 
ATOM   79  N  N   . LEU A 1 15  ? -22.779 22.838  14.622  1.00 22.96 ? 15  LEU A N   1 
ATOM   80  C  CA  . LEU A 1 15  ? -22.258 22.474  13.276  1.00 23.79 ? 15  LEU A CA  1 
ATOM   81  C  C   . LEU A 1 15  ? -20.776 22.140  13.333  1.00 24.05 ? 15  LEU A C   1 
ATOM   82  O  O   . LEU A 1 15  ? -20.365 21.207  12.580  1.00 23.24 ? 15  LEU A O   1 
ATOM   83  C  CB  . LEU A 1 15  ? -22.541 23.560  12.262  1.00 24.04 ? 15  LEU A CB  1 
ATOM   84  C  CG  . LEU A 1 15  ? -24.015 23.682  11.912  1.00 27.43 ? 15  LEU A CG  1 
ATOM   85  C  CD1 . LEU A 1 15  ? -24.252 24.866  10.999  1.00 26.03 ? 15  LEU A CD1 1 
ATOM   86  C  CD2 . LEU A 1 15  ? -24.533 22.390  11.292  1.00 28.64 ? 15  LEU A CD2 1 
ATOM   87  N  N   . LEU A 1 16  ? -19.952 22.891  14.071  1.00 21.70 ? 16  LEU A N   1 
ATOM   88  C  CA  . LEU A 1 16  ? -18.503 22.601  14.117  1.00 22.18 ? 16  LEU A CA  1 
ATOM   89  C  C   . LEU A 1 16  ? -18.285 21.299  14.875  1.00 23.73 ? 16  LEU A C   1 
ATOM   90  O  O   . LEU A 1 16  ? -17.438 20.553  14.469  1.00 24.58 ? 16  LEU A O   1 
ATOM   91  C  CB  . LEU A 1 16  ? -17.732 23.757  14.745  1.00 24.28 ? 16  LEU A CB  1 
ATOM   92  C  CG  . LEU A 1 16  ? -16.228 23.708  14.541  1.00 24.84 ? 16  LEU A CG  1 
ATOM   93  C  CD1 . LEU A 1 16  ? -15.854 23.663  13.051  1.00 25.46 ? 16  LEU A CD1 1 
ATOM   94  C  CD2 . LEU A 1 16  ? -15.618 24.921  15.196  1.00 27.11 ? 16  LEU A CD2 1 
ATOM   95  N  N   . ARG A 1 17  ? -19.084 21.017  15.900  1.00 25.95 ? 17  ARG A N   1 
ATOM   96  C  CA  . ARG A 1 17  ? -19.051 19.688  16.586  1.00 26.35 ? 17  ARG A CA  1 
ATOM   97  C  C   . ARG A 1 17  ? -19.370 18.572  15.584  1.00 21.87 ? 17  ARG A C   1 
ATOM   98  O  O   . ARG A 1 17  ? -18.639 17.539  15.663  1.00 25.46 ? 17  ARG A O   1 
ATOM   99  C  CB  . ARG A 1 17  ? -20.096 19.623  17.698  1.00 28.31 ? 17  ARG A CB  1 
ATOM   100 C  CG  . ARG A 1 17  ? -19.722 20.383  18.958  1.00 33.25 ? 17  ARG A CG  1 
ATOM   101 C  CD  . ARG A 1 17  ? -20.479 19.830  20.150  1.00 33.75 ? 17  ARG A CD  1 
ATOM   102 N  NE  . ARG A 1 17  ? -20.142 20.478  21.407  1.00 37.05 ? 17  ARG A NE  1 
ATOM   103 C  CZ  . ARG A 1 17  ? -19.502 19.866  22.393  1.00 36.09 ? 17  ARG A CZ  1 
ATOM   104 N  NH1 . ARG A 1 17  ? -19.132 18.607  22.255  1.00 33.37 ? 17  ARG A NH1 1 
ATOM   105 N  NH2 . ARG A 1 17  ? -19.251 20.498  23.521  1.00 39.43 ? 17  ARG A NH2 1 
ATOM   106 N  N   . ARG A 1 18  ? -20.398 18.759  14.739  1.00 25.55 ? 18  ARG A N   1 
ATOM   107 C  CA  . ARG A 1 18  ? -20.748 17.772  13.676  1.00 24.70 ? 18  ARG A CA  1 
ATOM   108 C  C   . ARG A 1 18  ? -19.504 17.582  12.792  1.00 26.93 ? 18  ARG A C   1 
ATOM   109 O  O   . ARG A 1 18  ? -19.161 16.451  12.447  1.00 23.68 ? 18  ARG A O   1 
ATOM   110 C  CB  . ARG A 1 18  ? -21.949 18.166  12.824  1.00 31.41 ? 18  ARG A CB  1 
ATOM   111 C  CG  . ARG A 1 18  ? -22.351 17.081  11.839  1.00 35.05 ? 18  ARG A CG  1 
ATOM   112 C  CD  . ARG A 1 18  ? -23.554 17.448  11.010  1.00 39.18 ? 18  ARG A CD  1 
ATOM   113 N  NE  . ARG A 1 18  ? -23.664 16.546  9.866   1.00 47.50 ? 18  ARG A NE  1 
ATOM   114 C  CZ  . ARG A 1 18  ? -24.523 16.681  8.858   1.00 50.99 ? 18  ARG A CZ  1 
ATOM   115 N  NH1 . ARG A 1 18  ? -25.382 17.687  8.840   1.00 58.26 ? 18  ARG A NH1 1 
ATOM   116 N  NH2 . ARG A 1 18  ? -24.517 15.806  7.868   1.00 54.04 ? 18  ARG A NH2 1 
ATOM   117 N  N   . LYS A 1 19  ? -18.797 18.655  12.433  1.00 24.82 ? 19  LYS A N   1 
ATOM   118 C  CA  . LYS A 1 19  ? -17.559 18.510  11.610  1.00 24.37 ? 19  LYS A CA  1 
ATOM   119 C  C   . LYS A 1 19  ? -16.424 17.745  12.291  1.00 25.63 ? 19  LYS A C   1 
ATOM   120 O  O   . LYS A 1 19  ? -15.777 16.901  11.589  1.00 25.43 ? 19  LYS A O   1 
ATOM   121 C  CB  . LYS A 1 19  ? -17.064 19.897  11.178  1.00 29.77 ? 19  LYS A CB  1 
ATOM   122 C  CG  . LYS A 1 19  ? -17.931 20.496  10.094  1.00 32.11 ? 19  LYS A CG  1 
ATOM   123 C  CD  . LYS A 1 19  ? -17.674 19.807  8.762   1.00 38.57 ? 19  LYS A CD  1 
ATOM   124 C  CE  . LYS A 1 19  ? -18.706 20.113  7.705   1.00 39.30 ? 19  LYS A CE  1 
ATOM   125 N  NZ  . LYS A 1 19  ? -19.956 19.402  8.046   1.00 37.96 ? 19  LYS A NZ  1 
ATOM   126 N  N   . ALA A 1 20  ? -16.102 18.031  13.552  1.00 25.64 ? 20  ALA A N   1 
ATOM   127 C  CA  . ALA A 1 20  ? -15.112 17.280  14.344  1.00 26.04 ? 20  ALA A CA  1 
ATOM   128 C  C   . ALA A 1 20  ? -15.550 15.817  14.340  1.00 25.52 ? 20  ALA A C   1 
ATOM   129 O  O   . ALA A 1 20  ? -14.692 14.999  14.101  1.00 25.49 ? 20  ALA A O   1 
ATOM   130 C  CB  . ALA A 1 20  ? -14.964 17.802  15.751  1.00 27.89 ? 20  ALA A CB  1 
ATOM   131 N  N   . ALA A 1 21  ? -16.836 15.510  14.546  1.00 23.15 ? 21  ALA A N   1 
ATOM   132 C  CA  . ALA A 1 21  ? -17.269 14.090  14.672  1.00 22.85 ? 21  ALA A CA  1 
ATOM   133 C  C   . ALA A 1 21  ? -17.095 13.389  13.327  1.00 25.58 ? 21  ALA A C   1 
ATOM   134 O  O   . ALA A 1 21  ? -16.620 12.200  13.297  1.00 26.37 ? 21  ALA A O   1 
ATOM   135 C  CB  . ALA A 1 21  ? -18.684 13.954  15.154  1.00 23.60 ? 21  ALA A CB  1 
ATOM   136 N  N   . GLN A 1 22  ? -17.486 14.076  12.257  1.00 24.69 ? 22  GLN A N   1 
ATOM   137 C  CA  . GLN A 1 22  ? -17.347 13.552  10.869  1.00 23.43 ? 22  GLN A CA  1 
ATOM   138 C  C   . GLN A 1 22  ? -15.865 13.346  10.541  1.00 26.24 ? 22  GLN A C   1 
ATOM   139 O  O   . GLN A 1 22  ? -15.561 12.294  9.919   1.00 23.59 ? 22  GLN A O   1 
ATOM   140 C  CB  . GLN A 1 22  ? -17.998 14.508  9.862   1.00 27.19 ? 22  GLN A CB  1 
ATOM   141 C  CG  . GLN A 1 22  ? -19.515 14.460  9.898   1.00 31.81 ? 22  GLN A CG  1 
ATOM   142 C  CD  . GLN A 1 22  ? -20.176 15.448  8.967   1.00 38.25 ? 22  GLN A CD  1 
ATOM   143 O  OE1 . GLN A 1 22  ? -21.383 15.410  8.777   1.00 42.49 ? 22  GLN A OE1 1 
ATOM   144 N  NE2 . GLN A 1 22  ? -19.395 16.328  8.358   1.00 42.12 ? 22  GLN A NE2 1 
ATOM   145 N  N   . GLU A 1 23  ? -14.944 14.254  10.900  1.00 26.94 ? 23  GLU A N   1 
ATOM   146 C  CA  . GLU A 1 23  ? -13.500 14.076  10.581  1.00 25.81 ? 23  GLU A CA  1 
ATOM   147 C  C   . GLU A 1 23  ? -12.961 12.885  11.359  1.00 26.68 ? 23  GLU A C   1 
ATOM   148 O  O   . GLU A 1 23  ? -12.282 12.072  10.763  1.00 26.31 ? 23  GLU A O   1 
ATOM   149 C  CB  . GLU A 1 23  ? -12.621 15.288  10.912  1.00 27.64 ? 23  GLU A CB  1 
ATOM   150 C  CG  . GLU A 1 23  ? -12.621 16.351  9.843   1.00 30.74 ? 23  GLU A CG  1 
ATOM   151 C  CD  . GLU A 1 23  ? -11.776 16.073  8.598   1.00 29.03 ? 23  GLU A CD  1 
ATOM   152 O  OE1 . GLU A 1 23  ? -11.335 14.920  8.362   1.00 30.71 ? 23  GLU A OE1 1 
ATOM   153 O  OE2 . GLU A 1 23  ? -11.568 17.033  7.865   1.00 30.99 ? 23  GLU A OE2 1 
ATOM   154 N  N   . GLN A 1 24  ? -13.254 12.803  12.652  1.00 27.90 ? 24  GLN A N   1 
ATOM   155 C  CA  . GLN A 1 24  ? -12.836 11.661  13.496  1.00 26.73 ? 24  GLN A CA  1 
ATOM   156 C  C   . GLN A 1 24  ? -13.299 10.354  12.834  1.00 24.05 ? 24  GLN A C   1 
ATOM   157 O  O   . GLN A 1 24  ? -12.476 9.444   12.738  1.00 24.25 ? 24  GLN A O   1 
ATOM   158 C  CB  . GLN A 1 24  ? -13.417 11.782  14.903  1.00 29.80 ? 24  GLN A CB  1 
ATOM   159 C  CG  . GLN A 1 24  ? -13.145 10.587  15.812  1.00 36.90 ? 24  GLN A CG  1 
ATOM   160 C  CD  . GLN A 1 24  ? -11.748 10.540  16.387  1.00 41.12 ? 24  GLN A CD  1 
ATOM   161 O  OE1 . GLN A 1 24  ? -11.189 11.557  16.791  1.00 51.32 ? 24  GLN A OE1 1 
ATOM   162 N  NE2 . GLN A 1 24  ? -11.172 9.344   16.425  1.00 47.02 ? 24  GLN A NE2 1 
ATOM   163 N  N   . LYS A 1 25  ? -14.573 10.263  12.432  1.00 22.63 ? 25  LYS A N   1 
ATOM   164 C  CA  . LYS A 1 25  ? -15.157 9.023   11.856  1.00 23.41 ? 25  LYS A CA  1 
ATOM   165 C  C   . LYS A 1 25  ? -14.391 8.703   10.569  1.00 23.22 ? 25  LYS A C   1 
ATOM   166 O  O   . LYS A 1 25  ? -13.987 7.535   10.337  1.00 23.03 ? 25  LYS A O   1 
ATOM   167 C  CB  . LYS A 1 25  ? -16.647 9.175   11.568  1.00 24.73 ? 25  LYS A CB  1 
ATOM   168 C  CG  . LYS A 1 25  ? -17.316 7.954   10.971  1.00 28.73 ? 25  LYS A CG  1 
ATOM   169 C  CD  . LYS A 1 25  ? -18.751 8.227   10.623  1.00 30.92 ? 25  LYS A CD  1 
ATOM   170 C  CE  . LYS A 1 25  ? -19.529 6.997   10.239  1.00 35.38 ? 25  LYS A CE  1 
ATOM   171 N  NZ  . LYS A 1 25  ? -19.944 6.256   11.451  1.00 40.63 ? 25  LYS A NZ  1 
ATOM   172 N  N   . ARG A 1 26  ? -14.279 9.706   9.703   1.00 24.15 ? 26  ARG A N   1 
ATOM   173 C  CA  . ARG A 1 26  ? -13.630 9.608   8.382   1.00 26.14 ? 26  ARG A CA  1 
ATOM   174 C  C   . ARG A 1 26  ? -12.225 9.046   8.583   1.00 24.54 ? 26  ARG A C   1 
ATOM   175 O  O   . ARG A 1 26  ? -11.860 8.029   7.940   1.00 27.45 ? 26  ARG A O   1 
ATOM   176 C  CB  . ARG A 1 26  ? -13.650 11.010  7.774   1.00 27.72 ? 26  ARG A CB  1 
ATOM   177 C  CG  . ARG A 1 26  ? -13.303 11.102  6.301   1.00 31.82 ? 26  ARG A CG  1 
ATOM   178 C  CD  . ARG A 1 26  ? -13.639 12.505  5.847   1.00 34.97 ? 26  ARG A CD  1 
ATOM   179 N  NE  . ARG A 1 26  ? -12.903 12.883  4.658   1.00 40.97 ? 26  ARG A NE  1 
ATOM   180 C  CZ  . ARG A 1 26  ? -12.944 14.103  4.119   1.00 41.55 ? 26  ARG A CZ  1 
ATOM   181 N  NH1 . ARG A 1 26  ? -13.687 15.047  4.675   1.00 41.08 ? 26  ARG A NH1 1 
ATOM   182 N  NH2 . ARG A 1 26  ? -12.233 14.373  3.040   1.00 43.39 ? 26  ARG A NH2 1 
ATOM   183 N  N   . ILE A 1 27  ? -11.500 9.570   9.569   1.00 25.34 ? 27  ILE A N   1 
ATOM   184 C  CA  . ILE A 1 27  ? -10.076 9.203   9.775   1.00 25.77 ? 27  ILE A CA  1 
ATOM   185 C  C   . ILE A 1 27  ? -9.993  7.839   10.459  1.00 28.54 ? 27  ILE A C   1 
ATOM   186 O  O   . ILE A 1 27  ? -9.088  7.071   10.112  1.00 28.45 ? 27  ILE A O   1 
ATOM   187 C  CB  . ILE A 1 27  ? -9.344  10.301  10.545  1.00 30.13 ? 27  ILE A CB  1 
ATOM   188 C  CG1 . ILE A 1 27  ? -9.455  11.635  9.805   1.00 28.34 ? 27  ILE A CG1 1 
ATOM   189 C  CG2 . ILE A 1 27  ? -7.908  9.885   10.789  1.00 31.09 ? 27  ILE A CG2 1 
ATOM   190 C  CD1 . ILE A 1 27  ? -8.914  11.624  8.402   1.00 30.33 ? 27  ILE A CD1 1 
ATOM   191 N  N   . GLU A 1 28  ? -10.918 7.529   11.368  1.00 26.15 ? 28  GLU A N   1 
ATOM   192 C  CA  . GLU A 1 28  ? -10.982 6.195   12.029  1.00 27.24 ? 28  GLU A CA  1 
ATOM   193 C  C   . GLU A 1 28  ? -11.260 5.127   10.980  1.00 25.17 ? 28  GLU A C   1 
ATOM   194 O  O   . GLU A 1 28  ? -10.657 4.012   11.034  1.00 24.37 ? 28  GLU A O   1 
ATOM   195 C  CB  . GLU A 1 28  ? -12.123 6.159   13.041  1.00 29.10 ? 28  GLU A CB  1 
ATOM   196 C  CG  . GLU A 1 28  ? -11.755 6.763   14.378  1.00 36.12 ? 28  GLU A CG  1 
ATOM   197 C  CD  . GLU A 1 28  ? -12.918 6.877   15.350  1.00 40.52 ? 28  GLU A CD  1 
ATOM   198 O  OE1 . GLU A 1 28  ? -14.035 6.433   15.002  1.00 40.85 ? 28  GLU A OE1 1 
ATOM   199 O  OE2 . GLU A 1 28  ? -12.712 7.430   16.432  1.00 44.63 ? 28  GLU A OE2 1 
ATOM   200 N  N   . GLU A 1 29  ? -12.175 5.427   10.053  1.00 23.00 ? 29  GLU A N   1 
ATOM   201 C  CA  . GLU A 1 29  ? -12.545 4.469   8.976   1.00 22.58 ? 29  GLU A CA  1 
ATOM   202 C  C   . GLU A 1 29  ? -11.360 4.271   8.035   1.00 24.97 ? 29  GLU A C   1 
ATOM   203 O  O   . GLU A 1 29  ? -11.099 3.107   7.636   1.00 25.30 ? 29  GLU A O   1 
ATOM   204 C  CB  . GLU A 1 29  ? -13.810 4.875   8.221   1.00 24.58 ? 29  GLU A CB  1 
ATOM   205 C  CG  . GLU A 1 29  ? -15.066 4.680   9.037   1.00 27.04 ? 29  GLU A CG  1 
ATOM   206 C  CD  . GLU A 1 29  ? -16.389 5.030   8.382   1.00 34.44 ? 29  GLU A CD  1 
ATOM   207 O  OE1 . GLU A 1 29  ? -16.379 5.492   7.230   1.00 36.18 ? 29  GLU A OE1 1 
ATOM   208 O  OE2 . GLU A 1 29  ? -17.426 4.852   9.042   1.00 35.82 ? 29  GLU A OE2 1 
ATOM   209 N  N   . GLU A 1 30  ? -10.656 5.335   7.707   1.00 25.86 ? 30  GLU A N   1 
ATOM   210 C  CA  . GLU A 1 30  ? -9.442  5.248   6.848   1.00 28.03 ? 30  GLU A CA  1 
ATOM   211 C  C   . GLU A 1 30  ? -8.407  4.355   7.531   1.00 27.47 ? 30  GLU A C   1 
ATOM   212 O  O   . GLU A 1 30  ? -7.869  3.464   6.833   1.00 29.96 ? 30  GLU A O   1 
ATOM   213 C  CB  . GLU A 1 30  ? -8.766  6.605   6.615   1.00 30.72 ? 30  GLU A CB  1 
ATOM   214 C  CG  . GLU A 1 30  ? -9.685  7.710   6.147   1.00 35.78 ? 30  GLU A CG  1 
ATOM   215 C  CD  . GLU A 1 30  ? -8.955  8.989   5.759   1.00 39.14 ? 30  GLU A CD  1 
ATOM   216 O  OE1 . GLU A 1 30  ? -7.721  8.916   5.524   1.00 41.56 ? 30  GLU A OE1 1 
ATOM   217 O  OE2 . GLU A 1 30  ? -9.613  10.058  5.709   1.00 42.63 ? 30  GLU A OE2 1 
ATOM   218 N  N   . ARG A 1 31  ? -8.130  4.577   8.821   1.00 31.15 ? 31  ARG A N   1 
ATOM   219 C  CA  . ARG A 1 31  ? -7.112  3.791   9.579   1.00 30.86 ? 31  ARG A CA  1 
ATOM   220 C  C   . ARG A 1 31  ? -7.517  2.307   9.596   1.00 28.06 ? 31  ARG A C   1 
ATOM   221 O  O   . ARG A 1 31  ? -6.634  1.432   9.387   1.00 29.64 ? 31  ARG A O   1 
ATOM   222 C  CB  . ARG A 1 31  ? -6.887  4.317   11.004  1.00 32.57 ? 31  ARG A CB  1 
ATOM   223 C  CG  . ARG A 1 31  ? -6.242  5.699   11.095  1.00 36.58 ? 31  ARG A CG  1 
ATOM   224 C  CD  . ARG A 1 31  ? -6.280  6.191   12.537  1.00 42.75 ? 31  ARG A CD  1 
ATOM   225 N  NE  . ARG A 1 31  ? -6.047  7.625   12.749  1.00 40.55 ? 31  ARG A NE  1 
ATOM   226 C  CZ  . ARG A 1 31  ? -6.450  8.305   13.824  1.00 48.89 ? 31  ARG A CZ  1 
ATOM   227 N  NH1 . ARG A 1 31  ? -7.115  7.695   14.794  1.00 56.09 ? 31  ARG A NH1 1 
ATOM   228 N  NH2 . ARG A 1 31  ? -6.180  9.598   13.944  1.00 53.26 ? 31  ARG A NH2 1 
ATOM   229 N  N   . LYS A 1 32  ? -8.805  1.997   9.771   1.00 28.94 ? 32  LYS A N   1 
ATOM   230 C  CA  . LYS A 1 32  ? -9.293  0.604   9.880   1.00 29.06 ? 32  LYS A CA  1 
ATOM   231 C  C   . LYS A 1 32  ? -9.132  -0.087  8.522   1.00 29.54 ? 32  LYS A C   1 
ATOM   232 O  O   . LYS A 1 32  ? -8.623  -1.239  8.512   1.00 27.43 ? 32  LYS A O   1 
ATOM   233 C  CB  . LYS A 1 32  ? -10.742 0.518   10.378  1.00 28.84 ? 32  LYS A CB  1 
ATOM   234 C  CG  . LYS A 1 32  ? -11.262 -0.907  10.363  1.00 30.99 ? 32  LYS A CG  1 
ATOM   235 C  CD  . LYS A 1 32  ? -12.508 -1.210  11.152  1.00 38.19 ? 32  LYS A CD  1 
ATOM   236 C  CE  . LYS A 1 32  ? -12.932 -2.644  10.901  1.00 43.95 ? 32  LYS A CE  1 
ATOM   237 N  NZ  . LYS A 1 32  ? -13.874 -3.115  11.939  1.00 46.21 ? 32  LYS A NZ  1 
ATOM   238 N  N   . ARG A 1 33  ? -9.539  0.580   7.434   1.00 24.01 ? 33  ARG A N   1 
ATOM   239 C  CA  . ARG A 1 33  ? -9.572  -0.008  6.070   1.00 25.13 ? 33  ARG A CA  1 
ATOM   240 C  C   . ARG A 1 33  ? -8.133  -0.312  5.643   1.00 27.47 ? 33  ARG A C   1 
ATOM   241 O  O   . ARG A 1 33  ? -7.887  -1.414  5.069   1.00 27.25 ? 33  ARG A O   1 
ATOM   242 C  CB  . ARG A 1 33  ? -10.237 0.961   5.095   1.00 28.77 ? 33  ARG A CB  1 
ATOM   243 C  CG  . ARG A 1 33  ? -10.271 0.469   3.656   1.00 32.15 ? 33  ARG A CG  1 
ATOM   244 C  CD  . ARG A 1 33  ? -10.395 1.600   2.658   1.00 36.71 ? 33  ARG A CD  1 
ATOM   245 N  NE  . ARG A 1 33  ? -9.145  2.332   2.598   1.00 38.58 ? 33  ARG A NE  1 
ATOM   246 C  CZ  . ARG A 1 33  ? -8.984  3.622   2.895   1.00 34.37 ? 33  ARG A CZ  1 
ATOM   247 N  NH1 . ARG A 1 33  ? -10.014 4.381   3.241   1.00 34.31 ? 33  ARG A NH1 1 
ATOM   248 N  NH2 . ARG A 1 33  ? -7.788  4.156   2.791   1.00 34.19 ? 33  ARG A NH2 1 
ATOM   249 N  N   . LYS A 1 34  ? -7.224  0.629   5.886   1.00 26.90 ? 34  LYS A N   1 
ATOM   250 C  CA  . LYS A 1 34  ? -5.819  0.443   5.441   1.00 31.72 ? 34  LYS A CA  1 
ATOM   251 C  C   . LYS A 1 34  ? -5.222  -0.774  6.164   1.00 32.27 ? 34  LYS A C   1 
ATOM   252 O  O   . LYS A 1 34  ? -4.626  -1.648  5.481   1.00 33.72 ? 34  LYS A O   1 
ATOM   253 C  CB  . LYS A 1 34  ? -5.006  1.717   5.641   1.00 33.99 ? 34  LYS A CB  1 
ATOM   254 C  CG  . LYS A 1 34  ? -3.570  1.630   5.130   1.00 41.35 ? 34  LYS A CG  1 
ATOM   255 C  CD  . LYS A 1 34  ? -2.979  2.973   4.744   1.00 45.80 ? 34  LYS A CD  1 
ATOM   256 C  CE  . LYS A 1 34  ? -2.032  2.895   3.567   1.00 48.35 ? 34  LYS A CE  1 
ATOM   257 N  NZ  . LYS A 1 34  ? -0.971  1.891   3.786   1.00 51.05 ? 34  LYS A NZ  1 
ATOM   258 N  N   . ALA A 1 35  ? -5.465  -0.897  7.464   1.00 29.29 ? 35  ALA A N   1 
ATOM   259 C  CA  . ALA A 1 35  ? -4.961  -2.024  8.291   1.00 31.30 ? 35  ALA A CA  1 
ATOM   260 C  C   . ALA A 1 35  ? -5.502  -3.357  7.765   1.00 30.32 ? 35  ALA A C   1 
ATOM   261 O  O   . ALA A 1 35  ? -4.684  -4.273  7.514   1.00 29.04 ? 35  ALA A O   1 
ATOM   262 C  CB  . ALA A 1 35  ? -5.313  -1.784  9.738   1.00 31.60 ? 35  ALA A CB  1 
ATOM   263 N  N   . GLU A 1 36  ? -6.816  -3.487  7.537   1.00 26.29 ? 36  GLU A N   1 
ATOM   264 C  CA  . GLU A 1 36  ? -7.409  -4.738  7.029   1.00 26.62 ? 36  GLU A CA  1 
ATOM   265 C  C   . GLU A 1 36  ? -6.920  -5.000  5.598   1.00 26.16 ? 36  GLU A C   1 
ATOM   266 O  O   . GLU A 1 36  ? -6.603  -6.159  5.324   1.00 27.67 ? 36  GLU A O   1 
ATOM   267 C  CB  . GLU A 1 36  ? -8.939  -4.787  7.063   1.00 31.17 ? 36  GLU A CB  1 
ATOM   268 C  CG  . GLU A 1 36  ? -9.470  -6.194  6.800   1.00 39.86 ? 36  GLU A CG  1 
ATOM   269 C  CD  . GLU A 1 36  ? -8.675  -7.339  7.442   1.00 44.80 ? 36  GLU A CD  1 
ATOM   270 O  OE1 . GLU A 1 36  ? -8.160  -8.229  6.696   1.00 36.68 ? 36  GLU A OE1 1 
ATOM   271 O  OE2 . GLU A 1 36  ? -8.566  -7.351  8.700   1.00 53.57 ? 36  GLU A OE2 1 
ATOM   272 N  N   . LEU A 1 37  ? -6.919  -4.010  4.699   1.00 23.58 ? 37  LEU A N   1 
ATOM   273 C  CA  . LEU A 1 37  ? -6.505  -4.312  3.308   1.00 24.41 ? 37  LEU A CA  1 
ATOM   274 C  C   . LEU A 1 37  ? -5.019  -4.682  3.319   1.00 25.44 ? 37  LEU A C   1 
ATOM   275 O  O   . LEU A 1 37  ? -4.667  -5.672  2.633   1.00 23.67 ? 37  LEU A O   1 
ATOM   276 C  CB  . LEU A 1 37  ? -6.774  -3.119  2.396   1.00 25.49 ? 37  LEU A CB  1 
ATOM   277 C  CG  . LEU A 1 37  ? -8.251  -2.860  2.113   1.00 23.75 ? 37  LEU A CG  1 
ATOM   278 C  CD1 . LEU A 1 37  ? -8.421  -1.640  1.245   1.00 26.12 ? 37  LEU A CD1 1 
ATOM   279 C  CD2 . LEU A 1 37  ? -8.912  -4.073  1.497   1.00 24.60 ? 37  LEU A CD2 1 
ATOM   280 N  N   . GLU A 1 38  ? -4.222  -3.977  4.120   1.00 24.90 ? 38  GLU A N   1 
ATOM   281 C  CA  . GLU A 1 38  ? -2.765  -4.275  4.218   1.00 27.41 ? 38  GLU A CA  1 
ATOM   282 C  C   . GLU A 1 38  ? -2.604  -5.703  4.744   1.00 26.27 ? 38  GLU A C   1 
ATOM   283 O  O   . GLU A 1 38  ? -1.752  -6.431  4.217   1.00 28.32 ? 38  GLU A O   1 
ATOM   284 C  CB  . GLU A 1 38  ? -2.020  -3.260  5.084   1.00 32.15 ? 38  GLU A CB  1 
ATOM   285 C  CG  . GLU A 1 38  ? -1.540  -2.046  4.317   1.00 35.64 ? 38  GLU A CG  1 
ATOM   286 C  CD  . GLU A 1 38  ? -0.890  -2.394  2.984   1.00 33.23 ? 38  GLU A CD  1 
ATOM   287 O  OE1 . GLU A 1 38  ? 0.001   -3.288  2.952   1.00 39.37 ? 38  GLU A OE1 1 
ATOM   288 O  OE2 . GLU A 1 38  ? -1.299  -1.791  1.975   1.00 40.31 ? 38  GLU A OE2 1 
ATOM   289 N  N   . SER A 1 39  ? -3.432  -6.149  5.688   1.00 26.00 ? 39  SER A N   1 
ATOM   290 C  CA  . SER A 1 39  ? -3.362  -7.539  6.208   1.00 27.24 ? 39  SER A CA  1 
ATOM   291 C  C   . SER A 1 39  ? -3.563  -8.554  5.092   1.00 25.25 ? 39  SER A C   1 
ATOM   292 O  O   . SER A 1 39  ? -2.820  -9.539  5.035   1.00 25.77 ? 39  SER A O   1 
ATOM   293 C  CB  . SER A 1 39  ? -4.332  -7.758  7.343   1.00 29.84 ? 39  SER A CB  1 
ATOM   294 O  OG  . SER A 1 39  ? -3.963  -6.936  8.419   1.00 32.74 ? 39  SER A OG  1 
ATOM   295 N  N   . GLN A 1 40  ? -4.514  -8.311  4.200   1.00 23.87 ? 40  GLN A N   1 
ATOM   296 C  CA  . GLN A 1 40  ? -4.894  -9.261  3.121   1.00 24.13 ? 40  GLN A CA  1 
ATOM   297 C  C   . GLN A 1 40  ? -3.827  -9.227  2.023   1.00 21.48 ? 40  GLN A C   1 
ATOM   298 O  O   . GLN A 1 40  ? -3.523  -10.290 1.449   1.00 23.97 ? 40  GLN A O   1 
ATOM   299 C  CB  . GLN A 1 40  ? -6.269  -8.933  2.563   1.00 25.64 ? 40  GLN A CB  1 
ATOM   300 C  CG  . GLN A 1 40  ? -7.376  -9.254  3.557   1.00 26.53 ? 40  GLN A CG  1 
ATOM   301 C  CD  . GLN A 1 40  ? -7.219  -10.654 4.095   1.00 24.75 ? 40  GLN A CD  1 
ATOM   302 O  OE1 . GLN A 1 40  ? -7.164  -11.635 3.357   1.00 27.96 ? 40  GLN A OE1 1 
ATOM   303 N  NE2 . GLN A 1 40  ? -7.137  -10.745 5.414   1.00 38.65 ? 40  GLN A NE2 1 
ATOM   304 N  N   . LYS A 1 41  ? -3.285  -8.045  1.737   1.00 24.31 ? 41  LYS A N   1 
ATOM   305 C  CA  . LYS A 1 41  ? -2.145  -7.939  0.785   1.00 20.81 ? 41  LYS A CA  1 
ATOM   306 C  C   . LYS A 1 41  ? -0.977  -8.757  1.319   1.00 23.19 ? 41  LYS A C   1 
ATOM   307 O  O   . LYS A 1 41  ? -0.376  -9.460  0.530   1.00 21.20 ? 41  LYS A O   1 
ATOM   308 C  CB  . LYS A 1 41  ? -1.700  -6.495  0.530   1.00 19.40 ? 41  LYS A CB  1 
ATOM   309 C  CG  . LYS A 1 41  ? -2.763  -5.646  -0.142  1.00 21.50 ? 41  LYS A CG  1 
ATOM   310 C  CD  . LYS A 1 41  ? -2.427  -4.195  -0.418  1.00 22.88 ? 41  LYS A CD  1 
ATOM   311 C  CE  . LYS A 1 41  ? -3.595  -3.414  -0.997  1.00 27.31 ? 41  LYS A CE  1 
ATOM   312 N  NZ  . LYS A 1 41  ? -3.164  -2.048  -1.370  1.00 28.85 ? 41  LYS A NZ  1 
ATOM   313 N  N   . GLU A 1 42  ? -0.693  -8.701  2.624   1.00 23.37 ? 42  GLU A N   1 
ATOM   314 C  CA  . GLU A 1 42  ? 0.411   -9.532  3.204   1.00 26.45 ? 42  GLU A CA  1 
ATOM   315 C  C   . GLU A 1 42  ? 0.088   -11.019 3.054   1.00 25.91 ? 42  GLU A C   1 
ATOM   316 O  O   . GLU A 1 42  ? 0.987   -11.789 2.710   1.00 24.25 ? 42  GLU A O   1 
ATOM   317 C  CB  . GLU A 1 42  ? 0.657   -9.209  4.677   1.00 29.61 ? 42  GLU A CB  1 
ATOM   318 C  CG  . GLU A 1 42  ? 0.858   -7.750  5.000   1.00 36.22 ? 42  GLU A CG  1 
ATOM   319 C  CD  . GLU A 1 42  ? 2.041   -7.032  4.381   1.00 44.51 ? 42  GLU A CD  1 
ATOM   320 O  OE1 . GLU A 1 42  ? 3.115   -7.653  4.310   1.00 45.60 ? 42  GLU A OE1 1 
ATOM   321 O  OE2 . GLU A 1 42  ? 1.875   -5.840  3.986   1.00 49.45 ? 42  GLU A OE2 1 
ATOM   322 N  N   . SER A 1 43  ? -1.168  -11.439 3.237   1.00 24.13 ? 43  SER A N   1 
ATOM   323 C  CA  . SER A 1 43  ? -1.568  -12.851 3.056   1.00 25.35 ? 43  SER A CA  1 
ATOM   324 C  C   . SER A 1 43  ? -1.321  -13.280 1.607   1.00 22.57 ? 43  SER A C   1 
ATOM   325 O  O   . SER A 1 43  ? -0.888  -14.427 1.397   1.00 25.12 ? 43  SER A O   1 
ATOM   326 C  CB  . SER A 1 43  ? -3.022  -13.072 3.501   1.00 26.30 ? 43  SER A CB  1 
ATOM   327 O  OG  . SER A 1 43  ? -3.579  -14.200 2.852   1.00 34.47 ? 43  SER A OG  1 
ATOM   328 N  N   . ILE A 1 44  ? -1.517  -12.388 0.628   1.00 21.14 ? 44  ILE A N   1 
ATOM   329 C  CA  . ILE A 1 44  ? -1.270  -12.700 -0.810  1.00 22.27 ? 44  ILE A CA  1 
ATOM   330 C  C   . ILE A 1 44  ? 0.247   -12.773 -1.008  1.00 21.03 ? 44  ILE A C   1 
ATOM   331 O  O   . ILE A 1 44  ? 0.724   -13.699 -1.659  1.00 20.77 ? 44  ILE A O   1 
ATOM   332 C  CB  . ILE A 1 44  ? -1.944  -11.675 -1.739  1.00 21.50 ? 44  ILE A CB  1 
ATOM   333 C  CG1 . ILE A 1 44  ? -3.470  -11.697 -1.536  1.00 24.61 ? 44  ILE A CG1 1 
ATOM   334 C  CG2 . ILE A 1 44  ? -1.558  -11.914 -3.193  1.00 21.35 ? 44  ILE A CG2 1 
ATOM   335 C  CD1 . ILE A 1 44  ? -4.230  -10.560 -2.169  1.00 25.10 ? 44  ILE A CD1 1 
ATOM   336 N  N   . LEU A 1 45  ? 0.979   -11.841 -0.390  1.00 22.11 ? 45  LEU A N   1 
ATOM   337 C  CA  . LEU A 1 45  ? 2.443   -11.743 -0.630  1.00 19.54 ? 45  LEU A CA  1 
ATOM   338 C  C   . LEU A 1 45  ? 3.161   -12.982 -0.070  1.00 20.99 ? 45  LEU A C   1 
ATOM   339 O  O   . LEU A 1 45  ? 4.112   -13.424 -0.723  1.00 19.04 ? 45  LEU A O   1 
ATOM   340 C  CB  . LEU A 1 45  ? 3.001   -10.429 -0.098  1.00 22.42 ? 45  LEU A CB  1 
ATOM   341 C  CG  . LEU A 1 45  ? 2.544   -9.225  -0.924  1.00 23.57 ? 45  LEU A CG  1 
ATOM   342 C  CD1 . LEU A 1 45  ? 2.691   -7.925  -0.155  1.00 26.69 ? 45  LEU A CD1 1 
ATOM   343 C  CD2 . LEU A 1 45  ? 3.228   -9.103  -2.264  1.00 25.25 ? 45  LEU A CD2 1 
ATOM   344 N  N   . ARG A 1 46  ? 2.691   -13.536 1.041   1.00 22.47 ? 46  ARG A N   1 
ATOM   345 C  CA  . ARG A 1 46  ? 3.153   -14.829 1.603   1.00 23.81 ? 46  ARG A CA  1 
ATOM   346 C  C   . ARG A 1 46  ? 3.138   -15.951 0.574   1.00 23.72 ? 46  ARG A C   1 
ATOM   347 O  O   . ARG A 1 46  ? 4.003   -16.840 0.689   1.00 26.13 ? 46  ARG A O   1 
ATOM   348 C  CB  . ARG A 1 46  ? 2.278   -15.288 2.773   1.00 31.09 ? 46  ARG A CB  1 
ATOM   349 C  CG  . ARG A 1 46  ? 2.944   -15.100 4.121   1.00 34.83 ? 46  ARG A CG  1 
ATOM   350 C  CD  . ARG A 1 46  ? 1.996   -15.310 5.277   1.00 37.32 ? 46  ARG A CD  1 
ATOM   351 N  NE  . ARG A 1 46  ? 2.285   -14.324 6.308   1.00 41.09 ? 46  ARG A NE  1 
ATOM   352 C  CZ  . ARG A 1 46  ? 3.149   -14.484 7.305   1.00 45.06 ? 46  ARG A CZ  1 
ATOM   353 N  NH1 . ARG A 1 46  ? 3.806   -15.621 7.450   1.00 46.49 ? 46  ARG A NH1 1 
ATOM   354 N  NH2 . ARG A 1 46  ? 3.322   -13.504 8.175   1.00 46.41 ? 46  ARG A NH2 1 
ATOM   355 N  N   . VAL A 1 47  ? 2.123   -16.003 -0.298  1.00 22.62 ? 47  VAL A N   1 
ATOM   356 C  CA  . VAL A 1 47  ? 2.001   -17.092 -1.306  1.00 25.42 ? 47  VAL A CA  1 
ATOM   357 C  C   . VAL A 1 47  ? 2.641   -16.687 -2.630  1.00 21.55 ? 47  VAL A C   1 
ATOM   358 O  O   . VAL A 1 47  ? 3.181   -17.585 -3.273  1.00 23.51 ? 47  VAL A O   1 
ATOM   359 C  CB  . VAL A 1 47  ? 0.538   -17.558 -1.485  1.00 29.30 ? 47  VAL A CB  1 
ATOM   360 C  CG1 . VAL A 1 47  ? -0.340  -16.553 -2.170  1.00 31.25 ? 47  VAL A CG1 1 
ATOM   361 C  CG2 . VAL A 1 47  ? 0.467   -18.862 -2.245  1.00 35.79 ? 47  VAL A CG2 1 
ATOM   362 N  N   . ILE A 1 48  ? 2.621   -15.411 -3.049  1.00 19.31 ? 48  ILE A N   1 
ATOM   363 C  CA  . ILE A 1 48  ? 3.079   -15.055 -4.425  1.00 18.94 ? 48  ILE A CA  1 
ATOM   364 C  C   . ILE A 1 48  ? 4.574   -14.717 -4.421  1.00 19.92 ? 48  ILE A C   1 
ATOM   365 O  O   . ILE A 1 48  ? 5.115   -14.647 -5.533  1.00 19.65 ? 48  ILE A O   1 
ATOM   366 C  CB  . ILE A 1 48  ? 2.261   -13.951 -5.141  1.00 18.98 ? 48  ILE A CB  1 
ATOM   367 C  CG1 . ILE A 1 48  ? 2.399   -12.562 -4.511  1.00 19.87 ? 48  ILE A CG1 1 
ATOM   368 C  CG2 . ILE A 1 48  ? 0.783   -14.377 -5.214  1.00 19.83 ? 48  ILE A CG2 1 
ATOM   369 C  CD1 . ILE A 1 48  ? 1.897   -11.418 -5.389  1.00 19.07 ? 48  ILE A CD1 1 
ATOM   370 N  N   . LEU A 1 49  ? 5.170   -14.446 -3.254  1.00 17.73 ? 49  LEU A N   1 
ATOM   371 C  CA  . LEU A 1 49  ? 6.630   -14.169 -3.144  1.00 18.04 ? 49  LEU A CA  1 
ATOM   372 C  C   . LEU A 1 49  ? 7.272   -15.275 -2.318  1.00 18.09 ? 49  LEU A C   1 
ATOM   373 O  O   . LEU A 1 49  ? 6.643   -15.775 -1.344  1.00 21.22 ? 49  LEU A O   1 
ATOM   374 C  CB  . LEU A 1 49  ? 6.926   -12.834 -2.474  1.00 17.90 ? 49  LEU A CB  1 
ATOM   375 C  CG  . LEU A 1 49  ? 6.240   -11.589 -3.031  1.00 18.85 ? 49  LEU A CG  1 
ATOM   376 C  CD1 . LEU A 1 49  ? 6.694   -10.351 -2.268  1.00 18.87 ? 49  LEU A CD1 1 
ATOM   377 C  CD2 . LEU A 1 49  ? 6.487   -11.404 -4.503  1.00 21.69 ? 49  LEU A CD2 1 
ATOM   378 N  N   . THR A 1 50  ? 8.501   -15.612 -2.651  1.00 17.49 ? 50  THR A N   1 
ATOM   379 C  CA  . THR A 1 50  ? 9.300   -16.492 -1.771  1.00 18.11 ? 50  THR A CA  1 
ATOM   380 C  C   . THR A 1 50  ? 9.501   -15.759 -0.454  1.00 19.76 ? 50  THR A C   1 
ATOM   381 O  O   . THR A 1 50  ? 9.421   -14.534 -0.372  1.00 18.46 ? 50  THR A O   1 
ATOM   382 C  CB  . THR A 1 50  ? 10.631  -16.845 -2.423  1.00 19.38 ? 50  THR A CB  1 
ATOM   383 O  OG1 . THR A 1 50  ? 11.355  -15.626 -2.555  1.00 21.56 ? 50  THR A OG1 1 
ATOM   384 C  CG2 . THR A 1 50  ? 10.497  -17.598 -3.725  1.00 17.30 ? 50  THR A CG2 1 
ATOM   385 N  N   . PRO A 1 51  ? 9.856   -16.466 0.646   1.00 19.77 ? 51  PRO A N   1 
ATOM   386 C  CA  . PRO A 1 51  ? 10.160  -15.800 1.905   1.00 21.84 ? 51  PRO A CA  1 
ATOM   387 C  C   . PRO A 1 51  ? 11.244  -14.721 1.742   1.00 20.32 ? 51  PRO A C   1 
ATOM   388 O  O   . PRO A 1 51  ? 11.036  -13.659 2.305   1.00 20.51 ? 51  PRO A O   1 
ATOM   389 C  CB  . PRO A 1 51  ? 10.615  -16.954 2.803   1.00 22.68 ? 51  PRO A CB  1 
ATOM   390 C  CG  . PRO A 1 51  ? 9.788   -18.103 2.283   1.00 22.90 ? 51  PRO A CG  1 
ATOM   391 C  CD  . PRO A 1 51  ? 9.831   -17.926 0.785   1.00 22.89 ? 51  PRO A CD  1 
ATOM   392 N  N   . GLU A 1 52  ? 12.281  -14.966 0.957   1.00 20.98 ? 52  GLU A N   1 
ATOM   393 C  CA  . GLU A 1 52  ? 13.375  -13.955 0.877   1.00 23.37 ? 52  GLU A CA  1 
ATOM   394 C  C   . GLU A 1 52  ? 12.843  -12.723 0.121   1.00 20.11 ? 52  GLU A C   1 
ATOM   395 O  O   . GLU A 1 52  ? 13.158  -11.575 0.510   1.00 20.05 ? 52  GLU A O   1 
ATOM   396 C  CB  . GLU A 1 52  ? 14.638  -14.526 0.262   1.00 27.27 ? 52  GLU A CB  1 
ATOM   397 C  CG  . GLU A 1 52  ? 15.860  -13.723 0.601   1.00 34.31 ? 52  GLU A CG  1 
ATOM   398 C  CD  . GLU A 1 52  ? 16.364  -13.748 2.037   1.00 34.07 ? 52  GLU A CD  1 
ATOM   399 O  OE1 . GLU A 1 52  ? 15.628  -14.206 2.978   1.00 34.92 ? 52  GLU A OE1 1 
ATOM   400 O  OE2 . GLU A 1 52  ? 17.475  -13.240 2.225   1.00 48.56 ? 52  GLU A OE2 1 
ATOM   401 N  N   . ALA A 1 53  ? 12.032  -12.937 -0.910  1.00 19.34 ? 53  ALA A N   1 
ATOM   402 C  CA  . ALA A 1 53  ? 11.514  -11.788 -1.697  1.00 18.19 ? 53  ALA A CA  1 
ATOM   403 C  C   . ALA A 1 53  ? 10.567  -11.005 -0.804  1.00 16.93 ? 53  ALA A C   1 
ATOM   404 O  O   . ALA A 1 53  ? 10.544  -9.744  -0.847  1.00 17.56 ? 53  ALA A O   1 
ATOM   405 C  CB  . ALA A 1 53  ? 10.885  -12.239 -2.970  1.00 17.53 ? 53  ALA A CB  1 
ATOM   406 N  N   . ARG A 1 54  ? 9.705   -11.692 -0.041  1.00 17.30 ? 54  ARG A N   1 
ATOM   407 C  CA  . ARG A 1 54  ? 8.773   -10.981 0.831   1.00 18.76 ? 54  ARG A CA  1 
ATOM   408 C  C   . ARG A 1 54  ? 9.552   -10.176 1.875   1.00 18.37 ? 54  ARG A C   1 
ATOM   409 O  O   . ARG A 1 54  ? 9.175   -9.078  2.145   1.00 17.71 ? 54  ARG A O   1 
ATOM   410 C  CB  . ARG A 1 54  ? 7.823   -11.996 1.467   1.00 22.25 ? 54  ARG A CB  1 
ATOM   411 C  CG  . ARG A 1 54  ? 6.766   -11.319 2.309   1.00 25.47 ? 54  ARG A CG  1 
ATOM   412 C  CD  . ARG A 1 54  ? 5.646   -12.254 2.662   1.00 30.20 ? 54  ARG A CD  1 
ATOM   413 N  NE  . ARG A 1 54  ? 6.170   -13.219 3.603   1.00 34.88 ? 54  ARG A NE  1 
ATOM   414 C  CZ  . ARG A 1 54  ? 6.108   -13.096 4.934   1.00 40.78 ? 54  ARG A CZ  1 
ATOM   415 N  NH1 . ARG A 1 54  ? 5.533   -12.043 5.490   1.00 44.97 ? 54  ARG A NH1 1 
ATOM   416 N  NH2 . ARG A 1 54  ? 6.628   -14.035 5.705   1.00 43.82 ? 54  ARG A NH2 1 
ATOM   417 N  N   . GLN A 1 55  ? 10.616  -10.726 2.440   1.00 20.00 ? 55  GLN A N   1 
ATOM   418 C  CA  . GLN A 1 55  ? 11.505  -10.007 3.379   1.00 21.57 ? 55  GLN A CA  1 
ATOM   419 C  C   . GLN A 1 55  ? 12.058  -8.731  2.720   1.00 18.81 ? 55  GLN A C   1 
ATOM   420 O  O   . GLN A 1 55  ? 12.016  -7.673  3.369   1.00 19.36 ? 55  GLN A O   1 
ATOM   421 C  CB  . GLN A 1 55  ? 12.659  -10.901 3.840   1.00 23.28 ? 55  GLN A CB  1 
ATOM   422 C  CG  . GLN A 1 55  ? 13.515  -10.218 4.879   1.00 27.10 ? 55  GLN A CG  1 
ATOM   423 C  CD  . GLN A 1 55  ? 12.639  -9.787  6.024   1.00 29.77 ? 55  GLN A CD  1 
ATOM   424 O  OE1 . GLN A 1 55  ? 12.346  -8.608  6.198   1.00 37.98 ? 55  GLN A OE1 1 
ATOM   425 N  NE2 . GLN A 1 55  ? 12.115  -10.762 6.747   1.00 30.74 ? 55  GLN A NE2 1 
ATOM   426 N  N   . ARG A 1 56  ? 12.436  -8.809  1.447   1.00 17.25 ? 56  ARG A N   1 
ATOM   427 C  CA  . ARG A 1 56  ? 13.036  -7.630  0.783   1.00 18.53 ? 56  ARG A CA  1 
ATOM   428 C  C   . ARG A 1 56  ? 11.935  -6.572  0.648   1.00 19.85 ? 56  ARG A C   1 
ATOM   429 O  O   . ARG A 1 56  ? 12.148  -5.425  1.030   1.00 18.79 ? 56  ARG A O   1 
ATOM   430 C  CB  . ARG A 1 56  ? 13.648  -7.956  -0.566  1.00 19.57 ? 56  ARG A CB  1 
ATOM   431 C  CG  . ARG A 1 56  ? 14.432  -6.789  -1.149  1.00 18.76 ? 56  ARG A CG  1 
ATOM   432 C  CD  . ARG A 1 56  ? 15.164  -7.120  -2.410  1.00 20.15 ? 56  ARG A CD  1 
ATOM   433 N  NE  . ARG A 1 56  ? 16.074  -8.212  -2.164  1.00 19.27 ? 56  ARG A NE  1 
ATOM   434 C  CZ  . ARG A 1 56  ? 17.225  -8.081  -1.545  1.00 19.53 ? 56  ARG A CZ  1 
ATOM   435 N  NH1 . ARG A 1 56  ? 17.686  -6.881  -1.245  1.00 21.82 ? 56  ARG A NH1 1 
ATOM   436 N  NH2 . ARG A 1 56  ? 17.940  -9.145  -1.253  1.00 21.02 ? 56  ARG A NH2 1 
ATOM   437 N  N   . LEU A 1 57  ? 10.745  -6.982  0.194   1.00 16.55 ? 57  LEU A N   1 
ATOM   438 C  CA  . LEU A 1 57  ? 9.658   -5.973  0.050   1.00 16.58 ? 57  LEU A CA  1 
ATOM   439 C  C   . LEU A 1 57  ? 9.254   -5.375  1.412   1.00 18.07 ? 57  LEU A C   1 
ATOM   440 O  O   . LEU A 1 57  ? 9.013   -4.191  1.492   1.00 17.31 ? 57  LEU A O   1 
ATOM   441 C  CB  . LEU A 1 57  ? 8.471   -6.658  -0.609  1.00 17.79 ? 57  LEU A CB  1 
ATOM   442 C  CG  . LEU A 1 57  ? 7.268   -5.766  -0.903  1.00 18.55 ? 57  LEU A CG  1 
ATOM   443 C  CD1 . LEU A 1 57  ? 7.645   -4.636  -1.813  1.00 20.23 ? 57  LEU A CD1 1 
ATOM   444 C  CD2 . LEU A 1 57  ? 6.190   -6.611  -1.542  1.00 19.99 ? 57  LEU A CD2 1 
ATOM   445 N  N   . THR A 1 58  ? 9.199   -6.165  2.484   1.00 17.15 ? 58  THR A N   1 
ATOM   446 C  CA  . THR A 1 58  ? 8.938   -5.684  3.856   1.00 20.05 ? 58  THR A CA  1 
ATOM   447 C  C   . THR A 1 58  ? 9.996   -4.617  4.238   1.00 18.87 ? 58  THR A C   1 
ATOM   448 O  O   . THR A 1 58  ? 9.605   -3.565  4.776   1.00 19.95 ? 58  THR A O   1 
ATOM   449 C  CB  . THR A 1 58  ? 8.914   -6.926  4.749   1.00 25.06 ? 58  THR A CB  1 
ATOM   450 O  OG1 . THR A 1 58  ? 7.763   -7.736  4.499   1.00 24.15 ? 58  THR A OG1 1 
ATOM   451 C  CG2 . THR A 1 58  ? 9.014   -6.603  6.215   1.00 25.43 ? 58  THR A CG2 1 
ATOM   452 N  N   . ASN A 1 59  ? 11.257  -4.845  3.882   1.00 19.70 ? 59  ASN A N   1 
ATOM   453 C  CA  . ASN A 1 59  ? 12.382  -3.911  4.176   1.00 21.59 ? 59  ASN A CA  1 
ATOM   454 C  C   . ASN A 1 59  ? 12.180  -2.649  3.307   1.00 19.43 ? 59  ASN A C   1 
ATOM   455 O  O   . ASN A 1 59  ? 12.339  -1.508  3.811   1.00 20.89 ? 59  ASN A O   1 
ATOM   456 C  CB  . ASN A 1 59  ? 13.756  -4.554  3.950   1.00 23.62 ? 59  ASN A CB  1 
ATOM   457 C  CG  . ASN A 1 59  ? 14.088  -5.841  4.702   1.00 24.55 ? 59  ASN A CG  1 
ATOM   458 O  OD1 . ASN A 1 59  ? 13.745  -5.995  5.845   1.00 25.84 ? 59  ASN A OD1 1 
ATOM   459 N  ND2 . ASN A 1 59  ? 14.855  -6.743  4.091   1.00 27.43 ? 59  ASN A ND2 1 
ATOM   460 N  N   . ILE A 1 60  ? 11.784  -2.808  2.051   1.00 18.54 ? 60  ILE A N   1 
ATOM   461 C  CA  . ILE A 1 60  ? 11.581  -1.621  1.197   1.00 17.19 ? 60  ILE A CA  1 
ATOM   462 C  C   . ILE A 1 60  ? 10.456  -0.781  1.810   1.00 18.63 ? 60  ILE A C   1 
ATOM   463 O  O   . ILE A 1 60  ? 10.572  0.430   1.776   1.00 20.18 ? 60  ILE A O   1 
ATOM   464 C  CB  . ILE A 1 60  ? 11.308  -2.022  -0.250  1.00 16.44 ? 60  ILE A CB  1 
ATOM   465 C  CG1 . ILE A 1 60  ? 12.516  -2.683  -0.908  1.00 18.38 ? 60  ILE A CG1 1 
ATOM   466 C  CG2 . ILE A 1 60  ? 10.864  -0.775  -0.994  1.00 19.40 ? 60  ILE A CG2 1 
ATOM   467 C  CD1 . ILE A 1 60  ? 12.206  -3.344  -2.217  1.00 18.91 ? 60  ILE A CD1 1 
ATOM   468 N  N   . LYS A 1 61  ? 9.402   -1.405  2.345   1.00 18.86 ? 61  LYS A N   1 
ATOM   469 C  CA  . LYS A 1 61  ? 8.214   -0.697  2.871   1.00 20.41 ? 61  LYS A CA  1 
ATOM   470 C  C   . LYS A 1 61  ? 8.667   0.156   4.065   1.00 21.13 ? 61  LYS A C   1 
ATOM   471 O  O   . LYS A 1 61  ? 8.107   1.244   4.263   1.00 24.41 ? 61  LYS A O   1 
ATOM   472 C  CB  . LYS A 1 61  ? 7.108   -1.703  3.184   1.00 23.34 ? 61  LYS A CB  1 
ATOM   473 C  CG  . LYS A 1 61  ? 5.807   -1.118  3.707   1.00 27.23 ? 61  LYS A CG  1 
ATOM   474 C  CD  . LYS A 1 61  ? 4.801   -2.229  3.977   1.00 31.01 ? 61  LYS A CD  1 
ATOM   475 C  CE  . LYS A 1 61  ? 3.368   -1.754  3.995   1.00 37.62 ? 61  LYS A CE  1 
ATOM   476 N  NZ  . LYS A 1 61  ? 2.446   -2.906  3.885   1.00 42.67 ? 61  LYS A NZ  1 
ATOM   477 N  N   . LEU A 1 62  ? 9.643   -0.329  4.828   1.00 23.71 ? 62  LEU A N   1 
ATOM   478 C  CA  . LEU A 1 62  ? 10.208  0.452   5.970   1.00 26.65 ? 62  LEU A CA  1 
ATOM   479 C  C   . LEU A 1 62  ? 10.878  1.757   5.522   1.00 25.13 ? 62  LEU A C   1 
ATOM   480 O  O   . LEU A 1 62  ? 10.857  2.717   6.286   1.00 31.41 ? 62  LEU A O   1 
ATOM   481 C  CB  . LEU A 1 62  ? 11.227  -0.397  6.732   1.00 30.54 ? 62  LEU A CB  1 
ATOM   482 C  CG  . LEU A 1 62  ? 10.728  -1.217  7.912   1.00 35.07 ? 62  LEU A CG  1 
ATOM   483 C  CD1 . LEU A 1 62  ? 11.886  -1.411  8.866   1.00 34.17 ? 62  LEU A CD1 1 
ATOM   484 C  CD2 . LEU A 1 62  ? 9.578   -0.538  8.627   1.00 35.90 ? 62  LEU A CD2 1 
ATOM   485 N  N   . VAL A 1 63  ? 11.559  1.779   4.383   1.00 22.49 ? 63  VAL A N   1 
ATOM   486 C  CA  . VAL A 1 63  ? 12.402  2.924   3.981   1.00 20.66 ? 63  VAL A CA  1 
ATOM   487 C  C   . VAL A 1 63  ? 11.687  3.785   2.937   1.00 22.07 ? 63  VAL A C   1 
ATOM   488 O  O   . VAL A 1 63  ? 11.984  4.960   2.861   1.00 24.18 ? 63  VAL A O   1 
ATOM   489 C  CB  . VAL A 1 63  ? 13.799  2.435   3.570   1.00 20.46 ? 63  VAL A CB  1 
ATOM   490 C  CG1 . VAL A 1 63  ? 14.531  1.782   4.746   1.00 24.00 ? 63  VAL A CG1 1 
ATOM   491 C  CG2 . VAL A 1 63  ? 13.782  1.522   2.348   1.00 22.15 ? 63  VAL A CG2 1 
ATOM   492 N  N   . LYS A 1 64  ? 10.748  3.233   2.172   1.00 19.29 ? 64  LYS A N   1 
ATOM   493 C  CA  . LYS A 1 64  ? 10.092  3.922   1.035   1.00 21.41 ? 64  LYS A CA  1 
ATOM   494 C  C   . LYS A 1 64  ? 8.645   3.451   0.995   1.00 20.45 ? 64  LYS A C   1 
ATOM   495 O  O   . LYS A 1 64  ? 8.273   2.666   0.153   1.00 18.88 ? 64  LYS A O   1 
ATOM   496 C  CB  . LYS A 1 64  ? 10.849  3.640   -0.267  1.00 21.63 ? 64  LYS A CB  1 
ATOM   497 C  CG  . LYS A 1 64  ? 12.245  4.249   -0.346  1.00 29.10 ? 64  LYS A CG  1 
ATOM   498 C  CD  . LYS A 1 64  ? 12.228  5.675   -0.852  1.00 33.37 ? 64  LYS A CD  1 
ATOM   499 C  CE  . LYS A 1 64  ? 13.569  6.375   -0.806  1.00 38.74 ? 64  LYS A CE  1 
ATOM   500 N  NZ  . LYS A 1 64  ? 14.620  5.587   -1.487  1.00 39.06 ? 64  LYS A NZ  1 
ATOM   501 N  N   . PRO A 1 65  ? 7.797   3.854   1.954   1.00 21.89 ? 65  PRO A N   1 
ATOM   502 C  CA  . PRO A 1 65  ? 6.488   3.236   2.133   1.00 23.50 ? 65  PRO A CA  1 
ATOM   503 C  C   . PRO A 1 65  ? 5.564   3.404   0.920   1.00 21.83 ? 65  PRO A C   1 
ATOM   504 O  O   . PRO A 1 65  ? 4.897   2.486   0.562   1.00 19.89 ? 65  PRO A O   1 
ATOM   505 C  CB  . PRO A 1 65  ? 5.870   3.955   3.354   1.00 23.74 ? 65  PRO A CB  1 
ATOM   506 C  CG  . PRO A 1 65  ? 6.828   5.033   3.749   1.00 25.51 ? 65  PRO A CG  1 
ATOM   507 C  CD  . PRO A 1 65  ? 8.122   4.861   2.984   1.00 24.72 ? 65  PRO A CD  1 
ATOM   508 N  N   . GLU A 1 66  ? 5.548   4.584   0.308   1.00 23.01 ? 66  GLU A N   1 
ATOM   509 C  CA  . GLU A 1 66  ? 4.640   4.887   -0.819  1.00 23.87 ? 66  GLU A CA  1 
ATOM   510 C  C   . GLU A 1 66  ? 5.053   4.009   -1.998  1.00 21.40 ? 66  GLU A C   1 
ATOM   511 O  O   . GLU A 1 66  ? 4.200   3.369   -2.614  1.00 23.23 ? 66  GLU A O   1 
ATOM   512 C  CB  . GLU A 1 66  ? 4.728   6.379   -1.163  1.00 29.66 ? 66  GLU A CB  1 
ATOM   513 C  CG  . GLU A 1 66  ? 3.832   6.800   -2.314  1.00 36.10 ? 66  GLU A CG  1 
ATOM   514 C  CD  . GLU A 1 66  ? 3.718   8.310   -2.501  1.00 42.17 ? 66  GLU A CD  1 
ATOM   515 O  OE1 . GLU A 1 66  ? 4.130   8.798   -3.567  1.00 47.96 ? 66  GLU A OE1 1 
ATOM   516 O  OE2 . GLU A 1 66  ? 3.204   8.983   -1.582  1.00 48.68 ? 66  GLU A OE2 1 
ATOM   517 N  N   . PHE A 1 67  ? 6.350   3.947   -2.270  1.00 20.41 ? 67  PHE A N   1 
ATOM   518 C  CA  . PHE A 1 67  ? 6.906   3.138   -3.376  1.00 19.13 ? 67  PHE A CA  1 
ATOM   519 C  C   . PHE A 1 67  ? 6.526   1.679   -3.160  1.00 20.17 ? 67  PHE A C   1 
ATOM   520 O  O   . PHE A 1 67  ? 6.065   0.944   -4.063  1.00 20.15 ? 67  PHE A O   1 
ATOM   521 C  CB  . PHE A 1 67  ? 8.410   3.335   -3.443  1.00 19.11 ? 67  PHE A CB  1 
ATOM   522 C  CG  . PHE A 1 67  ? 9.118   2.400   -4.374  1.00 19.73 ? 67  PHE A CG  1 
ATOM   523 C  CD1 . PHE A 1 67  ? 9.122   2.653   -5.730  1.00 23.01 ? 67  PHE A CD1 1 
ATOM   524 C  CD2 . PHE A 1 67  ? 9.722   1.244   -3.924  1.00 21.20 ? 67  PHE A CD2 1 
ATOM   525 C  CE1 . PHE A 1 67  ? 9.779   1.795   -6.597  1.00 24.85 ? 67  PHE A CE1 1 
ATOM   526 C  CE2 . PHE A 1 67  ? 10.357  0.387   -4.800  1.00 21.53 ? 67  PHE A CE2 1 
ATOM   527 C  CZ  . PHE A 1 67  ? 10.383  0.659   -6.134  1.00 24.74 ? 67  PHE A CZ  1 
ATOM   528 N  N   . ALA A 1 68  ? 6.752   1.213   -1.943  1.00 18.21 ? 68  ALA A N   1 
ATOM   529 C  CA  . ALA A 1 68  ? 6.530   -0.187  -1.576  1.00 18.39 ? 68  ALA A CA  1 
ATOM   530 C  C   . ALA A 1 68  ? 5.037   -0.522  -1.719  1.00 18.04 ? 68  ALA A C   1 
ATOM   531 O  O   . ALA A 1 68  ? 4.735   -1.620  -2.189  1.00 20.01 ? 68  ALA A O   1 
ATOM   532 C  CB  . ALA A 1 68  ? 7.018   -0.477  -0.175  1.00 19.02 ? 68  ALA A CB  1 
ATOM   533 N  N   . GLU A 1 69  ? 4.151   0.380   -1.298  1.00 19.24 ? 69  GLU A N   1 
ATOM   534 C  CA  . GLU A 1 69  ? 2.697   0.127   -1.434  1.00 24.21 ? 69  GLU A CA  1 
ATOM   535 C  C   . GLU A 1 69  ? 2.336   -0.006  -2.914  1.00 20.67 ? 69  GLU A C   1 
ATOM   536 O  O   . GLU A 1 69  ? 1.589   -0.968  -3.246  1.00 21.56 ? 69  GLU A O   1 
ATOM   537 C  CB  . GLU A 1 69  ? 1.886   1.213   -0.739  1.00 27.18 ? 69  GLU A CB  1 
ATOM   538 C  CG  . GLU A 1 69  ? 0.407   0.883   -0.675  1.00 34.40 ? 69  GLU A CG  1 
ATOM   539 C  CD  . GLU A 1 69  ? 0.109   -0.422  0.016   1.00 42.51 ? 69  GLU A CD  1 
ATOM   540 O  OE1 . GLU A 1 69  ? 0.655   -0.630  1.129   1.00 45.34 ? 69  GLU A OE1 1 
ATOM   541 O  OE2 . GLU A 1 69  ? -0.601  -1.258  -0.603  1.00 52.61 ? 69  GLU A OE2 1 
ATOM   542 N  N   . SER A 1 70  ? 2.908   0.817   -3.791  1.00 20.13 ? 70  SER A N   1 
ATOM   543 C  CA  . SER A 1 70  ? 2.656   0.745   -5.254  1.00 21.64 ? 70  SER A CA  1 
ATOM   544 C  C   . SER A 1 70  ? 3.207   -0.580  -5.790  1.00 21.80 ? 70  SER A C   1 
ATOM   545 O  O   . SER A 1 70  ? 2.527   -1.305  -6.545  1.00 20.93 ? 70  SER A O   1 
ATOM   546 C  CB  . SER A 1 70  ? 3.278   1.879   -5.959  1.00 24.30 ? 70  SER A CB  1 
ATOM   547 O  OG  . SER A 1 70  ? 2.934   1.825   -7.324  1.00 35.58 ? 70  SER A OG  1 
ATOM   548 N  N   . LEU A 1 71  ? 4.390   -0.962  -5.317  1.00 20.71 ? 71  LEU A N   1 
ATOM   549 C  CA  . LEU A 1 71  ? 5.049   -2.189  -5.811  1.00 21.79 ? 71  LEU A CA  1 
ATOM   550 C  C   . LEU A 1 71  ? 4.230   -3.403  -5.339  1.00 20.23 ? 71  LEU A C   1 
ATOM   551 O  O   . LEU A 1 71  ? 3.986   -4.317  -6.162  1.00 20.94 ? 71  LEU A O   1 
ATOM   552 C  CB  . LEU A 1 71  ? 6.501   -2.158  -5.328  1.00 20.88 ? 71  LEU A CB  1 
ATOM   553 C  CG  . LEU A 1 71  ? 7.310   -3.384  -5.722  1.00 22.95 ? 71  LEU A CG  1 
ATOM   554 C  CD1 . LEU A 1 71  ? 7.373   -3.525  -7.239  1.00 24.32 ? 71  LEU A CD1 1 
ATOM   555 C  CD2 . LEU A 1 71  ? 8.691   -3.289  -5.088  1.00 21.90 ? 71  LEU A CD2 1 
ATOM   556 N  N   . GLU A 1 72  ? 3.723   -3.430  -4.104  1.00 20.35 ? 72  GLU A N   1 
ATOM   557 C  CA  . GLU A 1 72  ? 2.851   -4.519  -3.613  1.00 21.51 ? 72  GLU A CA  1 
ATOM   558 C  C   . GLU A 1 72  ? 1.669   -4.663  -4.567  1.00 20.82 ? 72  GLU A C   1 
ATOM   559 O  O   . GLU A 1 72  ? 1.369   -5.758  -5.011  1.00 18.68 ? 72  GLU A O   1 
ATOM   560 C  CB  . GLU A 1 72  ? 2.232   -4.231  -2.237  1.00 24.91 ? 72  GLU A CB  1 
ATOM   561 C  CG  . GLU A 1 72  ? 3.146   -4.399  -1.041  1.00 27.54 ? 72  GLU A CG  1 
ATOM   562 C  CD  . GLU A 1 72  ? 2.430   -4.125  0.270   1.00 30.27 ? 72  GLU A CD  1 
ATOM   563 O  OE1 . GLU A 1 72  ? 1.342   -3.508  0.251   1.00 31.52 ? 72  GLU A OE1 1 
ATOM   564 O  OE2 . GLU A 1 72  ? 2.989   -4.485  1.323   1.00 43.14 ? 72  GLU A OE2 1 
ATOM   565 N  N   . ASN A 1 73  ? 1.012   -3.548  -4.898  1.00 20.22 ? 73  ASN A N   1 
ATOM   566 C  CA  . ASN A 1 73  ? -0.230  -3.629  -5.697  1.00 22.14 ? 73  ASN A CA  1 
ATOM   567 C  C   . ASN A 1 73  ? 0.096   -4.210  -7.061  1.00 20.29 ? 73  ASN A C   1 
ATOM   568 O  O   . ASN A 1 73  ? -0.683  -5.053  -7.550  1.00 22.21 ? 73  ASN A O   1 
ATOM   569 C  CB  . ASN A 1 73  ? -0.868  -2.259  -5.839  1.00 21.67 ? 73  ASN A CB  1 
ATOM   570 C  CG  . ASN A 1 73  ? -1.381  -1.733  -4.535  1.00 21.56 ? 73  ASN A CG  1 
ATOM   571 O  OD1 . ASN A 1 73  ? -1.624  -2.496  -3.602  1.00 21.04 ? 73  ASN A OD1 1 
ATOM   572 N  ND2 . ASN A 1 73  ? -1.505  -0.413  -4.459  1.00 26.06 ? 73  ASN A ND2 1 
ATOM   573 N  N   . GLN A 1 74  ? 1.207   -3.774  -7.629  1.00 19.93 ? 74  GLN A N   1 
ATOM   574 C  CA  . GLN A 1 74  ? 1.613   -4.219  -8.983  1.00 20.40 ? 74  GLN A CA  1 
ATOM   575 C  C   . GLN A 1 74  ? 2.035   -5.681  -8.993  1.00 21.05 ? 74  GLN A C   1 
ATOM   576 O  O   . GLN A 1 74  ? 1.677   -6.367  -9.949  1.00 20.34 ? 74  GLN A O   1 
ATOM   577 C  CB  . GLN A 1 74  ? 2.688   -3.302  -9.495  1.00 21.85 ? 74  GLN A CB  1 
ATOM   578 C  CG  . GLN A 1 74  ? 2.077   -1.943  -9.713  1.00 24.23 ? 74  GLN A CG  1 
ATOM   579 C  CD  . GLN A 1 74  ? 3.022   -1.110  -10.506 1.00 26.99 ? 74  GLN A CD  1 
ATOM   580 O  OE1 . GLN A 1 74  ? 3.385   -1.472  -11.616 1.00 28.49 ? 74  GLN A OE1 1 
ATOM   581 N  NE2 . GLN A 1 74  ? 3.441   -0.020  -9.893  1.00 32.43 ? 74  GLN A NE2 1 
ATOM   582 N  N   . LEU A 1 75  ? 2.762   -6.141  -7.985  1.00 20.23 ? 75  LEU A N   1 
ATOM   583 C  CA  . LEU A 1 75  ? 3.159   -7.571  -7.929  1.00 19.48 ? 75  LEU A CA  1 
ATOM   584 C  C   . LEU A 1 75  ? 1.895   -8.428  -7.782  1.00 19.53 ? 75  LEU A C   1 
ATOM   585 O  O   . LEU A 1 75  ? 1.809   -9.533  -8.344  1.00 20.62 ? 75  LEU A O   1 
ATOM   586 C  CB  . LEU A 1 75  ? 4.122   -7.758  -6.754  1.00 19.08 ? 75  LEU A CB  1 
ATOM   587 C  CG  . LEU A 1 75  ? 5.492   -7.104  -6.911  1.00 18.50 ? 75  LEU A CG  1 
ATOM   588 C  CD1 . LEU A 1 75  ? 6.261   -7.155  -5.596  1.00 19.72 ? 75  LEU A CD1 1 
ATOM   589 C  CD2 . LEU A 1 75  ? 6.268   -7.753  -8.060  1.00 21.19 ? 75  LEU A CD2 1 
ATOM   590 N  N   . ILE A 1 76  ? 0.958   -7.994  -6.948  1.00 19.22 ? 76  ILE A N   1 
ATOM   591 C  CA  . ILE A 1 76  ? -0.317  -8.738  -6.730  1.00 18.98 ? 76  ILE A CA  1 
ATOM   592 C  C   . ILE A 1 76  ? -1.054  -8.826  -8.070  1.00 21.45 ? 76  ILE A C   1 
ATOM   593 O  O   . ILE A 1 76  ? -1.503  -9.922  -8.394  1.00 21.98 ? 76  ILE A O   1 
ATOM   594 C  CB  . ILE A 1 76  ? -1.155  -8.079  -5.606  1.00 20.42 ? 76  ILE A CB  1 
ATOM   595 C  CG1 . ILE A 1 76  ? -0.471  -8.289  -4.254  1.00 20.16 ? 76  ILE A CG1 1 
ATOM   596 C  CG2 . ILE A 1 76  ? -2.583  -8.623  -5.581  1.00 20.99 ? 76  ILE A CG2 1 
ATOM   597 C  CD1 . ILE A 1 76  ? -1.083  -7.461  -3.134  1.00 23.90 ? 76  ILE A CD1 1 
ATOM   598 N  N   . ALA A 1 77  ? -1.140  -7.746  -8.840  1.00 19.79 ? 77  ALA A N   1 
ATOM   599 C  CA  . ALA A 1 77  ? -1.814  -7.742  -10.164 1.00 21.66 ? 77  ALA A CA  1 
ATOM   600 C  C   . ALA A 1 77  ? -1.096  -8.693  -11.109 1.00 24.35 ? 77  ALA A C   1 
ATOM   601 O  O   . ALA A 1 77  ? -1.780  -9.500  -11.770 1.00 22.62 ? 77  ALA A O   1 
ATOM   602 C  CB  . ALA A 1 77  ? -1.912  -6.363  -10.765 1.00 22.54 ? 77  ALA A CB  1 
ATOM   603 N  N   . LEU A 1 78  ? 0.234   -8.631  -11.180 1.00 24.23 ? 78  LEU A N   1 
ATOM   604 C  CA  . LEU A 1 78  ? 1.041   -9.501  -12.073 1.00 24.83 ? 78  LEU A CA  1 
ATOM   605 C  C   . LEU A 1 78  ? 0.765   -10.961 -11.717 1.00 23.72 ? 78  LEU A C   1 
ATOM   606 O  O   . LEU A 1 78  ? 0.529   -11.760 -12.635 1.00 24.38 ? 78  LEU A O   1 
ATOM   607 C  CB  . LEU A 1 78  ? 2.514   -9.135  -11.908 1.00 28.48 ? 78  LEU A CB  1 
ATOM   608 C  CG  . LEU A 1 78  ? 3.511   -9.777  -12.864 1.00 33.79 ? 78  LEU A CG  1 
ATOM   609 C  CD1 . LEU A 1 78  ? 3.160   -9.467  -14.320 1.00 36.00 ? 78  LEU A CD1 1 
ATOM   610 C  CD2 . LEU A 1 78  ? 4.929   -9.304  -12.550 1.00 34.23 ? 78  LEU A CD2 1 
ATOM   611 N  N   . ALA A 1 79  ? 0.742   -11.311 -10.435 1.00 22.43 ? 79  ALA A N   1 
ATOM   612 C  CA  . ALA A 1 79  ? 0.526   -12.699 -9.973  1.00 21.86 ? 79  ALA A CA  1 
ATOM   613 C  C   . ALA A 1 79  ? -0.879  -13.186 -10.351 1.00 23.22 ? 79  ALA A C   1 
ATOM   614 O  O   . ALA A 1 79  ? -0.993  -14.269 -10.937 1.00 22.08 ? 79  ALA A O   1 
ATOM   615 C  CB  . ALA A 1 79  ? 0.823   -12.781 -8.501  1.00 23.36 ? 79  ALA A CB  1 
ATOM   616 N  N   . GLN A 1 80  ? -1.898  -12.346 -10.167 1.00 23.32 ? 80  GLN A N   1 
ATOM   617 C  CA  . GLN A 1 80  ? -3.329  -12.658 -10.479 1.00 26.56 ? 80  GLN A CA  1 
ATOM   618 C  C   . GLN A 1 80  ? -3.472  -12.909 -11.983 1.00 25.26 ? 80  GLN A C   1 
ATOM   619 O  O   . GLN A 1 80  ? -4.196  -13.822 -12.363 1.00 25.18 ? 80  GLN A O   1 
ATOM   620 C  CB  . GLN A 1 80  ? -4.257  -11.507 -10.052 1.00 30.25 ? 80  GLN A CB  1 
ATOM   621 C  CG  . GLN A 1 80  ? -4.900  -11.648 -8.672  1.00 38.92 ? 80  GLN A CG  1 
ATOM   622 C  CD  . GLN A 1 80  ? -5.463  -10.363 -8.076  1.00 46.63 ? 80  GLN A CD  1 
ATOM   623 O  OE1 . GLN A 1 80  ? -6.459  -9.797  -8.533  1.00 41.36 ? 80  GLN A OE1 1 
ATOM   624 N  NE2 . GLN A 1 80  ? -4.857  -9.908  -6.989  1.00 51.37 ? 80  GLN A NE2 1 
ATOM   625 N  N   . SER A 1 81  ? -2.730  -12.161 -12.805 1.00 23.82 ? 81  SER A N   1 
ATOM   626 C  CA  . SER A 1 81  ? -2.765  -12.170 -14.284 1.00 25.85 ? 81  SER A CA  1 
ATOM   627 C  C   . SER A 1 81  ? -2.219  -13.489 -14.851 1.00 27.99 ? 81  SER A C   1 
ATOM   628 O  O   . SER A 1 81  ? -2.525  -13.812 -16.038 1.00 29.88 ? 81  SER A O   1 
ATOM   629 C  CB  . SER A 1 81  ? -1.927  -11.001 -14.760 1.00 26.67 ? 81  SER A CB  1 
ATOM   630 O  OG  . SER A 1 81  ? -0.550  -11.367 -14.769 1.00 29.27 ? 81  SER A OG  1 
ATOM   631 N  N   . GLY A 1 82  ? -1.392  -14.200 -14.067 1.00 25.90 ? 82  GLY A N   1 
ATOM   632 C  CA  . GLY A 1 82  ? -0.776  -15.485 -14.409 1.00 28.11 ? 82  GLY A CA  1 
ATOM   633 C  C   . GLY A 1 82  ? 0.393   -15.331 -15.339 1.00 28.40 ? 82  GLY A C   1 
ATOM   634 O  O   . GLY A 1 82  ? 0.988   -16.356 -15.654 1.00 27.52 ? 82  GLY A O   1 
ATOM   635 N  N   . ARG A 1 83  ? 0.755   -14.098 -15.693 1.00 31.19 ? 83  ARG A N   1 
ATOM   636 C  CA  . ARG A 1 83  ? 1.795   -13.836 -16.707 1.00 38.72 ? 83  ARG A CA  1 
ATOM   637 C  C   . ARG A 1 83  ? 3.146   -14.314 -16.181 1.00 37.43 ? 83  ARG A C   1 
ATOM   638 O  O   . ARG A 1 83  ? 4.012   -14.645 -17.019 1.00 42.91 ? 83  ARG A O   1 
ATOM   639 C  CB  . ARG A 1 83  ? 1.818   -12.347 -17.057 1.00 37.79 ? 83  ARG A CB  1 
ATOM   640 C  CG  . ARG A 1 83  ? 0.544   -11.888 -17.757 1.00 42.72 ? 83  ARG A CG  1 
ATOM   641 C  CD  . ARG A 1 83  ? 0.543   -10.420 -18.135 1.00 49.47 ? 83  ARG A CD  1 
ATOM   642 N  NE  . ARG A 1 83  ? 0.529   -9.529  -16.975 1.00 56.04 ? 83  ARG A NE  1 
ATOM   643 C  CZ  . ARG A 1 83  ? -0.476  -8.731  -16.603 1.00 56.75 ? 83  ARG A CZ  1 
ATOM   644 N  NH1 . ARG A 1 83  ? -1.605  -8.686  -17.292 1.00 55.81 ? 83  ARG A NH1 1 
ATOM   645 N  NH2 . ARG A 1 83  ? -0.347  -7.977  -15.522 1.00 56.88 ? 83  ARG A NH2 1 
ATOM   646 N  N   . ILE A 1 84  ? 3.319   -14.337 -14.851 1.00 37.11 ? 84  ILE A N   1 
ATOM   647 C  CA  . ILE A 1 84  ? 4.637   -14.598 -14.206 1.00 35.44 ? 84  ILE A CA  1 
ATOM   648 C  C   . ILE A 1 84  ? 4.524   -15.884 -13.402 1.00 31.80 ? 84  ILE A C   1 
ATOM   649 O  O   . ILE A 1 84  ? 3.476   -16.111 -12.774 1.00 33.47 ? 84  ILE A O   1 
ATOM   650 C  CB  . ILE A 1 84  ? 5.062   -13.396 -13.343 1.00 33.73 ? 84  ILE A CB  1 
ATOM   651 C  CG1 . ILE A 1 84  ? 6.567   -13.417 -13.055 1.00 39.77 ? 84  ILE A CG1 1 
ATOM   652 C  CG2 . ILE A 1 84  ? 4.244   -13.322 -12.054 1.00 33.71 ? 84  ILE A CG2 1 
ATOM   653 C  CD1 . ILE A 1 84  ? 7.054   -12.239 -12.232 1.00 40.51 ? 84  ILE A CD1 1 
ATOM   654 N  N   . LYS A 1 85  ? 5.578   -16.686 -13.395 1.00 28.84 ? 85  LYS A N   1 
ATOM   655 C  CA  . LYS A 1 85  ? 5.631   -17.891 -12.537 1.00 31.27 ? 85  LYS A CA  1 
ATOM   656 C  C   . LYS A 1 85  ? 5.578   -17.431 -11.073 1.00 26.38 ? 85  LYS A C   1 
ATOM   657 O  O   . LYS A 1 85  ? 6.211   -16.384 -10.757 1.00 27.63 ? 85  LYS A O   1 
ATOM   658 C  CB  . LYS A 1 85  ? 6.859   -18.751 -12.858 1.00 33.11 ? 85  LYS A CB  1 
ATOM   659 C  CG  . LYS A 1 85  ? 6.659   -19.686 -14.045 1.00 38.86 ? 85  LYS A CG  1 
ATOM   660 C  CD  . LYS A 1 85  ? 7.452   -20.990 -13.983 1.00 43.78 ? 85  LYS A CD  1 
ATOM   661 C  CE  . LYS A 1 85  ? 7.270   -21.883 -15.195 1.00 44.38 ? 85  LYS A CE  1 
ATOM   662 N  NZ  . LYS A 1 85  ? 6.416   -23.059 -14.895 1.00 47.51 ? 85  LYS A NZ  1 
ATOM   663 N  N   . ILE A 1 86  ? 4.838   -18.184 -10.259 1.00 30.12 ? 86  ILE A N   1 
ATOM   664 C  CA  . ILE A 1 86  ? 4.644   -17.981 -8.798  1.00 31.23 ? 86  ILE A CA  1 
ATOM   665 C  C   . ILE A 1 86  ? 5.272   -19.149 -8.060  1.00 31.48 ? 86  ILE A C   1 
ATOM   666 O  O   . ILE A 1 86  ? 5.069   -20.305 -8.426  1.00 32.61 ? 86  ILE A O   1 
ATOM   667 C  CB  . ILE A 1 86  ? 3.148   -17.868 -8.479  1.00 34.46 ? 86  ILE A CB  1 
ATOM   668 C  CG1 . ILE A 1 86  ? 2.505   -16.735 -9.277  1.00 35.92 ? 86  ILE A CG1 1 
ATOM   669 C  CG2 . ILE A 1 86  ? 2.924   -17.747 -6.981  1.00 36.34 ? 86  ILE A CG2 1 
ATOM   670 C  CD1 . ILE A 1 86  ? 3.145   -15.390 -9.059  1.00 34.15 ? 86  ILE A CD1 1 
ATOM   671 N  N   . PRO A 1 87  ? 6.015   -18.921 -6.960  1.00 28.56 ? 87  PRO A N   1 
ATOM   672 C  CA  . PRO A 1 87  ? 6.284   -17.583 -6.414  1.00 25.32 ? 87  PRO A CA  1 
ATOM   673 C  C   . PRO A 1 87  ? 7.438   -16.836 -7.103  1.00 23.21 ? 87  PRO A C   1 
ATOM   674 O  O   . PRO A 1 87  ? 8.352   -17.401 -7.687  1.00 22.67 ? 87  PRO A O   1 
ATOM   675 C  CB  . PRO A 1 87  ? 6.680   -17.924 -4.972  1.00 29.34 ? 87  PRO A CB  1 
ATOM   676 C  CG  . PRO A 1 87  ? 7.457   -19.197 -5.153  1.00 30.55 ? 87  PRO A CG  1 
ATOM   677 C  CD  . PRO A 1 87  ? 6.645   -19.983 -6.159  1.00 32.56 ? 87  PRO A CD  1 
ATOM   678 N  N   . ILE A 1 88  ? 7.377   -15.517 -6.984  1.00 17.92 ? 88  ILE A N   1 
ATOM   679 C  CA  . ILE A 1 88  ? 8.442   -14.596 -7.454  1.00 19.14 ? 88  ILE A CA  1 
ATOM   680 C  C   . ILE A 1 88  ? 9.633   -14.694 -6.487  1.00 17.86 ? 88  ILE A C   1 
ATOM   681 O  O   . ILE A 1 88  ? 9.452   -14.528 -5.252  1.00 18.23 ? 88  ILE A O   1 
ATOM   682 C  CB  . ILE A 1 88  ? 7.888   -13.167 -7.531  1.00 19.83 ? 88  ILE A CB  1 
ATOM   683 C  CG1 . ILE A 1 88  ? 6.683   -13.131 -8.468  1.00 21.78 ? 88  ILE A CG1 1 
ATOM   684 C  CG2 . ILE A 1 88  ? 8.991   -12.196 -7.936  1.00 22.85 ? 88  ILE A CG2 1 
ATOM   685 C  CD1 . ILE A 1 88  ? 5.811   -11.911 -8.324  1.00 23.02 ? 88  ILE A CD1 1 
ATOM   686 N  N   . THR A 1 89  ? 10.806  -15.029 -7.017  1.00 19.51 ? 89  THR A N   1 
ATOM   687 C  CA  . THR A 1 89  ? 11.995  -15.242 -6.155  1.00 20.55 ? 89  THR A CA  1 
ATOM   688 C  C   . THR A 1 89  ? 12.641  -13.892 -5.839  1.00 19.00 ? 89  THR A C   1 
ATOM   689 O  O   . THR A 1 89  ? 12.307  -12.920 -6.473  1.00 19.70 ? 89  THR A O   1 
ATOM   690 C  CB  . THR A 1 89  ? 13.025  -16.159 -6.821  1.00 23.13 ? 89  THR A CB  1 
ATOM   691 O  OG1 . THR A 1 89  ? 13.450  -15.485 -7.999  1.00 24.40 ? 89  THR A OG1 1 
ATOM   692 C  CG2 . THR A 1 89  ? 12.457  -17.519 -7.157  1.00 22.68 ? 89  THR A CG2 1 
ATOM   693 N  N   . ASP A 1 90  ? 13.575  -13.873 -4.915  1.00 19.09 ? 90  ASP A N   1 
ATOM   694 C  CA  . ASP A 1 90  ? 14.336  -12.658 -4.571  1.00 20.46 ? 90  ASP A CA  1 
ATOM   695 C  C   . ASP A 1 90  ? 15.149  -12.206 -5.788  1.00 22.35 ? 90  ASP A C   1 
ATOM   696 O  O   . ASP A 1 90  ? 15.173  -11.022 -6.039  1.00 22.01 ? 90  ASP A O   1 
ATOM   697 C  CB  . ASP A 1 90  ? 15.218  -12.911 -3.369  1.00 21.42 ? 90  ASP A CB  1 
ATOM   698 C  CG  . ASP A 1 90  ? 15.720  -11.619 -2.803  1.00 23.66 ? 90  ASP A CG  1 
ATOM   699 O  OD1 . ASP A 1 90  ? 14.937  -10.653 -2.869  1.00 21.87 ? 90  ASP A OD1 1 
ATOM   700 O  OD2 . ASP A 1 90  ? 16.861  -11.620 -2.272  1.00 25.31 ? 90  ASP A OD2 1 
ATOM   701 N  N   . GLU A 1 91  ? 15.767  -13.127 -6.512  1.00 24.88 ? 91  GLU A N   1 
ATOM   702 C  CA  . GLU A 1 91  ? 16.489  -12.832 -7.781  1.00 27.62 ? 91  GLU A CA  1 
ATOM   703 C  C   . GLU A 1 91  ? 15.546  -12.106 -8.761  1.00 26.01 ? 91  GLU A C   1 
ATOM   704 O  O   . GLU A 1 91  ? 15.927  -11.066 -9.327  1.00 28.00 ? 91  GLU A O   1 
ATOM   705 C  CB  . GLU A 1 91  ? 17.032  -14.152 -8.351  1.00 31.53 ? 91  GLU A CB  1 
ATOM   706 C  CG  . GLU A 1 91  ? 18.000  -14.914 -7.448  1.00 40.78 ? 91  GLU A CG  1 
ATOM   707 C  CD  . GLU A 1 91  ? 18.150  -16.425 -7.677  1.00 45.92 ? 91  GLU A CD  1 
ATOM   708 O  OE1 . GLU A 1 91  ? 19.294  -16.856 -7.952  1.00 43.23 ? 91  GLU A OE1 1 
ATOM   709 O  OE2 . GLU A 1 91  ? 17.143  -17.204 -7.523  1.00 46.67 ? 91  GLU A OE2 1 
ATOM   710 N  N   . GLU A 1 92  ? 14.327  -12.617 -8.967  1.00 23.72 ? 92  GLU A N   1 
ATOM   711 C  CA  . GLU A 1 92  ? 13.331  -12.054 -9.908  1.00 22.51 ? 92  GLU A CA  1 
ATOM   712 C  C   . GLU A 1 92  ? 12.869  -10.682 -9.398  1.00 23.55 ? 92  GLU A C   1 
ATOM   713 O  O   . GLU A 1 92  ? 12.614  -9.778  -10.229 1.00 25.53 ? 92  GLU A O   1 
ATOM   714 C  CB  . GLU A 1 92  ? 12.131  -12.989 -10.065 1.00 26.13 ? 92  GLU A CB  1 
ATOM   715 C  CG  . GLU A 1 92  ? 12.524  -14.234 -10.812 1.00 29.78 ? 92  GLU A CG  1 
ATOM   716 C  CD  . GLU A 1 92  ? 11.691  -15.478 -10.594 1.00 33.53 ? 92  GLU A CD  1 
ATOM   717 O  OE1 . GLU A 1 92  ? 10.705  -15.430 -9.816  1.00 35.87 ? 92  GLU A OE1 1 
ATOM   718 O  OE2 . GLU A 1 92  ? 12.051  -16.532 -11.211 1.00 39.21 ? 92  GLU A OE2 1 
ATOM   719 N  N   . LEU A 1 93  ? 12.637  -10.555 -8.097  1.00 20.09 ? 93  LEU A N   1 
ATOM   720 C  CA  . LEU A 1 93  ? 12.254  -9.249  -7.501  1.00 20.49 ? 93  LEU A CA  1 
ATOM   721 C  C   . LEU A 1 93  ? 13.382  -8.242  -7.736  1.00 22.22 ? 93  LEU A C   1 
ATOM   722 O  O   . LEU A 1 93  ? 13.076  -7.093  -8.069  1.00 20.78 ? 93  LEU A O   1 
ATOM   723 C  CB  . LEU A 1 93  ? 11.956  -9.388  -6.006  1.00 18.33 ? 93  LEU A CB  1 
ATOM   724 C  CG  . LEU A 1 93  ? 11.629  -8.079  -5.294  1.00 19.11 ? 93  LEU A CG  1 
ATOM   725 C  CD1 . LEU A 1 93  ? 10.429  -7.366  -5.965  1.00 20.32 ? 93  LEU A CD1 1 
ATOM   726 C  CD2 . LEU A 1 93  ? 11.376  -8.334  -3.809  1.00 19.63 ? 93  LEU A CD2 1 
ATOM   727 N  N   . LYS A 1 94  ? 14.637  -8.642  -7.520  1.00 21.20 ? 94  LYS A N   1 
ATOM   728 C  CA  . LYS A 1 94  ? 15.806  -7.747  -7.771  1.00 22.44 ? 94  LYS A CA  1 
ATOM   729 C  C   . LYS A 1 94  ? 15.823  -7.305  -9.246  1.00 22.79 ? 94  LYS A C   1 
ATOM   730 O  O   . LYS A 1 94  ? 16.091  -6.108  -9.505  1.00 26.20 ? 94  LYS A O   1 
ATOM   731 C  CB  . LYS A 1 94  ? 17.104  -8.436  -7.361  1.00 22.69 ? 94  LYS A CB  1 
ATOM   732 C  CG  . LYS A 1 94  ? 17.374  -8.496  -5.872  1.00 27.94 ? 94  LYS A CG  1 
ATOM   733 C  CD  . LYS A 1 94  ? 18.752  -9.023  -5.633  1.00 31.22 ? 94  LYS A CD  1 
ATOM   734 C  CE  . LYS A 1 94  ? 18.870  -10.016 -4.507  1.00 34.75 ? 94  LYS A CE  1 
ATOM   735 N  NZ  . LYS A 1 94  ? 20.004  -10.928 -4.780  1.00 36.86 ? 94  LYS A NZ  1 
ATOM   736 N  N   . GLN A 1 95  ? 15.544  -8.181  -10.202 1.00 24.03 ? 95  GLN A N   1 
ATOM   737 C  CA  . GLN A 1 95  ? 15.462  -7.813  -11.647 1.00 27.38 ? 95  GLN A CA  1 
ATOM   738 C  C   . GLN A 1 95  ? 14.366  -6.770  -11.883 1.00 27.85 ? 95  GLN A C   1 
ATOM   739 O  O   . GLN A 1 95  ? 14.594  -5.838  -12.636 1.00 26.70 ? 95  GLN A O   1 
ATOM   740 C  CB  . GLN A 1 95  ? 15.181  -9.010  -12.569 1.00 34.07 ? 95  GLN A CB  1 
ATOM   741 C  CG  . GLN A 1 95  ? 15.096  -8.614  -14.038 1.00 41.17 ? 95  GLN A CG  1 
ATOM   742 C  CD  . GLN A 1 95  ? 14.862  -9.771  -14.983 1.00 47.57 ? 95  GLN A CD  1 
ATOM   743 O  OE1 . GLN A 1 95  ? 13.744  -10.277 -15.114 1.00 51.08 ? 95  GLN A OE1 1 
ATOM   744 N  NE2 . GLN A 1 95  ? 15.920  -10.175 -15.670 1.00 49.48 ? 95  GLN A NE2 1 
ATOM   745 N  N   . ILE A 1 96  ? 13.192  -6.954  -11.278 1.00 23.91 ? 96  ILE A N   1 
ATOM   746 C  CA  . ILE A 1 96  ? 12.052  -5.997  -11.397 1.00 23.93 ? 96  ILE A CA  1 
ATOM   747 C  C   . ILE A 1 96  ? 12.518  -4.639  -10.847 1.00 22.70 ? 96  ILE A C   1 
ATOM   748 O  O   . ILE A 1 96  ? 12.284  -3.574  -11.480 1.00 25.15 ? 96  ILE A O   1 
ATOM   749 C  CB  . ILE A 1 96  ? 10.808  -6.567  -10.672 1.00 23.83 ? 96  ILE A CB  1 
ATOM   750 C  CG1 . ILE A 1 96  ? 10.217  -7.732  -11.471 1.00 26.96 ? 96  ILE A CG1 1 
ATOM   751 C  CG2 . ILE A 1 96  ? 9.801   -5.463  -10.363 1.00 25.44 ? 96  ILE A CG2 1 
ATOM   752 C  CD1 . ILE A 1 96  ? 9.207   -8.570  -10.711 1.00 28.51 ? 96  ILE A CD1 1 
ATOM   753 N  N   . LEU A 1 97  ? 13.177  -4.633  -9.693  1.00 23.17 ? 97  LEU A N   1 
ATOM   754 C  CA  . LEU A 1 97  ? 13.593  -3.368  -9.055  1.00 20.94 ? 97  LEU A CA  1 
ATOM   755 C  C   . LEU A 1 97  ? 14.658  -2.689  -9.917  1.00 22.85 ? 97  LEU A C   1 
ATOM   756 O  O   . LEU A 1 97  ? 14.648  -1.480  -9.989  1.00 22.51 ? 97  LEU A O   1 
ATOM   757 C  CB  . LEU A 1 97  ? 14.103  -3.665  -7.663  1.00 21.15 ? 97  LEU A CB  1 
ATOM   758 C  CG  . LEU A 1 97  ? 13.012  -4.096  -6.670  1.00 19.70 ? 97  LEU A CG  1 
ATOM   759 C  CD1 . LEU A 1 97  ? 13.696  -4.787  -5.494  1.00 21.67 ? 97  LEU A CD1 1 
ATOM   760 C  CD2 . LEU A 1 97  ? 12.209  -2.902  -6.177  1.00 18.68 ? 97  LEU A CD2 1 
ATOM   761 N  N   . GLU A 1 98  ? 15.590  -3.454  -10.465 1.00 24.91 ? 98  GLU A N   1 
ATOM   762 C  CA  . GLU A 1 98  ? 16.650  -2.873  -11.344 1.00 26.00 ? 98  GLU A CA  1 
ATOM   763 C  C   . GLU A 1 98  ? 15.976  -2.281  -12.592 1.00 27.88 ? 98  GLU A C   1 
ATOM   764 O  O   . GLU A 1 98  ? 16.364  -1.162  -12.946 1.00 25.57 ? 98  GLU A O   1 
ATOM   765 C  CB  . GLU A 1 98  ? 17.726  -3.921  -11.625 1.00 31.03 ? 98  GLU A CB  1 
ATOM   766 C  CG  . GLU A 1 98  ? 18.989  -3.360  -12.299 1.00 34.08 ? 98  GLU A CG  1 
ATOM   767 C  CD  . GLU A 1 98  ? 19.666  -2.209  -11.571 1.00 41.45 ? 98  GLU A CD  1 
ATOM   768 O  OE1 . GLU A 1 98  ? 19.277  -1.914  -10.423 1.00 49.35 ? 98  GLU A OE1 1 
ATOM   769 O  OE2 . GLU A 1 98  ? 20.593  -1.603  -12.155 1.00 45.79 ? 98  GLU A OE2 1 
ATOM   770 N  N   . GLN A 1 99  ? 14.965  -2.937  -13.167 1.00 28.72 ? 99  GLN A N   1 
ATOM   771 C  CA  . GLN A 1 99  ? 14.218  -2.432  -14.357 1.00 29.77 ? 99  GLN A CA  1 
ATOM   772 C  C   . GLN A 1 99  ? 13.557  -1.110  -13.972 1.00 28.23 ? 99  GLN A C   1 
ATOM   773 O  O   . GLN A 1 99  ? 13.652  -0.139  -14.737 1.00 29.99 ? 99  GLN A O   1 
ATOM   774 C  CB  . GLN A 1 99  ? 13.158  -3.415  -14.836 1.00 32.82 ? 99  GLN A CB  1 
ATOM   775 C  CG  . GLN A 1 99  ? 12.591  -3.111  -16.220 1.00 38.84 ? 99  GLN A CG  1 
ATOM   776 C  CD  . GLN A 1 99  ? 11.777  -1.840  -16.335 1.00 45.45 ? 99  GLN A CD  1 
ATOM   777 O  OE1 . GLN A 1 99  ? 11.068  -1.427  -15.412 1.00 48.42 ? 99  GLN A OE1 1 
ATOM   778 N  NE2 . GLN A 1 99  ? 11.876  -1.195  -17.492 1.00 45.25 ? 99  GLN A NE2 1 
ATOM   779 N  N   . ILE A 1 100 ? 12.922  -1.048  -12.801 1.00 25.63 ? 100 ILE A N   1 
ATOM   780 C  CA  . ILE A 1 100 ? 12.283  0.213   -12.345 1.00 25.61 ? 100 ILE A CA  1 
ATOM   781 C  C   . ILE A 1 100 ? 13.375  1.280   -12.230 1.00 24.54 ? 100 ILE A C   1 
ATOM   782 O  O   . ILE A 1 100 ? 13.148  2.433   -12.687 1.00 27.07 ? 100 ILE A O   1 
ATOM   783 C  CB  . ILE A 1 100 ? 11.529  0.035   -11.014 1.00 25.52 ? 100 ILE A CB  1 
ATOM   784 C  CG1 . ILE A 1 100 ? 10.352  -0.918  -11.210 1.00 26.21 ? 100 ILE A CG1 1 
ATOM   785 C  CG2 . ILE A 1 100 ? 11.097  1.403   -10.510 1.00 25.52 ? 100 ILE A CG2 1 
ATOM   786 C  CD1 . ILE A 1 100 ? 9.762   -1.439  -9.904  1.00 27.39 ? 100 ILE A CD1 1 
ATOM   787 N  N   . SER A 1 101 ? 14.506  0.946   -11.623 1.00 26.24 ? 101 SER A N   1 
ATOM   788 C  CA  . SER A 1 101 ? 15.612  1.913   -11.421 1.00 28.77 ? 101 SER A CA  1 
ATOM   789 C  C   . SER A 1 101 ? 16.113  2.429   -12.775 1.00 29.68 ? 101 SER A C   1 
ATOM   790 O  O   . SER A 1 101 ? 16.286  3.636   -12.912 1.00 32.31 ? 101 SER A O   1 
ATOM   791 C  CB  . SER A 1 101 ? 16.720  1.327   -10.637 1.00 27.99 ? 101 SER A CB  1 
ATOM   792 O  OG  . SER A 1 101 ? 17.583  2.373   -10.220 1.00 33.18 ? 101 SER A OG  1 
ATOM   793 N  N   . GLN A 1 102 ? 16.277  1.551   -13.764 1.00 34.98 ? 102 GLN A N   1 
ATOM   794 C  CA  . GLN A 1 102 ? 16.854  1.928   -15.084 1.00 35.70 ? 102 GLN A CA  1 
ATOM   795 C  C   . GLN A 1 102 ? 15.809  2.752   -15.851 1.00 33.07 ? 102 GLN A C   1 
ATOM   796 O  O   . GLN A 1 102 ? 16.214  3.711   -16.550 1.00 33.52 ? 102 GLN A O   1 
ATOM   797 C  CB  . GLN A 1 102 ? 17.310  0.675   -15.836 1.00 41.65 ? 102 GLN A CB  1 
ATOM   798 C  CG  . GLN A 1 102 ? 18.496  -0.036  -15.190 1.00 43.61 ? 102 GLN A CG  1 
ATOM   799 C  CD  . GLN A 1 102 ? 18.810  -1.340  -15.888 1.00 49.77 ? 102 GLN A CD  1 
ATOM   800 O  OE1 . GLN A 1 102 ? 18.100  -1.765  -16.796 1.00 53.36 ? 102 GLN A OE1 1 
ATOM   801 N  NE2 . GLN A 1 102 ? 19.887  -1.991  -15.472 1.00 51.27 ? 102 GLN A NE2 1 
ATOM   802 N  N   . GLN A 1 103 ? 14.515  2.466   -15.702 1.00 36.67 ? 103 GLN A N   1 
ATOM   803 C  CA  . GLN A 1 103 ? 13.428  3.181   -16.429 1.00 39.70 ? 103 GLN A CA  1 
ATOM   804 C  C   . GLN A 1 103 ? 13.326  4.624   -15.926 1.00 42.75 ? 103 GLN A C   1 
ATOM   805 O  O   . GLN A 1 103 ? 12.891  5.487   -16.702 1.00 44.47 ? 103 GLN A O   1 
ATOM   806 C  CB  . GLN A 1 103 ? 12.088  2.455   -16.287 1.00 46.91 ? 103 GLN A CB  1 
ATOM   807 C  CG  . GLN A 1 103 ? 10.910  3.184   -16.931 1.00 51.42 ? 103 GLN A CG  1 
ATOM   808 C  CD  . GLN A 1 103 ? 11.061  3.334   -18.426 1.00 55.78 ? 103 GLN A CD  1 
ATOM   809 O  OE1 . GLN A 1 103 ? 10.959  2.366   -19.176 1.00 61.14 ? 103 GLN A OE1 1 
ATOM   810 N  NE2 . GLN A 1 103 ? 11.317  4.554   -18.877 1.00 56.32 ? 103 GLN A NE2 1 
ATOM   811 N  N   . ASN A 1 104 ? 13.727  4.891   -14.684 1.00 36.50 ? 104 ASN A N   1 
ATOM   812 C  CA  . ASN A 1 104 ? 13.593  6.235   -14.063 1.00 39.39 ? 104 ASN A CA  1 
ATOM   813 C  C   . ASN A 1 104 ? 14.899  7.023   -14.229 1.00 39.13 ? 104 ASN A C   1 
ATOM   814 O  O   . ASN A 1 104 ? 14.809  8.255   -14.155 1.00 37.32 ? 104 ASN A O   1 
ATOM   815 C  CB  . ASN A 1 104 ? 13.055  6.117   -12.639 1.00 40.98 ? 104 ASN A CB  1 
ATOM   816 C  CG  . ASN A 1 104 ? 11.610  5.648   -12.619 1.00 42.37 ? 104 ASN A CG  1 
ATOM   817 O  OD1 . ASN A 1 104 ? 11.323  4.516   -12.225 1.00 45.43 ? 104 ASN A OD1 1 
ATOM   818 N  ND2 . ASN A 1 104 ? 10.693  6.476   -13.103 1.00 35.76 ? 104 ASN A ND2 1 
ATOM   819 N  N   . ARG A 1 105 ? 16.035  6.365   -14.511 1.00 39.61 ? 105 ARG A N   1 
ATOM   820 C  CA  . ARG A 1 105 ? 17.306  7.040   -14.903 1.00 47.70 ? 105 ARG A CA  1 
ATOM   821 C  C   . ARG A 1 105 ? 17.127  7.692   -16.274 1.00 50.64 ? 105 ARG A C   1 
ATOM   822 O  O   . ARG A 1 105 ? 17.478  8.881   -16.412 1.00 48.31 ? 105 ARG A O   1 
ATOM   823 C  CB  . ARG A 1 105 ? 18.486  6.065   -14.940 1.00 50.54 ? 105 ARG A CB  1 
ATOM   824 C  CG  . ARG A 1 105 ? 18.961  5.632   -13.561 1.00 55.04 ? 105 ARG A CG  1 
ATOM   825 C  CD  . ARG A 1 105 ? 20.460  5.433   -13.524 1.00 62.62 ? 105 ARG A CD  1 
ATOM   826 N  NE  . ARG A 1 105 ? 20.937  4.916   -12.246 1.00 64.01 ? 105 ARG A NE  1 
ATOM   827 C  CZ  . ARG A 1 105 ? 20.966  3.631   -11.891 1.00 66.17 ? 105 ARG A CZ  1 
ATOM   828 N  NH1 . ARG A 1 105 ? 20.518  2.689   -12.708 1.00 69.80 ? 105 ARG A NH1 1 
ATOM   829 N  NH2 . ARG A 1 105 ? 21.444  3.294   -10.704 1.00 65.51 ? 105 ARG A NH2 1 
ATOM   830 N  N   . ARG A 1 106 ? 16.558  6.956   -17.229 1.00 55.30 ? 106 ARG A N   1 
ATOM   831 C  CA  . ARG A 1 106 ? 16.330  7.442   -18.615 1.00 54.71 ? 106 ARG A CA  1 
ATOM   832 C  C   . ARG A 1 106 ? 15.230  8.515   -18.635 1.00 54.63 ? 106 ARG A C   1 
ATOM   833 O  O   . ARG A 1 106 ? 15.129  9.213   -19.666 1.00 61.55 ? 106 ARG A O   1 
ATOM   834 C  CB  . ARG A 1 106 ? 16.030  6.276   -19.564 1.00 59.33 ? 106 ARG A CB  1 
ATOM   835 C  CG  . ARG A 1 106 ? 14.725  5.536   -19.301 1.00 61.03 ? 106 ARG A CG  1 
ATOM   836 C  CD  . ARG A 1 106 ? 14.589  4.331   -20.220 1.00 64.90 ? 106 ARG A CD  1 
ATOM   837 N  NE  . ARG A 1 106 ? 15.549  3.293   -19.856 1.00 66.18 ? 106 ARG A NE  1 
ATOM   838 C  CZ  . ARG A 1 106 ? 15.247  2.084   -19.382 1.00 65.36 ? 106 ARG A CZ  1 
ATOM   839 N  NH1 . ARG A 1 106 ? 13.988  1.705   -19.234 1.00 65.62 ? 106 ARG A NH1 1 
ATOM   840 N  NH2 . ARG A 1 106 ? 16.219  1.242   -19.077 1.00 64.11 ? 106 ARG A NH2 1 
ATOM   841 N  N   . ASP A 1 107 ? 14.434  8.651   -17.568 1.00 48.98 ? 107 ASP A N   1 
ATOM   842 C  CA  . ASP A 1 107 ? 13.383  9.702   -17.460 1.00 46.63 ? 107 ASP A CA  1 
ATOM   843 C  C   . ASP A 1 107 ? 13.832  10.811  -16.499 1.00 40.00 ? 107 ASP A C   1 
ATOM   844 O  O   . ASP A 1 107 ? 13.063  11.761  -16.320 1.00 35.28 ? 107 ASP A O   1 
ATOM   845 C  CB  . ASP A 1 107 ? 12.041  9.113   -17.030 1.00 48.53 ? 107 ASP A CB  1 
ATOM   846 C  CG  . ASP A 1 107 ? 11.560  8.019   -17.964 1.00 55.53 ? 107 ASP A CG  1 
ATOM   847 O  OD1 . ASP A 1 107 ? 12.137  7.901   -19.070 1.00 56.94 ? 107 ASP A OD1 1 
ATOM   848 O  OD2 . ASP A 1 107 ? 10.631  7.281   -17.571 1.00 58.92 ? 107 ASP A OD2 1 
ATOM   849 N  N   . PHE A 1 108 ? 15.019  10.705  -15.900 1.00 39.29 ? 108 PHE A N   1 
ATOM   850 C  CA  . PHE A 1 108 ? 15.557  11.747  -14.990 1.00 43.08 ? 108 PHE A CA  1 
ATOM   851 C  C   . PHE A 1 108 ? 15.881  13.007  -15.810 1.00 47.51 ? 108 PHE A C   1 
ATOM   852 O  O   . PHE A 1 108 ? 16.646  12.918  -16.786 1.00 52.87 ? 108 PHE A O   1 
ATOM   853 C  CB  . PHE A 1 108 ? 16.789  11.212  -14.249 1.00 47.51 ? 108 PHE A CB  1 
ATOM   854 C  CG  . PHE A 1 108 ? 17.159  11.964  -12.997 1.00 49.05 ? 108 PHE A CG  1 
ATOM   855 C  CD1 . PHE A 1 108 ? 17.902  13.130  -13.055 1.00 51.74 ? 108 PHE A CD1 1 
ATOM   856 C  CD2 . PHE A 1 108 ? 16.794  11.480  -11.748 1.00 52.72 ? 108 PHE A CD2 1 
ATOM   857 C  CE1 . PHE A 1 108 ? 18.256  13.803  -11.894 1.00 50.87 ? 108 PHE A CE1 1 
ATOM   858 C  CE2 . PHE A 1 108 ? 17.149  12.155  -10.589 1.00 51.47 ? 108 PHE A CE2 1 
ATOM   859 C  CZ  . PHE A 1 108 ? 17.882  13.315  -10.664 1.00 48.50 ? 108 PHE A CZ  1 
HETATM 860 O  O1  . PG4 B 2 .   ? 6.295   1.652   -7.584  1.00 43.82 ? 201 PG4 A O1  1 
HETATM 861 C  C1  . PG4 B 2 .   ? 7.092   0.805   -8.336  1.00 51.47 ? 201 PG4 A C1  1 
HETATM 862 C  C2  . PG4 B 2 .   ? 6.273   0.519   -9.603  1.00 50.96 ? 201 PG4 A C2  1 
HETATM 863 O  O2  . PG4 B 2 .   ? 6.885   1.154   -10.756 1.00 58.92 ? 201 PG4 A O2  1 
HETATM 864 C  C3  . PG4 B 2 .   ? 6.409   2.397   -11.240 1.00 55.41 ? 201 PG4 A C3  1 
HETATM 865 C  C4  . PG4 B 2 .   ? 6.246   2.195   -12.753 1.00 56.36 ? 201 PG4 A C4  1 
HETATM 866 O  O3  . PG4 B 2 .   ? 5.114   1.333   -12.952 1.00 45.71 ? 201 PG4 A O3  1 
HETATM 867 C  C5  . PG4 B 2 .   ? 4.951   0.460   -14.071 1.00 46.60 ? 201 PG4 A C5  1 
HETATM 868 C  C6  . PG4 B 2 .   ? 6.264   -0.262  -14.432 1.00 42.80 ? 201 PG4 A C6  1 
HETATM 869 O  O4  . PG4 B 2 .   ? 6.638   -1.157  -13.377 1.00 52.62 ? 201 PG4 A O4  1 
HETATM 870 C  C7  . PG4 B 2 .   ? 5.726   -2.232  -13.176 1.00 44.66 ? 201 PG4 A C7  1 
HETATM 871 C  C8  . PG4 B 2 .   ? 6.489   -3.551  -12.867 1.00 46.10 ? 201 PG4 A C8  1 
HETATM 872 O  O5  . PG4 B 2 .   ? 6.067   -4.110  -11.606 1.00 48.71 ? 201 PG4 A O5  1 
HETATM 873 NA NA  . NA  C 3 .   ? 14.167  -16.565 -3.222  1.00 21.13 ? 202 NA  A NA  1 
HETATM 874 O  O   . HOH D 4 .   ? 6.776   3.510   -8.779  1.00 45.86 ? 301 HOH A O   1 
HETATM 875 O  O   . HOH D 4 .   ? 7.207   -15.550 4.116   1.00 36.71 ? 302 HOH A O   1 
HETATM 876 O  O   . HOH D 4 .   ? -29.455 30.500  9.443   1.00 35.19 ? 303 HOH A O   1 
HETATM 877 O  O   . HOH D 4 .   ? -15.510 7.365   6.165   1.00 41.87 ? 304 HOH A O   1 
HETATM 878 O  O   . HOH D 4 .   ? -6.299  -13.730 4.021   1.00 39.80 ? 305 HOH A O   1 
HETATM 879 O  O   . HOH D 4 .   ? -15.548 8.331   14.991  1.00 42.46 ? 306 HOH A O   1 
HETATM 880 O  O   . HOH D 4 .   ? 5.286   -6.741  5.048   1.00 47.29 ? 307 HOH A O   1 
HETATM 881 O  O   . HOH D 4 .   ? 8.505   -15.469 -11.189 1.00 43.21 ? 308 HOH A O   1 
HETATM 882 O  O   . HOH D 4 .   ? 6.842   1.663   6.395   1.00 31.34 ? 309 HOH A O   1 
HETATM 883 O  O   . HOH D 4 .   ? 16.365  -15.800 -5.581  1.00 29.45 ? 310 HOH A O   1 
HETATM 884 O  O   . HOH D 4 .   ? -21.488 6.397   13.449  1.00 39.21 ? 311 HOH A O   1 
HETATM 885 O  O   . HOH D 4 .   ? 4.312   -19.778 -2.718  1.00 34.18 ? 312 HOH A O   1 
HETATM 886 O  O   . HOH D 4 .   ? -22.149 30.042  23.144  1.00 30.91 ? 313 HOH A O   1 
HETATM 887 O  O   . HOH D 4 .   ? -31.071 32.263  15.981  1.00 53.57 ? 314 HOH A O   1 
HETATM 888 O  O   . HOH D 4 .   ? 9.588   -13.806 4.456   1.00 36.55 ? 315 HOH A O   1 
HETATM 889 O  O   . HOH D 4 .   ? -2.265  -9.863  -19.524 1.00 57.86 ? 316 HOH A O   1 
HETATM 890 O  O   . HOH D 4 .   ? 0.764   -18.866 -14.975 1.00 25.45 ? 317 HOH A O   1 
HETATM 891 O  O   . HOH D 4 .   ? -26.861 32.847  20.936  1.00 42.57 ? 318 HOH A O   1 
HETATM 892 O  O   . HOH D 4 .   ? 15.467  -10.550 1.219   1.00 31.99 ? 319 HOH A O   1 
HETATM 893 O  O   . HOH D 4 .   ? -12.817 13.471  17.580  1.00 49.90 ? 320 HOH A O   1 
HETATM 894 O  O   . HOH D 4 .   ? -9.864  12.361  4.451   1.00 34.35 ? 321 HOH A O   1 
HETATM 895 O  O   . HOH D 4 .   ? -22.423 32.774  22.811  1.00 24.71 ? 322 HOH A O   1 
HETATM 896 O  O   . HOH D 4 .   ? -4.016  -12.457 -17.746 1.00 34.09 ? 323 HOH A O   1 
HETATM 897 O  O   . HOH D 4 .   ? -10.487 14.678  5.863   1.00 40.24 ? 324 HOH A O   1 
HETATM 898 O  O   . HOH D 4 .   ? -11.454 19.437  8.979   1.00 32.88 ? 325 HOH A O   1 
HETATM 899 O  O   . HOH D 4 .   ? -29.316 34.597  12.906  1.00 33.43 ? 326 HOH A O   1 
HETATM 900 O  O   . HOH D 4 .   ? 18.755  -12.981 -3.588  1.00 49.19 ? 327 HOH A O   1 
HETATM 901 O  O   . HOH D 4 .   ? 18.460  -10.476 -10.033 1.00 33.16 ? 328 HOH A O   1 
HETATM 902 O  O   . HOH D 4 .   ? 9.189   -19.776 -8.655  1.00 36.81 ? 329 HOH A O   1 
HETATM 903 O  O   . HOH D 4 .   ? 21.066  -10.437 -2.347  1.00 34.72 ? 330 HOH A O   1 
HETATM 904 O  O   . HOH D 4 .   ? 14.385  5.977   2.154   1.00 34.49 ? 331 HOH A O   1 
HETATM 905 O  O   . HOH D 4 .   ? -21.666 36.236  19.683  1.00 30.21 ? 332 HOH A O   1 
HETATM 906 O  O   . HOH D 4 .   ? -23.485 24.853  22.198  1.00 41.37 ? 333 HOH A O   1 
HETATM 907 O  O   . HOH D 4 .   ? -16.948 10.424  15.334  1.00 32.82 ? 334 HOH A O   1 
HETATM 908 O  O   . HOH D 4 .   ? -5.390  -7.850  -10.140 1.00 41.83 ? 335 HOH A O   1 
HETATM 909 O  O   . HOH D 4 .   ? -0.987  -16.757 2.847   1.00 37.71 ? 336 HOH A O   1 
HETATM 910 O  O   . HOH D 4 .   ? -21.516 20.334  10.225  1.00 28.74 ? 337 HOH A O   1 
HETATM 911 O  O   . HOH D 4 .   ? 6.103   -18.476 -1.116  1.00 31.87 ? 338 HOH A O   1 
HETATM 912 O  O   . HOH D 4 .   ? 6.526   -15.638 1.427   1.00 27.54 ? 339 HOH A O   1 
HETATM 913 O  O   . HOH D 4 .   ? -15.855 -2.438  10.097  1.00 44.11 ? 340 HOH A O   1 
HETATM 914 O  O   . HOH D 4 .   ? -27.662 27.533  4.938   1.00 34.25 ? 341 HOH A O   1 
HETATM 915 O  O   . HOH D 4 .   ? -6.080  10.803  4.288   1.00 35.17 ? 342 HOH A O   1 
HETATM 916 O  O   . HOH D 4 .   ? 11.971  -10.880 -13.043 1.00 42.31 ? 343 HOH A O   1 
HETATM 917 O  O   . HOH D 4 .   ? 10.263  -3.740  -13.431 1.00 44.80 ? 344 HOH A O   1 
HETATM 918 O  O   . HOH D 4 .   ? 7.613   -15.192 8.075   1.00 53.71 ? 345 HOH A O   1 
HETATM 919 O  O   . HOH D 4 .   ? -17.510 11.193  8.185   1.00 34.03 ? 346 HOH A O   1 
HETATM 920 O  O   . HOH D 4 .   ? -25.379 24.352  20.548  1.00 34.66 ? 347 HOH A O   1 
HETATM 921 O  O   . HOH D 4 .   ? 10.758  7.512   3.027   1.00 41.17 ? 348 HOH A O   1 
HETATM 922 O  O   . HOH D 4 .   ? 13.929  0.298   -7.886  1.00 29.23 ? 349 HOH A O   1 
HETATM 923 O  O   . HOH D 4 .   ? 16.565  5.768   -11.042 1.00 45.11 ? 350 HOH A O   1 
HETATM 924 O  O   . HOH D 4 .   ? -11.444 11.155  2.923   1.00 43.04 ? 351 HOH A O   1 
HETATM 925 O  O   . HOH D 4 .   ? 0.882   -5.185  -12.426 1.00 37.85 ? 352 HOH A O   1 
HETATM 926 O  O   . HOH D 4 .   ? 17.761  15.478  -16.091 1.00 46.11 ? 353 HOH A O   1 
HETATM 927 O  O   . HOH D 4 .   ? -2.270  1.208   -2.190  1.00 32.86 ? 354 HOH A O   1 
HETATM 928 O  O   . HOH D 4 .   ? 15.118  -16.794 -9.980  1.00 38.02 ? 355 HOH A O   1 
HETATM 929 O  O   . HOH D 4 .   ? 1.539   4.298   -3.330  1.00 41.88 ? 356 HOH A O   1 
HETATM 930 O  O   . HOH D 4 .   ? 16.141  -7.955  1.772   1.00 33.56 ? 357 HOH A O   1 
HETATM 931 O  O   . HOH D 4 .   ? -13.019 7.147   5.395   1.00 33.91 ? 358 HOH A O   1 
HETATM 932 O  O   . HOH D 4 .   ? 5.408   -5.686  2.468   1.00 35.56 ? 359 HOH A O   1 
HETATM 933 O  O   . HOH D 4 .   ? -15.239 14.927  7.166   1.00 45.70 ? 360 HOH A O   1 
HETATM 934 O  O   . HOH D 4 .   ? -4.490  -8.596  -12.478 1.00 31.47 ? 361 HOH A O   1 
HETATM 935 O  O   . HOH D 4 .   ? -9.781  -5.102  10.160  1.00 43.18 ? 362 HOH A O   1 
HETATM 936 O  O   . HOH D 4 .   ? 6.070   -21.433 -10.961 1.00 57.03 ? 363 HOH A O   1 
HETATM 937 O  O   . HOH D 4 .   ? -4.001  -0.581  1.803   1.00 37.92 ? 364 HOH A O   1 
HETATM 938 O  O   . HOH D 4 .   ? 7.416   -3.103  6.790   1.00 27.87 ? 365 HOH A O   1 
HETATM 939 O  O   . HOH D 4 .   ? -0.577  1.409   -6.674  1.00 32.56 ? 366 HOH A O   1 
HETATM 940 O  O   . HOH D 4 .   ? 6.182   -8.138  1.922   1.00 32.39 ? 367 HOH A O   1 
HETATM 941 O  O   . HOH D 4 .   ? -25.494 34.369  18.523  1.00 33.38 ? 368 HOH A O   1 
HETATM 942 O  O   . HOH D 4 .   ? 3.289   -8.821  -18.116 1.00 56.07 ? 369 HOH A O   1 
HETATM 943 O  O   . HOH D 4 .   ? -8.769  -3.111  10.956  1.00 46.14 ? 370 HOH A O   1 
HETATM 944 O  O   . HOH D 4 .   ? -1.995  -4.100  9.044   1.00 48.42 ? 371 HOH A O   1 
HETATM 945 O  O   . HOH D 4 .   ? 1.893   -18.820 -12.486 1.00 29.49 ? 372 HOH A O   1 
HETATM 946 O  O   . HOH D 4 .   ? -6.179  1.535   1.776   1.00 27.25 ? 373 HOH A O   1 
HETATM 947 O  O   . HOH D 4 .   ? -14.781 10.810  2.963   1.00 50.93 ? 374 HOH A O   1 
HETATM 948 O  O   . HOH D 4 .   ? 8.317   6.137   -0.777  1.00 26.44 ? 375 HOH A O   1 
HETATM 949 O  O   . HOH D 4 .   ? 15.371  -2.664  -18.475 1.00 47.12 ? 376 HOH A O   1 
HETATM 950 O  O   . HOH D 4 .   ? 4.850   -2.884  -15.590 1.00 46.55 ? 377 HOH A O   1 
HETATM 951 O  O   . HOH D 4 .   ? 7.267   -3.727  -15.405 1.00 37.45 ? 378 HOH A O   1 
HETATM 952 O  O   . HOH D 4 .   ? -0.532  2.754   -3.880  1.00 38.03 ? 379 HOH A O   1 
HETATM 953 O  O   . HOH D 4 .   ? -2.937  -3.217  -9.285  1.00 38.22 ? 380 HOH A O   1 
HETATM 954 O  O   . HOH D 4 .   ? 19.509  -5.869  -9.413  1.00 48.82 ? 381 HOH A O   1 
HETATM 955 O  O   . HOH D 4 .   ? -6.176  -5.641  10.696  1.00 45.06 ? 382 HOH A O   1 
HETATM 956 O  O   . HOH D 4 .   ? 21.667  -18.672 -6.224  1.00 37.96 ? 383 HOH A O   1 
HETATM 957 O  O   . HOH D 4 .   ? 18.828  -7.645  -11.321 1.00 34.25 ? 384 HOH A O   1 
HETATM 958 O  O   . HOH D 4 .   ? -30.119 34.291  15.051  1.00 42.62 ? 385 HOH A O   1 
HETATM 959 O  O   . HOH D 4 .   ? 8.993   -15.800 -13.949 1.00 40.66 ? 386 HOH A O   1 
HETATM 960 O  O   . HOH D 4 .   ? 12.243  -7.010  -15.130 1.00 47.23 ? 387 HOH A O   1 
HETATM 961 O  O   . HOH D 4 .   ? -0.525  -5.806  8.111   1.00 52.05 ? 388 HOH A O   1 
HETATM 962 O  O   . HOH D 4 .   ? -26.119 21.483  14.655  0.50 22.92 ? 389 HOH A O   1 
HETATM 963 O  O   . HOH D 4 .   ? 19.033  6.628   -19.894 1.00 57.07 ? 390 HOH A O   1 
HETATM 964 O  O   . HOH D 4 .   ? 15.945  8.485   -10.566 1.00 54.35 ? 391 HOH A O   1 
HETATM 965 O  O   . HOH D 4 .   ? -16.929 9.224   6.492   1.00 39.51 ? 392 HOH A O   1 
HETATM 966 O  O   . HOH D 4 .   ? 10.308  -5.288  -15.568 1.00 48.24 ? 393 HOH A O   1 
HETATM 967 O  O   . HOH D 4 .   ? -23.195 24.815  24.698  1.00 40.78 ? 394 HOH A O   1 
HETATM 968 O  O   . HOH D 4 .   ? 5.316   5.378   -6.363  1.00 46.51 ? 395 HOH A O   1 
HETATM 969 O  O   . HOH D 4 .   ? 15.961  -15.615 -12.042 1.00 49.29 ? 396 HOH A O   1 
HETATM 970 O  O   . HOH D 4 .   ? -7.272  1.294   13.548  1.00 46.45 ? 397 HOH A O   1 
HETATM 971 O  O   . HOH D 4 .   ? 13.350  2.931   -8.031  1.00 29.06 ? 398 HOH A O   1 
HETATM 972 O  O   . HOH D 4 .   ? 8.153   -0.838  -19.545 1.00 46.33 ? 399 HOH A O   1 
HETATM 973 O  O   . HOH D 4 .   ? 0.324   -6.036  -20.133 1.00 48.30 ? 400 HOH A O   1 
HETATM 974 O  O   . HOH D 4 .   ? 0.745   -1.318  -15.214 1.00 46.86 ? 401 HOH A O   1 
HETATM 975 O  O   . HOH D 4 .   ? -8.802  -10.488 -12.429 1.00 49.07 ? 402 HOH A O   1 
HETATM 976 O  O   . HOH D 4 .   ? 9.462   -8.120  -16.215 1.00 47.66 ? 403 HOH A O   1 
HETATM 977 O  O   . HOH D 4 .   ? -5.632  3.846   17.642  1.00 52.33 ? 404 HOH A O   1 
# 
loop_
_pdbx_poly_seq_scheme.asym_id 
_pdbx_poly_seq_scheme.entity_id 
_pdbx_poly_seq_scheme.seq_id 
_pdbx_poly_seq_scheme.mon_id 
_pdbx_poly_seq_scheme.ndb_seq_num 
_pdbx_poly_seq_scheme.pdb_seq_num 
_pdbx_poly_seq_scheme.auth_seq_num 
_pdbx_poly_seq_scheme.pdb_mon_id 
_pdbx_poly_seq_scheme.auth_mon_id 
_pdbx_poly_seq_scheme.pdb_strand_id 
_pdbx_poly_seq_scheme.pdb_ins_code 
_pdbx_poly_seq_scheme.hetero 
A 1 1   MET 1   1   ?   ?   ?   A . n 
A 1 2   SER 2   2   ?   ?   ?   A . n 
A 1 3   THR 3   3   ?   ?   ?   A . n 
A 1 4   PRO 4   4   ?   ?   ?   A . n 
A 1 5   ASN 5   5   ?   ?   ?   A . n 
A 1 6   SER 6   6   6   SER SER A . n 
A 1 7   TYR 7   7   7   TYR TYR A . n 
A 1 8   ASP 8   8   8   ASP ASP A . n 
A 1 9   ASP 9   9   9   ASP ASP A . n 
A 1 10  GLU 10  10  10  GLU GLU A . n 
A 1 11  GLU 11  11  11  GLU GLU A . n 
A 1 12  LEU 12  12  12  LEU LEU A . n 
A 1 13  GLU 13  13  13  GLU GLU A . n 
A 1 14  GLU 14  14  14  GLU GLU A . n 
A 1 15  LEU 15  15  15  LEU LEU A . n 
A 1 16  LEU 16  16  16  LEU LEU A . n 
A 1 17  ARG 17  17  17  ARG ARG A . n 
A 1 18  ARG 18  18  18  ARG ARG A . n 
A 1 19  LYS 19  19  19  LYS LYS A . n 
A 1 20  ALA 20  20  20  ALA ALA A . n 
A 1 21  ALA 21  21  21  ALA ALA A . n 
A 1 22  GLN 22  22  22  GLN GLN A . n 
A 1 23  GLU 23  23  23  GLU GLU A . n 
A 1 24  GLN 24  24  24  GLN GLN A . n 
A 1 25  LYS 25  25  25  LYS LYS A . n 
A 1 26  ARG 26  26  26  ARG ARG A . n 
A 1 27  ILE 27  27  27  ILE ILE A . n 
A 1 28  GLU 28  28  28  GLU GLU A . n 
A 1 29  GLU 29  29  29  GLU GLU A . n 
A 1 30  GLU 30  30  30  GLU GLU A . n 
A 1 31  ARG 31  31  31  ARG ARG A . n 
A 1 32  LYS 32  32  32  LYS LYS A . n 
A 1 33  ARG 33  33  33  ARG ARG A . n 
A 1 34  LYS 34  34  34  LYS LYS A . n 
A 1 35  ALA 35  35  35  ALA ALA A . n 
A 1 36  GLU 36  36  36  GLU GLU A . n 
A 1 37  LEU 37  37  37  LEU LEU A . n 
A 1 38  GLU 38  38  38  GLU GLU A . n 
A 1 39  SER 39  39  39  SER SER A . n 
A 1 40  GLN 40  40  40  GLN GLN A . n 
A 1 41  LYS 41  41  41  LYS LYS A . n 
A 1 42  GLU 42  42  42  GLU GLU A . n 
A 1 43  SER 43  43  43  SER SER A . n 
A 1 44  ILE 44  44  44  ILE ILE A . n 
A 1 45  LEU 45  45  45  LEU LEU A . n 
A 1 46  ARG 46  46  46  ARG ARG A . n 
A 1 47  VAL 47  47  47  VAL VAL A . n 
A 1 48  ILE 48  48  48  ILE ILE A . n 
A 1 49  LEU 49  49  49  LEU LEU A . n 
A 1 50  THR 50  50  50  THR THR A . n 
A 1 51  PRO 51  51  51  PRO PRO A . n 
A 1 52  GLU 52  52  52  GLU GLU A . n 
A 1 53  ALA 53  53  53  ALA ALA A . n 
A 1 54  ARG 54  54  54  ARG ARG A . n 
A 1 55  GLN 55  55  55  GLN GLN A . n 
A 1 56  ARG 56  56  56  ARG ARG A . n 
A 1 57  LEU 57  57  57  LEU LEU A . n 
A 1 58  THR 58  58  58  THR THR A . n 
A 1 59  ASN 59  59  59  ASN ASN A . n 
A 1 60  ILE 60  60  60  ILE ILE A . n 
A 1 61  LYS 61  61  61  LYS LYS A . n 
A 1 62  LEU 62  62  62  LEU LEU A . n 
A 1 63  VAL 63  63  63  VAL VAL A . n 
A 1 64  LYS 64  64  64  LYS LYS A . n 
A 1 65  PRO 65  65  65  PRO PRO A . n 
A 1 66  GLU 66  66  66  GLU GLU A . n 
A 1 67  PHE 67  67  67  PHE PHE A . n 
A 1 68  ALA 68  68  68  ALA ALA A . n 
A 1 69  GLU 69  69  69  GLU GLU A . n 
A 1 70  SER 70  70  70  SER SER A . n 
A 1 71  LEU 71  71  71  LEU LEU A . n 
A 1 72  GLU 72  72  72  GLU GLU A . n 
A 1 73  ASN 73  73  73  ASN ASN A . n 
A 1 74  GLN 74  74  74  GLN GLN A . n 
A 1 75  LEU 75  75  75  LEU LEU A . n 
A 1 76  ILE 76  76  76  ILE ILE A . n 
A 1 77  ALA 77  77  77  ALA ALA A . n 
A 1 78  LEU 78  78  78  LEU LEU A . n 
A 1 79  ALA 79  79  79  ALA ALA A . n 
A 1 80  GLN 80  80  80  GLN GLN A . n 
A 1 81  SER 81  81  81  SER SER A . n 
A 1 82  GLY 82  82  82  GLY GLY A . n 
A 1 83  ARG 83  83  83  ARG ARG A . n 
A 1 84  ILE 84  84  84  ILE ILE A . n 
A 1 85  LYS 85  85  85  LYS LYS A . n 
A 1 86  ILE 86  86  86  ILE ILE A . n 
A 1 87  PRO 87  87  87  PRO PRO A . n 
A 1 88  ILE 88  88  88  ILE ILE A . n 
A 1 89  THR 89  89  89  THR THR A . n 
A 1 90  ASP 90  90  90  ASP ASP A . n 
A 1 91  GLU 91  91  91  GLU GLU A . n 
A 1 92  GLU 92  92  92  GLU GLU A . n 
A 1 93  LEU 93  93  93  LEU LEU A . n 
A 1 94  LYS 94  94  94  LYS LYS A . n 
A 1 95  GLN 95  95  95  GLN GLN A . n 
A 1 96  ILE 96  96  96  ILE ILE A . n 
A 1 97  LEU 97  97  97  LEU LEU A . n 
A 1 98  GLU 98  98  98  GLU GLU A . n 
A 1 99  GLN 99  99  99  GLN GLN A . n 
A 1 100 ILE 100 100 100 ILE ILE A . n 
A 1 101 SER 101 101 101 SER SER A . n 
A 1 102 GLN 102 102 102 GLN GLN A . n 
A 1 103 GLN 103 103 103 GLN GLN A . n 
A 1 104 ASN 104 104 104 ASN ASN A . n 
A 1 105 ARG 105 105 105 ARG ARG A . n 
A 1 106 ARG 106 106 106 ARG ARG A . n 
A 1 107 ASP 107 107 107 ASP ASP A . n 
A 1 108 PHE 108 108 108 PHE PHE A . n 
A 1 109 LYS 109 109 ?   ?   ?   A . n 
A 1 110 ILE 110 110 ?   ?   ?   A . n 
A 1 111 GLN 111 111 ?   ?   ?   A . n 
A 1 112 ILE 112 112 ?   ?   ?   A . n 
A 1 113 ARG 113 113 ?   ?   ?   A . n 
A 1 114 GLU 114 114 ?   ?   ?   A . n 
A 1 115 ARG 115 115 ?   ?   ?   A . n 
A 1 116 GLY 116 116 ?   ?   ?   A . n 
A 1 117 TRP 117 117 ?   ?   ?   A . n 
A 1 118 LYS 118 118 ?   ?   ?   A . n 
# 
loop_
_pdbx_nonpoly_scheme.asym_id 
_pdbx_nonpoly_scheme.entity_id 
_pdbx_nonpoly_scheme.mon_id 
_pdbx_nonpoly_scheme.ndb_seq_num 
_pdbx_nonpoly_scheme.pdb_seq_num 
_pdbx_nonpoly_scheme.auth_seq_num 
_pdbx_nonpoly_scheme.pdb_mon_id 
_pdbx_nonpoly_scheme.auth_mon_id 
_pdbx_nonpoly_scheme.pdb_strand_id 
_pdbx_nonpoly_scheme.pdb_ins_code 
B 2 PG4 1   201 201 PG4 PEG A . 
C 3 NA  1   202 1   NA  NA  A . 
D 4 HOH 1   301 100 HOH HOH A . 
D 4 HOH 2   302 35  HOH HOH A . 
D 4 HOH 3   303 59  HOH HOH A . 
D 4 HOH 4   304 30  HOH HOH A . 
D 4 HOH 5   305 52  HOH HOH A . 
D 4 HOH 6   306 72  HOH HOH A . 
D 4 HOH 7   307 73  HOH HOH A . 
D 4 HOH 8   308 15  HOH HOH A . 
D 4 HOH 9   309 11  HOH HOH A . 
D 4 HOH 10  310 94  HOH HOH A . 
D 4 HOH 11  311 62  HOH HOH A . 
D 4 HOH 12  312 16  HOH HOH A . 
D 4 HOH 13  313 10  HOH HOH A . 
D 4 HOH 14  314 47  HOH HOH A . 
D 4 HOH 15  315 14  HOH HOH A . 
D 4 HOH 16  316 80  HOH HOH A . 
D 4 HOH 17  317 7   HOH HOH A . 
D 4 HOH 18  318 83  HOH HOH A . 
D 4 HOH 19  319 6   HOH HOH A . 
D 4 HOH 20  320 102 HOH HOH A . 
D 4 HOH 21  321 33  HOH HOH A . 
D 4 HOH 22  322 1   HOH HOH A . 
D 4 HOH 23  323 13  HOH HOH A . 
D 4 HOH 24  324 26  HOH HOH A . 
D 4 HOH 25  325 41  HOH HOH A . 
D 4 HOH 26  326 22  HOH HOH A . 
D 4 HOH 27  327 37  HOH HOH A . 
D 4 HOH 28  328 48  HOH HOH A . 
D 4 HOH 29  329 42  HOH HOH A . 
D 4 HOH 30  330 31  HOH HOH A . 
D 4 HOH 31  331 69  HOH HOH A . 
D 4 HOH 32  332 5   HOH HOH A . 
D 4 HOH 33  333 25  HOH HOH A . 
D 4 HOH 34  334 18  HOH HOH A . 
D 4 HOH 35  335 36  HOH HOH A . 
D 4 HOH 36  336 28  HOH HOH A . 
D 4 HOH 37  337 29  HOH HOH A . 
D 4 HOH 38  338 19  HOH HOH A . 
D 4 HOH 39  339 4   HOH HOH A . 
D 4 HOH 40  340 43  HOH HOH A . 
D 4 HOH 41  341 34  HOH HOH A . 
D 4 HOH 42  342 63  HOH HOH A . 
D 4 HOH 43  343 40  HOH HOH A . 
D 4 HOH 44  344 24  HOH HOH A . 
D 4 HOH 45  345 54  HOH HOH A . 
D 4 HOH 46  346 27  HOH HOH A . 
D 4 HOH 47  347 45  HOH HOH A . 
D 4 HOH 48  348 20  HOH HOH A . 
D 4 HOH 49  349 21  HOH HOH A . 
D 4 HOH 50  350 44  HOH HOH A . 
D 4 HOH 51  351 58  HOH HOH A . 
D 4 HOH 52  352 53  HOH HOH A . 
D 4 HOH 53  353 97  HOH HOH A . 
D 4 HOH 54  354 17  HOH HOH A . 
D 4 HOH 55  355 49  HOH HOH A . 
D 4 HOH 56  356 46  HOH HOH A . 
D 4 HOH 57  357 98  HOH HOH A . 
D 4 HOH 58  358 32  HOH HOH A . 
D 4 HOH 59  359 39  HOH HOH A . 
D 4 HOH 60  360 82  HOH HOH A . 
D 4 HOH 61  361 8   HOH HOH A . 
D 4 HOH 62  362 75  HOH HOH A . 
D 4 HOH 63  363 81  HOH HOH A . 
D 4 HOH 64  364 66  HOH HOH A . 
D 4 HOH 65  365 3   HOH HOH A . 
D 4 HOH 66  366 9   HOH HOH A . 
D 4 HOH 67  367 38  HOH HOH A . 
D 4 HOH 68  368 23  HOH HOH A . 
D 4 HOH 69  369 86  HOH HOH A . 
D 4 HOH 70  370 57  HOH HOH A . 
D 4 HOH 71  371 77  HOH HOH A . 
D 4 HOH 72  372 12  HOH HOH A . 
D 4 HOH 73  373 55  HOH HOH A . 
D 4 HOH 74  374 71  HOH HOH A . 
D 4 HOH 75  375 2   HOH HOH A . 
D 4 HOH 76  376 101 HOH HOH A . 
D 4 HOH 77  377 70  HOH HOH A . 
D 4 HOH 78  378 51  HOH HOH A . 
D 4 HOH 79  379 65  HOH HOH A . 
D 4 HOH 80  380 50  HOH HOH A . 
D 4 HOH 81  381 89  HOH HOH A . 
D 4 HOH 82  382 95  HOH HOH A . 
D 4 HOH 83  383 84  HOH HOH A . 
D 4 HOH 84  384 93  HOH HOH A . 
D 4 HOH 85  385 61  HOH HOH A . 
D 4 HOH 86  386 90  HOH HOH A . 
D 4 HOH 87  387 91  HOH HOH A . 
D 4 HOH 88  388 88  HOH HOH A . 
D 4 HOH 89  389 104 HOH HOH A . 
D 4 HOH 90  390 99  HOH HOH A . 
D 4 HOH 91  391 92  HOH HOH A . 
D 4 HOH 92  392 60  HOH HOH A . 
D 4 HOH 93  393 67  HOH HOH A . 
D 4 HOH 94  394 68  HOH HOH A . 
D 4 HOH 95  395 103 HOH HOH A . 
D 4 HOH 96  396 87  HOH HOH A . 
D 4 HOH 97  397 78  HOH HOH A . 
D 4 HOH 98  398 56  HOH HOH A . 
D 4 HOH 99  399 74  HOH HOH A . 
D 4 HOH 100 400 96  HOH HOH A . 
D 4 HOH 101 401 85  HOH HOH A . 
D 4 HOH 102 402 79  HOH HOH A . 
D 4 HOH 103 403 64  HOH HOH A . 
D 4 HOH 104 404 76  HOH HOH A . 
# 
_pdbx_struct_assembly.id                   1 
_pdbx_struct_assembly.details              author_defined_assembly 
_pdbx_struct_assembly.method_details       ? 
_pdbx_struct_assembly.oligomeric_details   monomeric 
_pdbx_struct_assembly.oligomeric_count     1 
# 
_pdbx_struct_assembly_gen.assembly_id       1 
_pdbx_struct_assembly_gen.oper_expression   1 
_pdbx_struct_assembly_gen.asym_id_list      A,B,C,D 
# 
loop_
_pdbx_struct_assembly_prop.biol_id 
_pdbx_struct_assembly_prop.type 
_pdbx_struct_assembly_prop.value 
_pdbx_struct_assembly_prop.details 
1 'ABSA (A^2)' 110  ? 
1 MORE         -8   ? 
1 'SSA (A^2)'  8310 ? 
# 
_pdbx_struct_oper_list.id                   1 
_pdbx_struct_oper_list.type                 'identity operation' 
_pdbx_struct_oper_list.name                 1_555 
_pdbx_struct_oper_list.symmetry_operation   x,y,z 
_pdbx_struct_oper_list.matrix[1][1]         1.0000000000 
_pdbx_struct_oper_list.matrix[1][2]         0.0000000000 
_pdbx_struct_oper_list.matrix[1][3]         0.0000000000 
_pdbx_struct_oper_list.vector[1]            0.0000000000 
_pdbx_struct_oper_list.matrix[2][1]         0.0000000000 
_pdbx_struct_oper_list.matrix[2][2]         1.0000000000 
_pdbx_struct_oper_list.matrix[2][3]         0.0000000000 
_pdbx_struct_oper_list.vector[2]            0.0000000000 
_pdbx_struct_oper_list.matrix[3][1]         0.0000000000 
_pdbx_struct_oper_list.matrix[3][2]         0.0000000000 
_pdbx_struct_oper_list.matrix[3][3]         1.0000000000 
_pdbx_struct_oper_list.vector[3]            0.0000000000 
# 
loop_
_pdbx_audit_revision_history.ordinal 
_pdbx_audit_revision_history.data_content_type 
_pdbx_audit_revision_history.major_revision 
_pdbx_audit_revision_history.minor_revision 
_pdbx_audit_revision_history.revision_date 
1 'Structure model' 1 0 2019-02-20 
2 'Structure model' 1 1 2023-11-22 
# 
_pdbx_audit_revision_details.ordinal             1 
_pdbx_audit_revision_details.revision_ordinal    1 
_pdbx_audit_revision_details.data_content_type   'Structure model' 
_pdbx_audit_revision_details.provider            repository 
_pdbx_audit_revision_details.type                'Initial release' 
_pdbx_audit_revision_details.description         ? 
_pdbx_audit_revision_details.details             ? 
# 
loop_
_pdbx_audit_revision_group.ordinal 
_pdbx_audit_revision_group.revision_ordinal 
_pdbx_audit_revision_group.data_content_type 
_pdbx_audit_revision_group.group 
1 2 'Structure model' 'Data collection'        
2 2 'Structure model' 'Database references'    
3 2 'Structure model' 'Refinement description' 
# 
loop_
_pdbx_audit_revision_category.ordinal 
_pdbx_audit_revision_category.revision_ordinal 
_pdbx_audit_revision_category.data_content_type 
_pdbx_audit_revision_category.category 
1 2 'Structure model' chem_comp_atom                
2 2 'Structure model' chem_comp_bond                
3 2 'Structure model' database_2                    
4 2 'Structure model' pdbx_initial_refinement_model 
# 
loop_
_pdbx_audit_revision_item.ordinal 
_pdbx_audit_revision_item.revision_ordinal 
_pdbx_audit_revision_item.data_content_type 
_pdbx_audit_revision_item.item 
1 2 'Structure model' '_database_2.pdbx_DOI'                
2 2 'Structure model' '_database_2.pdbx_database_accession' 
# 
loop_
_software.citation_id 
_software.classification 
_software.compiler_name 
_software.compiler_version 
_software.contact_author 
_software.contact_author_email 
_software.date 
_software.description 
_software.dependencies 
_software.hardware 
_software.language 
_software.location 
_software.mods 
_software.name 
_software.os 
_software.os_version 
_software.type 
_software.version 
_software.pdbx_ordinal 
? refinement       ? ? ? ? ? ? ? ? ? ? ? REFMAC   ? ? ? 5.8.0238 1 
? 'data reduction' ? ? ? ? ? ? ? ? ? ? ? HKL-2000 ? ? ? .        2 
? 'data scaling'   ? ? ? ? ? ? ? ? ? ? ? HKL-2000 ? ? ? .        3 
? phasing          ? ? ? ? ? ? ? ? ? ? ? PHASER   ? ? ? .        4 
? 'model building' ? ? ? ? ? ? ? ? ? ? ? Coot     ? ? ? .        5 
# 
loop_
_pdbx_unobs_or_zero_occ_residues.id 
_pdbx_unobs_or_zero_occ_residues.PDB_model_num 
_pdbx_unobs_or_zero_occ_residues.polymer_flag 
_pdbx_unobs_or_zero_occ_residues.occupancy_flag 
_pdbx_unobs_or_zero_occ_residues.auth_asym_id 
_pdbx_unobs_or_zero_occ_residues.auth_comp_id 
_pdbx_unobs_or_zero_occ_residues.auth_seq_id 
_pdbx_unobs_or_zero_occ_residues.PDB_ins_code 
_pdbx_unobs_or_zero_occ_residues.label_asym_id 
_pdbx_unobs_or_zero_occ_residues.label_comp_id 
_pdbx_unobs_or_zero_occ_residues.label_seq_id 
1  1 Y 1 A MET 1   ? A MET 1   
2  1 Y 1 A SER 2   ? A SER 2   
3  1 Y 1 A THR 3   ? A THR 3   
4  1 Y 1 A PRO 4   ? A PRO 4   
5  1 Y 1 A ASN 5   ? A ASN 5   
6  1 Y 1 A LYS 109 ? A LYS 109 
7  1 Y 1 A ILE 110 ? A ILE 110 
8  1 Y 1 A GLN 111 ? A GLN 111 
9  1 Y 1 A ILE 112 ? A ILE 112 
10 1 Y 1 A ARG 113 ? A ARG 113 
11 1 Y 1 A GLU 114 ? A GLU 114 
12 1 Y 1 A ARG 115 ? A ARG 115 
13 1 Y 1 A GLY 116 ? A GLY 116 
14 1 Y 1 A TRP 117 ? A TRP 117 
15 1 Y 1 A LYS 118 ? A LYS 118 
# 
loop_
_chem_comp_atom.comp_id 
_chem_comp_atom.atom_id 
_chem_comp_atom.type_symbol 
_chem_comp_atom.pdbx_aromatic_flag 
_chem_comp_atom.pdbx_stereo_config 
_chem_comp_atom.pdbx_ordinal 
ALA N    N  N N 1   
ALA CA   C  N S 2   
ALA C    C  N N 3   
ALA O    O  N N 4   
ALA CB   C  N N 5   
ALA OXT  O  N N 6   
ALA H    H  N N 7   
ALA H2   H  N N 8   
ALA HA   H  N N 9   
ALA HB1  H  N N 10  
ALA HB2  H  N N 11  
ALA HB3  H  N N 12  
ALA HXT  H  N N 13  
ARG N    N  N N 14  
ARG CA   C  N S 15  
ARG C    C  N N 16  
ARG O    O  N N 17  
ARG CB   C  N N 18  
ARG CG   C  N N 19  
ARG CD   C  N N 20  
ARG NE   N  N N 21  
ARG CZ   C  N N 22  
ARG NH1  N  N N 23  
ARG NH2  N  N N 24  
ARG OXT  O  N N 25  
ARG H    H  N N 26  
ARG H2   H  N N 27  
ARG HA   H  N N 28  
ARG HB2  H  N N 29  
ARG HB3  H  N N 30  
ARG HG2  H  N N 31  
ARG HG3  H  N N 32  
ARG HD2  H  N N 33  
ARG HD3  H  N N 34  
ARG HE   H  N N 35  
ARG HH11 H  N N 36  
ARG HH12 H  N N 37  
ARG HH21 H  N N 38  
ARG HH22 H  N N 39  
ARG HXT  H  N N 40  
ASN N    N  N N 41  
ASN CA   C  N S 42  
ASN C    C  N N 43  
ASN O    O  N N 44  
ASN CB   C  N N 45  
ASN CG   C  N N 46  
ASN OD1  O  N N 47  
ASN ND2  N  N N 48  
ASN OXT  O  N N 49  
ASN H    H  N N 50  
ASN H2   H  N N 51  
ASN HA   H  N N 52  
ASN HB2  H  N N 53  
ASN HB3  H  N N 54  
ASN HD21 H  N N 55  
ASN HD22 H  N N 56  
ASN HXT  H  N N 57  
ASP N    N  N N 58  
ASP CA   C  N S 59  
ASP C    C  N N 60  
ASP O    O  N N 61  
ASP CB   C  N N 62  
ASP CG   C  N N 63  
ASP OD1  O  N N 64  
ASP OD2  O  N N 65  
ASP OXT  O  N N 66  
ASP H    H  N N 67  
ASP H2   H  N N 68  
ASP HA   H  N N 69  
ASP HB2  H  N N 70  
ASP HB3  H  N N 71  
ASP HD2  H  N N 72  
ASP HXT  H  N N 73  
GLN N    N  N N 74  
GLN CA   C  N S 75  
GLN C    C  N N 76  
GLN O    O  N N 77  
GLN CB   C  N N 78  
GLN CG   C  N N 79  
GLN CD   C  N N 80  
GLN OE1  O  N N 81  
GLN NE2  N  N N 82  
GLN OXT  O  N N 83  
GLN H    H  N N 84  
GLN H2   H  N N 85  
GLN HA   H  N N 86  
GLN HB2  H  N N 87  
GLN HB3  H  N N 88  
GLN HG2  H  N N 89  
GLN HG3  H  N N 90  
GLN HE21 H  N N 91  
GLN HE22 H  N N 92  
GLN HXT  H  N N 93  
GLU N    N  N N 94  
GLU CA   C  N S 95  
GLU C    C  N N 96  
GLU O    O  N N 97  
GLU CB   C  N N 98  
GLU CG   C  N N 99  
GLU CD   C  N N 100 
GLU OE1  O  N N 101 
GLU OE2  O  N N 102 
GLU OXT  O  N N 103 
GLU H    H  N N 104 
GLU H2   H  N N 105 
GLU HA   H  N N 106 
GLU HB2  H  N N 107 
GLU HB3  H  N N 108 
GLU HG2  H  N N 109 
GLU HG3  H  N N 110 
GLU HE2  H  N N 111 
GLU HXT  H  N N 112 
GLY N    N  N N 113 
GLY CA   C  N N 114 
GLY C    C  N N 115 
GLY O    O  N N 116 
GLY OXT  O  N N 117 
GLY H    H  N N 118 
GLY H2   H  N N 119 
GLY HA2  H  N N 120 
GLY HA3  H  N N 121 
GLY HXT  H  N N 122 
HOH O    O  N N 123 
HOH H1   H  N N 124 
HOH H2   H  N N 125 
ILE N    N  N N 126 
ILE CA   C  N S 127 
ILE C    C  N N 128 
ILE O    O  N N 129 
ILE CB   C  N S 130 
ILE CG1  C  N N 131 
ILE CG2  C  N N 132 
ILE CD1  C  N N 133 
ILE OXT  O  N N 134 
ILE H    H  N N 135 
ILE H2   H  N N 136 
ILE HA   H  N N 137 
ILE HB   H  N N 138 
ILE HG12 H  N N 139 
ILE HG13 H  N N 140 
ILE HG21 H  N N 141 
ILE HG22 H  N N 142 
ILE HG23 H  N N 143 
ILE HD11 H  N N 144 
ILE HD12 H  N N 145 
ILE HD13 H  N N 146 
ILE HXT  H  N N 147 
LEU N    N  N N 148 
LEU CA   C  N S 149 
LEU C    C  N N 150 
LEU O    O  N N 151 
LEU CB   C  N N 152 
LEU CG   C  N N 153 
LEU CD1  C  N N 154 
LEU CD2  C  N N 155 
LEU OXT  O  N N 156 
LEU H    H  N N 157 
LEU H2   H  N N 158 
LEU HA   H  N N 159 
LEU HB2  H  N N 160 
LEU HB3  H  N N 161 
LEU HG   H  N N 162 
LEU HD11 H  N N 163 
LEU HD12 H  N N 164 
LEU HD13 H  N N 165 
LEU HD21 H  N N 166 
LEU HD22 H  N N 167 
LEU HD23 H  N N 168 
LEU HXT  H  N N 169 
LYS N    N  N N 170 
LYS CA   C  N S 171 
LYS C    C  N N 172 
LYS O    O  N N 173 
LYS CB   C  N N 174 
LYS CG   C  N N 175 
LYS CD   C  N N 176 
LYS CE   C  N N 177 
LYS NZ   N  N N 178 
LYS OXT  O  N N 179 
LYS H    H  N N 180 
LYS H2   H  N N 181 
LYS HA   H  N N 182 
LYS HB2  H  N N 183 
LYS HB3  H  N N 184 
LYS HG2  H  N N 185 
LYS HG3  H  N N 186 
LYS HD2  H  N N 187 
LYS HD3  H  N N 188 
LYS HE2  H  N N 189 
LYS HE3  H  N N 190 
LYS HZ1  H  N N 191 
LYS HZ2  H  N N 192 
LYS HZ3  H  N N 193 
LYS HXT  H  N N 194 
MET N    N  N N 195 
MET CA   C  N S 196 
MET C    C  N N 197 
MET O    O  N N 198 
MET CB   C  N N 199 
MET CG   C  N N 200 
MET SD   S  N N 201 
MET CE   C  N N 202 
MET OXT  O  N N 203 
MET H    H  N N 204 
MET H2   H  N N 205 
MET HA   H  N N 206 
MET HB2  H  N N 207 
MET HB3  H  N N 208 
MET HG2  H  N N 209 
MET HG3  H  N N 210 
MET HE1  H  N N 211 
MET HE2  H  N N 212 
MET HE3  H  N N 213 
MET HXT  H  N N 214 
NA  NA   NA N N 215 
PG4 O1   O  N N 216 
PG4 C1   C  N N 217 
PG4 C2   C  N N 218 
PG4 O2   O  N N 219 
PG4 C3   C  N N 220 
PG4 C4   C  N N 221 
PG4 O3   O  N N 222 
PG4 C5   C  N N 223 
PG4 C6   C  N N 224 
PG4 O4   O  N N 225 
PG4 C7   C  N N 226 
PG4 C8   C  N N 227 
PG4 O5   O  N N 228 
PG4 HO1  H  N N 229 
PG4 H11  H  N N 230 
PG4 H12  H  N N 231 
PG4 H21  H  N N 232 
PG4 H22  H  N N 233 
PG4 H31  H  N N 234 
PG4 H32  H  N N 235 
PG4 H41  H  N N 236 
PG4 H42  H  N N 237 
PG4 H51  H  N N 238 
PG4 H52  H  N N 239 
PG4 H61  H  N N 240 
PG4 H62  H  N N 241 
PG4 H71  H  N N 242 
PG4 H72  H  N N 243 
PG4 H81  H  N N 244 
PG4 H82  H  N N 245 
PG4 HO5  H  N N 246 
PHE N    N  N N 247 
PHE CA   C  N S 248 
PHE C    C  N N 249 
PHE O    O  N N 250 
PHE CB   C  N N 251 
PHE CG   C  Y N 252 
PHE CD1  C  Y N 253 
PHE CD2  C  Y N 254 
PHE CE1  C  Y N 255 
PHE CE2  C  Y N 256 
PHE CZ   C  Y N 257 
PHE OXT  O  N N 258 
PHE H    H  N N 259 
PHE H2   H  N N 260 
PHE HA   H  N N 261 
PHE HB2  H  N N 262 
PHE HB3  H  N N 263 
PHE HD1  H  N N 264 
PHE HD2  H  N N 265 
PHE HE1  H  N N 266 
PHE HE2  H  N N 267 
PHE HZ   H  N N 268 
PHE HXT  H  N N 269 
PRO N    N  N N 270 
PRO CA   C  N S 271 
PRO C    C  N N 272 
PRO O    O  N N 273 
PRO CB   C  N N 274 
PRO CG   C  N N 275 
PRO CD   C  N N 276 
PRO OXT  O  N N 277 
PRO H    H  N N 278 
PRO HA   H  N N 279 
PRO HB2  H  N N 280 
PRO HB3  H  N N 281 
PRO HG2  H  N N 282 
PRO HG3  H  N N 283 
PRO HD2  H  N N 284 
PRO HD3  H  N N 285 
PRO HXT  H  N N 286 
SER N    N  N N 287 
SER CA   C  N S 288 
SER C    C  N N 289 
SER O    O  N N 290 
SER CB   C  N N 291 
SER OG   O  N N 292 
SER OXT  O  N N 293 
SER H    H  N N 294 
SER H2   H  N N 295 
SER HA   H  N N 296 
SER HB2  H  N N 297 
SER HB3  H  N N 298 
SER HG   H  N N 299 
SER HXT  H  N N 300 
THR N    N  N N 301 
THR CA   C  N S 302 
THR C    C  N N 303 
THR O    O  N N 304 
THR CB   C  N R 305 
THR OG1  O  N N 306 
THR CG2  C  N N 307 
THR OXT  O  N N 308 
THR H    H  N N 309 
THR H2   H  N N 310 
THR HA   H  N N 311 
THR HB   H  N N 312 
THR HG1  H  N N 313 
THR HG21 H  N N 314 
THR HG22 H  N N 315 
THR HG23 H  N N 316 
THR HXT  H  N N 317 
TRP N    N  N N 318 
TRP CA   C  N S 319 
TRP C    C  N N 320 
TRP O    O  N N 321 
TRP CB   C  N N 322 
TRP CG   C  Y N 323 
TRP CD1  C  Y N 324 
TRP CD2  C  Y N 325 
TRP NE1  N  Y N 326 
TRP CE2  C  Y N 327 
TRP CE3  C  Y N 328 
TRP CZ2  C  Y N 329 
TRP CZ3  C  Y N 330 
TRP CH2  C  Y N 331 
TRP OXT  O  N N 332 
TRP H    H  N N 333 
TRP H2   H  N N 334 
TRP HA   H  N N 335 
TRP HB2  H  N N 336 
TRP HB3  H  N N 337 
TRP HD1  H  N N 338 
TRP HE1  H  N N 339 
TRP HE3  H  N N 340 
TRP HZ2  H  N N 341 
TRP HZ3  H  N N 342 
TRP HH2  H  N N 343 
TRP HXT  H  N N 344 
TYR N    N  N N 345 
TYR CA   C  N S 346 
TYR C    C  N N 347 
TYR O    O  N N 348 
TYR CB   C  N N 349 
TYR CG   C  Y N 350 
TYR CD1  C  Y N 351 
TYR CD2  C  Y N 352 
TYR CE1  C  Y N 353 
TYR CE2  C  Y N 354 
TYR CZ   C  Y N 355 
TYR OH   O  N N 356 
TYR OXT  O  N N 357 
TYR H    H  N N 358 
TYR H2   H  N N 359 
TYR HA   H  N N 360 
TYR HB2  H  N N 361 
TYR HB3  H  N N 362 
TYR HD1  H  N N 363 
TYR HD2  H  N N 364 
TYR HE1  H  N N 365 
TYR HE2  H  N N 366 
TYR HH   H  N N 367 
TYR HXT  H  N N 368 
VAL N    N  N N 369 
VAL CA   C  N S 370 
VAL C    C  N N 371 
VAL O    O  N N 372 
VAL CB   C  N N 373 
VAL CG1  C  N N 374 
VAL CG2  C  N N 375 
VAL OXT  O  N N 376 
VAL H    H  N N 377 
VAL H2   H  N N 378 
VAL HA   H  N N 379 
VAL HB   H  N N 380 
VAL HG11 H  N N 381 
VAL HG12 H  N N 382 
VAL HG13 H  N N 383 
VAL HG21 H  N N 384 
VAL HG22 H  N N 385 
VAL HG23 H  N N 386 
VAL HXT  H  N N 387 
# 
loop_
_chem_comp_bond.comp_id 
_chem_comp_bond.atom_id_1 
_chem_comp_bond.atom_id_2 
_chem_comp_bond.value_order 
_chem_comp_bond.pdbx_aromatic_flag 
_chem_comp_bond.pdbx_stereo_config 
_chem_comp_bond.pdbx_ordinal 
ALA N   CA   sing N N 1   
ALA N   H    sing N N 2   
ALA N   H2   sing N N 3   
ALA CA  C    sing N N 4   
ALA CA  CB   sing N N 5   
ALA CA  HA   sing N N 6   
ALA C   O    doub N N 7   
ALA C   OXT  sing N N 8   
ALA CB  HB1  sing N N 9   
ALA CB  HB2  sing N N 10  
ALA CB  HB3  sing N N 11  
ALA OXT HXT  sing N N 12  
ARG N   CA   sing N N 13  
ARG N   H    sing N N 14  
ARG N   H2   sing N N 15  
ARG CA  C    sing N N 16  
ARG CA  CB   sing N N 17  
ARG CA  HA   sing N N 18  
ARG C   O    doub N N 19  
ARG C   OXT  sing N N 20  
ARG CB  CG   sing N N 21  
ARG CB  HB2  sing N N 22  
ARG CB  HB3  sing N N 23  
ARG CG  CD   sing N N 24  
ARG CG  HG2  sing N N 25  
ARG CG  HG3  sing N N 26  
ARG CD  NE   sing N N 27  
ARG CD  HD2  sing N N 28  
ARG CD  HD3  sing N N 29  
ARG NE  CZ   sing N N 30  
ARG NE  HE   sing N N 31  
ARG CZ  NH1  sing N N 32  
ARG CZ  NH2  doub N N 33  
ARG NH1 HH11 sing N N 34  
ARG NH1 HH12 sing N N 35  
ARG NH2 HH21 sing N N 36  
ARG NH2 HH22 sing N N 37  
ARG OXT HXT  sing N N 38  
ASN N   CA   sing N N 39  
ASN N   H    sing N N 40  
ASN N   H2   sing N N 41  
ASN CA  C    sing N N 42  
ASN CA  CB   sing N N 43  
ASN CA  HA   sing N N 44  
ASN C   O    doub N N 45  
ASN C   OXT  sing N N 46  
ASN CB  CG   sing N N 47  
ASN CB  HB2  sing N N 48  
ASN CB  HB3  sing N N 49  
ASN CG  OD1  doub N N 50  
ASN CG  ND2  sing N N 51  
ASN ND2 HD21 sing N N 52  
ASN ND2 HD22 sing N N 53  
ASN OXT HXT  sing N N 54  
ASP N   CA   sing N N 55  
ASP N   H    sing N N 56  
ASP N   H2   sing N N 57  
ASP CA  C    sing N N 58  
ASP CA  CB   sing N N 59  
ASP CA  HA   sing N N 60  
ASP C   O    doub N N 61  
ASP C   OXT  sing N N 62  
ASP CB  CG   sing N N 63  
ASP CB  HB2  sing N N 64  
ASP CB  HB3  sing N N 65  
ASP CG  OD1  doub N N 66  
ASP CG  OD2  sing N N 67  
ASP OD2 HD2  sing N N 68  
ASP OXT HXT  sing N N 69  
GLN N   CA   sing N N 70  
GLN N   H    sing N N 71  
GLN N   H2   sing N N 72  
GLN CA  C    sing N N 73  
GLN CA  CB   sing N N 74  
GLN CA  HA   sing N N 75  
GLN C   O    doub N N 76  
GLN C   OXT  sing N N 77  
GLN CB  CG   sing N N 78  
GLN CB  HB2  sing N N 79  
GLN CB  HB3  sing N N 80  
GLN CG  CD   sing N N 81  
GLN CG  HG2  sing N N 82  
GLN CG  HG3  sing N N 83  
GLN CD  OE1  doub N N 84  
GLN CD  NE2  sing N N 85  
GLN NE2 HE21 sing N N 86  
GLN NE2 HE22 sing N N 87  
GLN OXT HXT  sing N N 88  
GLU N   CA   sing N N 89  
GLU N   H    sing N N 90  
GLU N   H2   sing N N 91  
GLU CA  C    sing N N 92  
GLU CA  CB   sing N N 93  
GLU CA  HA   sing N N 94  
GLU C   O    doub N N 95  
GLU C   OXT  sing N N 96  
GLU CB  CG   sing N N 97  
GLU CB  HB2  sing N N 98  
GLU CB  HB3  sing N N 99  
GLU CG  CD   sing N N 100 
GLU CG  HG2  sing N N 101 
GLU CG  HG3  sing N N 102 
GLU CD  OE1  doub N N 103 
GLU CD  OE2  sing N N 104 
GLU OE2 HE2  sing N N 105 
GLU OXT HXT  sing N N 106 
GLY N   CA   sing N N 107 
GLY N   H    sing N N 108 
GLY N   H2   sing N N 109 
GLY CA  C    sing N N 110 
GLY CA  HA2  sing N N 111 
GLY CA  HA3  sing N N 112 
GLY C   O    doub N N 113 
GLY C   OXT  sing N N 114 
GLY OXT HXT  sing N N 115 
HOH O   H1   sing N N 116 
HOH O   H2   sing N N 117 
ILE N   CA   sing N N 118 
ILE N   H    sing N N 119 
ILE N   H2   sing N N 120 
ILE CA  C    sing N N 121 
ILE CA  CB   sing N N 122 
ILE CA  HA   sing N N 123 
ILE C   O    doub N N 124 
ILE C   OXT  sing N N 125 
ILE CB  CG1  sing N N 126 
ILE CB  CG2  sing N N 127 
ILE CB  HB   sing N N 128 
ILE CG1 CD1  sing N N 129 
ILE CG1 HG12 sing N N 130 
ILE CG1 HG13 sing N N 131 
ILE CG2 HG21 sing N N 132 
ILE CG2 HG22 sing N N 133 
ILE CG2 HG23 sing N N 134 
ILE CD1 HD11 sing N N 135 
ILE CD1 HD12 sing N N 136 
ILE CD1 HD13 sing N N 137 
ILE OXT HXT  sing N N 138 
LEU N   CA   sing N N 139 
LEU N   H    sing N N 140 
LEU N   H2   sing N N 141 
LEU CA  C    sing N N 142 
LEU CA  CB   sing N N 143 
LEU CA  HA   sing N N 144 
LEU C   O    doub N N 145 
LEU C   OXT  sing N N 146 
LEU CB  CG   sing N N 147 
LEU CB  HB2  sing N N 148 
LEU CB  HB3  sing N N 149 
LEU CG  CD1  sing N N 150 
LEU CG  CD2  sing N N 151 
LEU CG  HG   sing N N 152 
LEU CD1 HD11 sing N N 153 
LEU CD1 HD12 sing N N 154 
LEU CD1 HD13 sing N N 155 
LEU CD2 HD21 sing N N 156 
LEU CD2 HD22 sing N N 157 
LEU CD2 HD23 sing N N 158 
LEU OXT HXT  sing N N 159 
LYS N   CA   sing N N 160 
LYS N   H    sing N N 161 
LYS N   H2   sing N N 162 
LYS CA  C    sing N N 163 
LYS CA  CB   sing N N 164 
LYS CA  HA   sing N N 165 
LYS C   O    doub N N 166 
LYS C   OXT  sing N N 167 
LYS CB  CG   sing N N 168 
LYS CB  HB2  sing N N 169 
LYS CB  HB3  sing N N 170 
LYS CG  CD   sing N N 171 
LYS CG  HG2  sing N N 172 
LYS CG  HG3  sing N N 173 
LYS CD  CE   sing N N 174 
LYS CD  HD2  sing N N 175 
LYS CD  HD3  sing N N 176 
LYS CE  NZ   sing N N 177 
LYS CE  HE2  sing N N 178 
LYS CE  HE3  sing N N 179 
LYS NZ  HZ1  sing N N 180 
LYS NZ  HZ2  sing N N 181 
LYS NZ  HZ3  sing N N 182 
LYS OXT HXT  sing N N 183 
MET N   CA   sing N N 184 
MET N   H    sing N N 185 
MET N   H2   sing N N 186 
MET CA  C    sing N N 187 
MET CA  CB   sing N N 188 
MET CA  HA   sing N N 189 
MET C   O    doub N N 190 
MET C   OXT  sing N N 191 
MET CB  CG   sing N N 192 
MET CB  HB2  sing N N 193 
MET CB  HB3  sing N N 194 
MET CG  SD   sing N N 195 
MET CG  HG2  sing N N 196 
MET CG  HG3  sing N N 197 
MET SD  CE   sing N N 198 
MET CE  HE1  sing N N 199 
MET CE  HE2  sing N N 200 
MET CE  HE3  sing N N 201 
MET OXT HXT  sing N N 202 
PG4 O1  C1   sing N N 203 
PG4 O1  HO1  sing N N 204 
PG4 C1  C2   sing N N 205 
PG4 C1  H11  sing N N 206 
PG4 C1  H12  sing N N 207 
PG4 C2  O2   sing N N 208 
PG4 C2  H21  sing N N 209 
PG4 C2  H22  sing N N 210 
PG4 O2  C3   sing N N 211 
PG4 C3  C4   sing N N 212 
PG4 C3  H31  sing N N 213 
PG4 C3  H32  sing N N 214 
PG4 C4  O3   sing N N 215 
PG4 C4  H41  sing N N 216 
PG4 C4  H42  sing N N 217 
PG4 O3  C5   sing N N 218 
PG4 C5  C6   sing N N 219 
PG4 C5  H51  sing N N 220 
PG4 C5  H52  sing N N 221 
PG4 C6  O4   sing N N 222 
PG4 C6  H61  sing N N 223 
PG4 C6  H62  sing N N 224 
PG4 O4  C7   sing N N 225 
PG4 C7  C8   sing N N 226 
PG4 C7  H71  sing N N 227 
PG4 C7  H72  sing N N 228 
PG4 C8  O5   sing N N 229 
PG4 C8  H81  sing N N 230 
PG4 C8  H82  sing N N 231 
PG4 O5  HO5  sing N N 232 
PHE N   CA   sing N N 233 
PHE N   H    sing N N 234 
PHE N   H2   sing N N 235 
PHE CA  C    sing N N 236 
PHE CA  CB   sing N N 237 
PHE CA  HA   sing N N 238 
PHE C   O    doub N N 239 
PHE C   OXT  sing N N 240 
PHE CB  CG   sing N N 241 
PHE CB  HB2  sing N N 242 
PHE CB  HB3  sing N N 243 
PHE CG  CD1  doub Y N 244 
PHE CG  CD2  sing Y N 245 
PHE CD1 CE1  sing Y N 246 
PHE CD1 HD1  sing N N 247 
PHE CD2 CE2  doub Y N 248 
PHE CD2 HD2  sing N N 249 
PHE CE1 CZ   doub Y N 250 
PHE CE1 HE1  sing N N 251 
PHE CE2 CZ   sing Y N 252 
PHE CE2 HE2  sing N N 253 
PHE CZ  HZ   sing N N 254 
PHE OXT HXT  sing N N 255 
PRO N   CA   sing N N 256 
PRO N   CD   sing N N 257 
PRO N   H    sing N N 258 
PRO CA  C    sing N N 259 
PRO CA  CB   sing N N 260 
PRO CA  HA   sing N N 261 
PRO C   O    doub N N 262 
PRO C   OXT  sing N N 263 
PRO CB  CG   sing N N 264 
PRO CB  HB2  sing N N 265 
PRO CB  HB3  sing N N 266 
PRO CG  CD   sing N N 267 
PRO CG  HG2  sing N N 268 
PRO CG  HG3  sing N N 269 
PRO CD  HD2  sing N N 270 
PRO CD  HD3  sing N N 271 
PRO OXT HXT  sing N N 272 
SER N   CA   sing N N 273 
SER N   H    sing N N 274 
SER N   H2   sing N N 275 
SER CA  C    sing N N 276 
SER CA  CB   sing N N 277 
SER CA  HA   sing N N 278 
SER C   O    doub N N 279 
SER C   OXT  sing N N 280 
SER CB  OG   sing N N 281 
SER CB  HB2  sing N N 282 
SER CB  HB3  sing N N 283 
SER OG  HG   sing N N 284 
SER OXT HXT  sing N N 285 
THR N   CA   sing N N 286 
THR N   H    sing N N 287 
THR N   H2   sing N N 288 
THR CA  C    sing N N 289 
THR CA  CB   sing N N 290 
THR CA  HA   sing N N 291 
THR C   O    doub N N 292 
THR C   OXT  sing N N 293 
THR CB  OG1  sing N N 294 
THR CB  CG2  sing N N 295 
THR CB  HB   sing N N 296 
THR OG1 HG1  sing N N 297 
THR CG2 HG21 sing N N 298 
THR CG2 HG22 sing N N 299 
THR CG2 HG23 sing N N 300 
THR OXT HXT  sing N N 301 
TRP N   CA   sing N N 302 
TRP N   H    sing N N 303 
TRP N   H2   sing N N 304 
TRP CA  C    sing N N 305 
TRP CA  CB   sing N N 306 
TRP CA  HA   sing N N 307 
TRP C   O    doub N N 308 
TRP C   OXT  sing N N 309 
TRP CB  CG   sing N N 310 
TRP CB  HB2  sing N N 311 
TRP CB  HB3  sing N N 312 
TRP CG  CD1  doub Y N 313 
TRP CG  CD2  sing Y N 314 
TRP CD1 NE1  sing Y N 315 
TRP CD1 HD1  sing N N 316 
TRP CD2 CE2  doub Y N 317 
TRP CD2 CE3  sing Y N 318 
TRP NE1 CE2  sing Y N 319 
TRP NE1 HE1  sing N N 320 
TRP CE2 CZ2  sing Y N 321 
TRP CE3 CZ3  doub Y N 322 
TRP CE3 HE3  sing N N 323 
TRP CZ2 CH2  doub Y N 324 
TRP CZ2 HZ2  sing N N 325 
TRP CZ3 CH2  sing Y N 326 
TRP CZ3 HZ3  sing N N 327 
TRP CH2 HH2  sing N N 328 
TRP OXT HXT  sing N N 329 
TYR N   CA   sing N N 330 
TYR N   H    sing N N 331 
TYR N   H2   sing N N 332 
TYR CA  C    sing N N 333 
TYR CA  CB   sing N N 334 
TYR CA  HA   sing N N 335 
TYR C   O    doub N N 336 
TYR C   OXT  sing N N 337 
TYR CB  CG   sing N N 338 
TYR CB  HB2  sing N N 339 
TYR CB  HB3  sing N N 340 
TYR CG  CD1  doub Y N 341 
TYR CG  CD2  sing Y N 342 
TYR CD1 CE1  sing Y N 343 
TYR CD1 HD1  sing N N 344 
TYR CD2 CE2  doub Y N 345 
TYR CD2 HD2  sing N N 346 
TYR CE1 CZ   doub Y N 347 
TYR CE1 HE1  sing N N 348 
TYR CE2 CZ   sing Y N 349 
TYR CE2 HE2  sing N N 350 
TYR CZ  OH   sing N N 351 
TYR OH  HH   sing N N 352 
TYR OXT HXT  sing N N 353 
VAL N   CA   sing N N 354 
VAL N   H    sing N N 355 
VAL N   H2   sing N N 356 
VAL CA  C    sing N N 357 
VAL CA  CB   sing N N 358 
VAL CA  HA   sing N N 359 
VAL C   O    doub N N 360 
VAL C   OXT  sing N N 361 
VAL CB  CG1  sing N N 362 
VAL CB  CG2  sing N N 363 
VAL CB  HB   sing N N 364 
VAL CG1 HG11 sing N N 365 
VAL CG1 HG12 sing N N 366 
VAL CG1 HG13 sing N N 367 
VAL CG2 HG21 sing N N 368 
VAL CG2 HG22 sing N N 369 
VAL CG2 HG23 sing N N 370 
VAL OXT HXT  sing N N 371 
# 
_pdbx_audit_support.funding_organization   'Ministry of Science and Technology (Taiwan)' 
_pdbx_audit_support.country                Taiwan 
_pdbx_audit_support.grant_number           ? 
_pdbx_audit_support.ordinal                1 
# 
_pdbx_entity_instance_feature.ordinal        1 
_pdbx_entity_instance_feature.comp_id        PG4 
_pdbx_entity_instance_feature.asym_id        ? 
_pdbx_entity_instance_feature.seq_num        ? 
_pdbx_entity_instance_feature.auth_comp_id   PG4 
_pdbx_entity_instance_feature.auth_asym_id   ? 
_pdbx_entity_instance_feature.auth_seq_num   ? 
_pdbx_entity_instance_feature.feature_type   'SUBJECT OF INVESTIGATION' 
_pdbx_entity_instance_feature.details        ? 
# 
loop_
_pdbx_entity_nonpoly.entity_id 
_pdbx_entity_nonpoly.name 
_pdbx_entity_nonpoly.comp_id 
2 'TETRAETHYLENE GLYCOL' PG4 
3 'SODIUM ION'           NA  
4 water                  HOH 
# 
_pdbx_initial_refinement_model.id               1 
_pdbx_initial_refinement_model.entity_id_list   ? 
_pdbx_initial_refinement_model.type             'experimental model' 
_pdbx_initial_refinement_model.source_name      PDB 
_pdbx_initial_refinement_model.accession_code   6IQO 
_pdbx_initial_refinement_model.details          ? 
# 
_pdbx_struct_assembly_auth_evidence.id                     1 
_pdbx_struct_assembly_auth_evidence.assembly_id            1 
_pdbx_struct_assembly_auth_evidence.experimental_support   'gel filtration' 
_pdbx_struct_assembly_auth_evidence.details                
'There is only a single peak in gel filtration result, indicating a monomer conformation.' 
# 
